data_7R4H
#
_entry.id   7R4H
#
_cell.length_a   1.00
_cell.length_b   1.00
_cell.length_c   1.00
_cell.angle_alpha   90.00
_cell.angle_beta   90.00
_cell.angle_gamma   90.00
#
_symmetry.space_group_name_H-M   'P 1'
#
loop_
_entity.id
_entity.type
_entity.pdbx_description
1 polymer 'AP-1 complex subunit beta-1'
2 polymer 'ADP-ribosylation factor 1'
3 polymer 'AP-1 complex subunit gamma-1'
4 polymer 'Stimulator of interferon genes protein'
5 polymer 'AP-1 complex subunit mu-1'
6 polymer 'AP-1 complex subunit sigma-3'
7 non-polymer "GUANOSINE-5'-TRIPHOSPHATE"
8 non-polymer 'MAGNESIUM ION'
#
loop_
_entity_poly.entity_id
_entity_poly.type
_entity_poly.pdbx_seq_one_letter_code
_entity_poly.pdbx_strand_id
1 'polypeptide(L)'
;MTDSKYFTTTKKGEIFELKAELNSDKKEKKKEAVKKVIASMTVGKDVSALFPDVVNCMQTDNLELKKLVYLYLMNYAKSQ
PDMAIMAVNTFVKDCEDPNPLIRALAVRTMGCIRVDKITEYLCEPLRKCLKDEDPYVRKTAAVCVAKLHDINAQLVEDQG
FLDTLKDLISDSNPMVVANAVAALSEIAESHPSSNLLDLNPQSINKLLTALNECTEWGQIFILDCLANYMPKDDREAQSI
CERVTPRLSHANSAVVLSAVKVLMKFMEMLSKDLDYYGTLLKKLAPPLVTLLSAEPELQYVALRNINLIVQKRPEILKHE
MKVFFVKYNDPIYVKLEKLDIMIRLASQANIAQVLAELREYATEVDVDFVRKAVRAIGRCAIKVEQSAERCVSTLLDLIQ
TKVNYVVQEAIVVIKDIFRKYPNKYESVIATLCENLDSLDEPEARAAMIWIVGEYAERIDNADELLESFLEGFHDKSTQV
QLQLLTAIVKLFLKKPTETQELVQQVLSLATQDSDNPDLRDRGYIYWRLLSTDPVAAKEVVLAEKPLISEETDLIEPTLL
DELICYIGTLASVYHKPPSAFVEG
;
B
2 'polypeptide(L)'
;EMRILMVGLDAAGKTTILYKLKLGEIVTTIPTIGFNVETVEYKNISFTVWDVGGLDKIRPLWRHYFQNTQGLIFVVDSND
RERVNEAREELMRMLAEDELRDAVLLVFANKQDLPNAMNAAEITDKLGLHSLRHRNWYIQATCATSGDGLYEGLDWLSNQ
LRNQK
;
C,H
3 'polypeptide(L)'
;MPAPIRLRELIRTIRTARTQAEEREMIQKECAAIRSSFREEDNTYRCRNVAKLLYMHMLGYPAHFGQLECLKLIASQKFT
DKRIGYLGAMLLLDERQDVHLLMTNCIKNDLNHSTQFVQGLALCTLGCMGSSEMCRDLAGEVEKLLKTSNSYLRKKAALC
AVHVIRKVPELMEMFLPATKNLLNEKNHGVLHTSVVLLTEMCERSPDMLAHFRKLVPQLVRILKNLIMSGYSPEHDVSGI
SDPFLQVRILRLLRILGRNDDDSSEAMNDILAQVATNTETSKNVGNAILYETVLTIMDIKSESGLRVLAINILGRFLLNN
DKNIRYVALTSLLKTVQTDHNAVQRHRSTIVDCLKDLDVSIKRRAMELSFALVNGNNIRGMMKELLYFLDSCEPEFKADC
ASGIFLAAEKYAPSKRWHIDTIMRVLTTAGSYVRDDAVPNLIQLITNSVEMHAYTVQRLYKAILGDYSQQPLVQVAAWCI
GEYGDLLVSGQCEEEEPIQVTEDEVLDILESVLISNMSTSVTRGYALTAIMKLSTRFTCTVNRIKKVVSIYGSSIDVELQ
QRAVEYNALFKKYDHMRSALLERMPVMEKVTTNGP
;
G
4 'polypeptide(L)' QEPELLI(SEP)G L
5 'polypeptide(L)'
;MSASAVYVLDLKGKVLICRNYRGDVDMSEVEHFMPILMEKEEEGMLSPILAHGGVRFMWIKHNNLYLVATSKKNACVSLV
FSFLYKVVQVFSEYFKELEEESIRDNFVIIYELLDELMDFGYPQTTDSKILQEYITQEGHKLETGAPRPPATVTNAVSWR
SEGIKYRKNEVFLDVIEAVNLLVSANGNVLRSEIVGSIKMRVFLSGMPELRLGLNDKVLFDNTGRGKSKSVELEDVKFHQ
CVRLSRFENDRTISFIPPDGEFELMSYRLNTHVKPLIWIESVIEKHSHSRIEYMVKAKSQFKRRSTANNVEIHIPVPNDA
DSPKFKTTVGSVKWVPENSEIVWSVKSFPGGKEYLMRAHFGLPSVEAEDKEGKPPISVKFEIPYFTTSGIQVRYLKIIEK
SGYQALPWVRYITQNGDYQLRTQ
;
M
6 'polypeptide(L)'
;MIHFILLFSRQGKLRLQKWYITLPDKERKKITREIVQIILSRGHRTSSFVDWKELKLVYKRYASLYFCCAIENQDNELLT
LEIVHRYVELLDKYFGNVCELDIIFNFEKAYFILDEFIIGGEIQETSKKIAVKAIEDSDMLQEVSTVCQTMGER
;
S
#
# COMPACT_ATOMS: atom_id res chain seq x y z
N GLU A 14 -18.99 35.73 -1.94
CA GLU A 14 -18.18 34.68 -2.55
C GLU A 14 -18.89 34.10 -3.77
N ILE A 15 -20.19 33.87 -3.65
CA ILE A 15 -21.01 33.33 -4.72
C ILE A 15 -21.80 34.43 -5.42
N PHE A 16 -22.48 35.27 -4.63
CA PHE A 16 -23.29 36.35 -5.21
C PHE A 16 -22.41 37.47 -5.75
N GLU A 17 -21.26 37.73 -5.10
CA GLU A 17 -20.33 38.74 -5.59
C GLU A 17 -19.67 38.31 -6.90
N LEU A 18 -19.29 37.04 -6.99
CA LEU A 18 -18.75 36.50 -8.24
C LEU A 18 -19.83 36.41 -9.32
N LYS A 19 -21.08 36.16 -8.92
CA LYS A 19 -22.20 36.14 -9.86
C LYS A 19 -22.46 37.54 -10.44
N ALA A 20 -22.40 38.57 -9.59
CA ALA A 20 -22.58 39.94 -10.06
C ALA A 20 -21.40 40.43 -10.87
N GLU A 21 -20.18 39.99 -10.52
CA GLU A 21 -19.00 40.39 -11.30
C GLU A 21 -18.95 39.65 -12.63
N LEU A 22 -19.47 38.43 -12.70
CA LEU A 22 -19.58 37.69 -13.94
C LEU A 22 -20.74 38.17 -14.79
N ASN A 23 -21.77 38.75 -14.18
CA ASN A 23 -22.92 39.30 -14.91
C ASN A 23 -22.71 40.75 -15.34
N SER A 24 -21.48 41.25 -15.28
CA SER A 24 -21.18 42.61 -15.70
C SER A 24 -20.93 42.64 -17.20
N ASP A 25 -20.41 43.76 -17.71
CA ASP A 25 -20.34 43.98 -19.15
C ASP A 25 -18.93 43.97 -19.72
N LYS A 26 -17.91 44.34 -18.96
CA LYS A 26 -16.65 44.71 -19.57
C LYS A 26 -15.66 43.54 -19.50
N LYS A 27 -14.84 43.42 -20.54
CA LYS A 27 -14.34 42.14 -21.01
C LYS A 27 -13.22 41.56 -20.15
N GLU A 28 -12.30 42.38 -19.62
CA GLU A 28 -11.17 41.80 -18.89
C GLU A 28 -11.58 41.34 -17.50
N LYS A 29 -12.54 42.03 -16.86
CA LYS A 29 -13.05 41.51 -15.61
C LYS A 29 -14.03 40.37 -15.81
N LYS A 30 -14.68 40.30 -16.99
CA LYS A 30 -15.40 39.08 -17.37
C LYS A 30 -14.45 37.89 -17.51
N LYS A 31 -13.29 38.13 -18.14
CA LYS A 31 -12.28 37.10 -18.30
C LYS A 31 -11.66 36.68 -16.97
N GLU A 32 -11.49 37.63 -16.05
CA GLU A 32 -10.96 37.30 -14.73
C GLU A 32 -11.98 36.57 -13.87
N ALA A 33 -13.27 36.88 -14.02
CA ALA A 33 -14.31 36.12 -13.33
C ALA A 33 -14.39 34.68 -13.83
N VAL A 34 -14.27 34.49 -15.15
CA VAL A 34 -14.23 33.15 -15.72
C VAL A 34 -12.95 32.41 -15.31
N LYS A 35 -11.83 33.14 -15.23
CA LYS A 35 -10.55 32.56 -14.82
C LYS A 35 -10.58 32.09 -13.36
N LYS A 36 -11.18 32.88 -12.48
CA LYS A 36 -11.28 32.43 -11.09
C LYS A 36 -12.38 31.40 -10.88
N VAL A 37 -13.40 31.33 -11.74
CA VAL A 37 -14.33 30.21 -11.59
C VAL A 37 -13.72 28.89 -12.11
N ILE A 38 -12.83 28.97 -13.12
CA ILE A 38 -12.07 27.80 -13.56
C ILE A 38 -11.08 27.39 -12.48
N ALA A 39 -10.45 28.36 -11.82
CA ALA A 39 -9.50 28.08 -10.74
C ALA A 39 -10.19 27.50 -9.51
N SER A 40 -11.42 27.94 -9.21
CA SER A 40 -12.14 27.35 -8.08
C SER A 40 -12.66 25.96 -8.41
N MET A 41 -12.92 25.66 -9.69
CA MET A 41 -13.17 24.27 -10.04
C MET A 41 -11.89 23.44 -9.92
N THR A 42 -10.74 24.03 -10.30
CA THR A 42 -9.46 23.32 -10.31
C THR A 42 -8.97 23.00 -8.90
N VAL A 43 -9.29 23.84 -7.92
CA VAL A 43 -8.98 23.49 -6.53
C VAL A 43 -9.99 22.51 -5.94
N GLY A 44 -11.10 22.24 -6.62
CA GLY A 44 -11.96 21.14 -6.24
C GLY A 44 -13.12 21.48 -5.33
N LYS A 45 -13.94 22.44 -5.72
CA LYS A 45 -15.16 22.74 -5.01
C LYS A 45 -16.34 22.78 -5.98
N ASP A 46 -17.53 22.56 -5.44
CA ASP A 46 -18.74 22.56 -6.26
C ASP A 46 -19.11 23.99 -6.61
N VAL A 47 -19.11 24.30 -7.89
CA VAL A 47 -19.36 25.66 -8.38
C VAL A 47 -20.40 25.65 -9.51
N SER A 48 -21.12 24.54 -9.64
CA SER A 48 -22.11 24.31 -10.70
C SER A 48 -23.36 25.18 -10.58
N ALA A 49 -23.58 25.87 -9.45
CA ALA A 49 -24.66 26.83 -9.33
C ALA A 49 -24.38 28.14 -10.07
N LEU A 50 -23.14 28.38 -10.47
CA LEU A 50 -22.74 29.56 -11.22
C LEU A 50 -22.79 29.32 -12.74
N PHE A 51 -23.54 28.29 -13.16
CA PHE A 51 -23.55 27.85 -14.57
C PHE A 51 -24.09 28.84 -15.61
N PRO A 52 -25.27 29.48 -15.46
CA PRO A 52 -25.73 30.35 -16.56
C PRO A 52 -24.96 31.65 -16.70
N ASP A 53 -24.27 32.10 -15.66
CA ASP A 53 -23.50 33.34 -15.73
C ASP A 53 -22.24 33.18 -16.57
N VAL A 54 -21.61 32.01 -16.53
CA VAL A 54 -20.44 31.75 -17.36
C VAL A 54 -20.87 31.20 -18.73
N VAL A 55 -22.02 30.53 -18.80
CA VAL A 55 -22.58 30.07 -20.06
C VAL A 55 -23.06 31.25 -20.92
N ASN A 56 -23.50 32.35 -20.29
CA ASN A 56 -23.95 33.52 -21.04
C ASN A 56 -22.82 34.28 -21.72
N CYS A 57 -21.58 34.17 -21.25
CA CYS A 57 -20.44 34.78 -21.94
C CYS A 57 -19.68 33.73 -22.75
N MET A 58 -20.34 33.25 -23.81
CA MET A 58 -19.80 32.15 -24.61
C MET A 58 -19.43 32.54 -26.02
N GLN A 59 -20.19 33.42 -26.67
CA GLN A 59 -19.79 33.92 -27.98
C GLN A 59 -18.93 35.16 -27.79
N THR A 60 -17.62 34.95 -27.72
CA THR A 60 -16.67 36.04 -27.54
C THR A 60 -15.62 35.97 -28.65
N ASP A 61 -15.05 37.13 -28.96
CA ASP A 61 -13.95 37.17 -29.91
C ASP A 61 -12.66 36.63 -29.29
N ASN A 62 -12.54 36.71 -27.96
CA ASN A 62 -11.40 36.12 -27.27
C ASN A 62 -11.50 34.61 -27.29
N LEU A 63 -10.35 33.95 -27.47
CA LEU A 63 -10.33 32.50 -27.61
C LEU A 63 -9.94 31.78 -26.33
N GLU A 64 -9.12 32.41 -25.48
CA GLU A 64 -8.81 31.86 -24.17
C GLU A 64 -10.05 31.83 -23.27
N LEU A 65 -10.84 32.90 -23.34
CA LEU A 65 -12.13 32.97 -22.64
C LEU A 65 -13.11 31.93 -23.17
N LYS A 66 -13.13 31.75 -24.49
CA LYS A 66 -13.97 30.71 -25.12
C LYS A 66 -13.54 29.31 -24.71
N LYS A 67 -12.23 29.08 -24.59
CA LYS A 67 -11.70 27.80 -24.15
C LYS A 67 -12.06 27.49 -22.70
N LEU A 68 -12.02 28.50 -21.83
CA LEU A 68 -12.37 28.28 -20.42
C LEU A 68 -13.88 28.07 -20.23
N VAL A 69 -14.70 28.80 -20.99
CA VAL A 69 -16.15 28.60 -20.95
C VAL A 69 -16.51 27.23 -21.54
N TYR A 70 -15.76 26.79 -22.56
CA TYR A 70 -15.90 25.45 -23.13
C TYR A 70 -15.54 24.37 -22.13
N LEU A 71 -14.50 24.61 -21.33
CA LEU A 71 -14.09 23.64 -20.31
C LEU A 71 -15.13 23.52 -19.20
N TYR A 72 -15.68 24.66 -18.76
CA TYR A 72 -16.78 24.66 -17.78
C TYR A 72 -18.01 23.94 -18.32
N LEU A 73 -18.31 24.14 -19.60
CA LEU A 73 -19.42 23.43 -20.22
C LEU A 73 -19.14 21.94 -20.41
N MET A 74 -17.86 21.58 -20.56
CA MET A 74 -17.51 20.16 -20.67
C MET A 74 -17.69 19.42 -19.36
N ASN A 75 -17.23 20.01 -18.25
CA ASN A 75 -17.34 19.28 -16.98
C ASN A 75 -18.47 19.75 -16.09
N TYR A 76 -19.44 20.52 -16.60
CA TYR A 76 -20.54 20.93 -15.74
C TYR A 76 -21.90 20.86 -16.43
N ALA A 77 -22.01 20.11 -17.53
CA ALA A 77 -23.29 19.96 -18.21
C ALA A 77 -23.98 18.64 -17.90
N LYS A 78 -23.24 17.61 -17.51
CA LYS A 78 -23.88 16.37 -17.09
C LYS A 78 -24.54 16.52 -15.72
N SER A 79 -24.00 17.39 -14.87
CA SER A 79 -24.60 17.62 -13.56
C SER A 79 -25.87 18.43 -13.66
N GLN A 80 -25.99 19.28 -14.69
CA GLN A 80 -27.19 20.08 -14.92
C GLN A 80 -27.67 19.82 -16.35
N PRO A 81 -28.36 18.68 -16.59
CA PRO A 81 -28.65 18.29 -17.98
C PRO A 81 -29.81 19.05 -18.59
N ASP A 82 -30.83 19.36 -17.79
CA ASP A 82 -32.07 19.94 -18.29
C ASP A 82 -31.99 21.44 -18.51
N MET A 83 -30.85 22.06 -18.22
CA MET A 83 -30.71 23.50 -18.25
C MET A 83 -29.49 23.95 -19.04
N ALA A 84 -28.65 23.02 -19.51
CA ALA A 84 -27.51 23.29 -20.38
C ALA A 84 -27.86 23.22 -21.87
N ILE A 85 -29.13 23.38 -22.21
CA ILE A 85 -29.61 23.35 -23.59
C ILE A 85 -29.34 24.69 -24.28
N MET A 86 -29.04 25.74 -23.53
CA MET A 86 -28.90 27.10 -24.04
C MET A 86 -27.52 27.42 -24.63
N ALA A 87 -26.76 26.43 -25.09
CA ALA A 87 -25.47 26.68 -25.71
C ALA A 87 -25.38 26.20 -27.15
N VAL A 88 -26.47 25.62 -27.69
CA VAL A 88 -26.39 24.90 -28.95
C VAL A 88 -26.30 25.86 -30.15
N ASN A 89 -27.04 26.98 -30.12
CA ASN A 89 -26.98 27.94 -31.21
C ASN A 89 -25.64 28.66 -31.26
N THR A 90 -25.05 28.91 -30.09
CA THR A 90 -23.69 29.44 -30.04
C THR A 90 -22.67 28.43 -30.54
N PHE A 91 -22.89 27.13 -30.23
CA PHE A 91 -22.04 26.05 -30.72
C PHE A 91 -22.08 25.93 -32.25
N VAL A 92 -23.29 25.99 -32.83
CA VAL A 92 -23.40 25.93 -34.29
C VAL A 92 -23.05 27.24 -34.96
N LYS A 93 -22.95 28.35 -34.21
CA LYS A 93 -22.51 29.59 -34.81
C LYS A 93 -21.01 29.78 -34.76
N ASP A 94 -20.29 29.11 -33.85
CA ASP A 94 -18.84 29.02 -34.01
C ASP A 94 -18.41 27.64 -34.53
N CYS A 95 -19.35 26.85 -35.04
CA CYS A 95 -19.02 25.75 -35.94
C CYS A 95 -19.05 26.19 -37.40
N GLU A 96 -19.26 27.47 -37.66
CA GLU A 96 -19.33 28.00 -39.02
C GLU A 96 -18.48 29.25 -39.22
N ASP A 97 -17.69 29.65 -38.22
CA ASP A 97 -16.83 30.80 -38.34
C ASP A 97 -15.64 30.49 -39.26
N PRO A 98 -15.00 31.50 -39.86
CA PRO A 98 -13.84 31.23 -40.71
C PRO A 98 -12.57 30.80 -39.97
N ASN A 99 -12.55 30.77 -38.64
CA ASN A 99 -11.39 30.26 -37.93
C ASN A 99 -11.54 28.76 -37.71
N PRO A 100 -10.69 27.92 -38.31
CA PRO A 100 -10.83 26.47 -38.13
C PRO A 100 -10.41 25.99 -36.77
N LEU A 101 -9.61 26.75 -36.02
CA LEU A 101 -9.29 26.40 -34.66
C LEU A 101 -10.51 26.50 -33.75
N ILE A 102 -11.30 27.57 -33.89
CA ILE A 102 -12.54 27.70 -33.13
C ILE A 102 -13.59 26.72 -33.65
N ARG A 103 -13.57 26.41 -34.95
CA ARG A 103 -14.49 25.42 -35.52
C ARG A 103 -14.24 24.01 -34.97
N ALA A 104 -12.97 23.59 -34.96
CA ALA A 104 -12.61 22.29 -34.42
C ALA A 104 -12.73 22.25 -32.90
N LEU A 105 -12.49 23.38 -32.23
CA LEU A 105 -12.66 23.46 -30.78
C LEU A 105 -14.13 23.34 -30.39
N ALA A 106 -15.02 23.96 -31.19
CA ALA A 106 -16.46 23.83 -30.99
C ALA A 106 -16.94 22.42 -31.26
N VAL A 107 -16.41 21.77 -32.30
CA VAL A 107 -16.78 20.39 -32.62
C VAL A 107 -16.32 19.42 -31.52
N ARG A 108 -15.08 19.60 -31.05
CA ARG A 108 -14.51 18.79 -29.97
C ARG A 108 -15.25 18.98 -28.65
N THR A 109 -15.66 20.21 -28.36
CA THR A 109 -16.39 20.47 -27.13
C THR A 109 -17.83 19.98 -27.20
N MET A 110 -18.50 20.17 -28.35
CA MET A 110 -19.88 19.72 -28.50
C MET A 110 -19.99 18.20 -28.62
N GLY A 111 -18.91 17.50 -28.94
CA GLY A 111 -18.92 16.06 -28.77
C GLY A 111 -18.83 15.62 -27.32
N CYS A 112 -18.31 16.47 -26.44
CA CYS A 112 -18.08 16.11 -25.05
C CYS A 112 -19.24 16.47 -24.13
N ILE A 113 -20.28 17.12 -24.64
CA ILE A 113 -21.48 17.41 -23.85
C ILE A 113 -22.31 16.13 -23.84
N ARG A 114 -22.24 15.38 -22.74
CA ARG A 114 -22.81 14.04 -22.69
C ARG A 114 -24.21 14.04 -22.09
N VAL A 115 -25.09 14.85 -22.70
CA VAL A 115 -26.52 14.81 -22.46
C VAL A 115 -27.19 14.38 -23.76
N ASP A 116 -28.43 13.88 -23.65
CA ASP A 116 -29.01 13.15 -24.77
C ASP A 116 -29.90 14.00 -25.66
N LYS A 117 -30.61 14.98 -25.08
CA LYS A 117 -31.64 15.68 -25.84
C LYS A 117 -31.12 16.85 -26.66
N ILE A 118 -29.81 17.14 -26.62
CA ILE A 118 -29.24 18.17 -27.48
C ILE A 118 -28.42 17.60 -28.62
N THR A 119 -28.15 16.29 -28.62
CA THR A 119 -27.31 15.68 -29.65
C THR A 119 -28.00 15.59 -31.00
N GLU A 120 -29.33 15.62 -31.04
CA GLU A 120 -30.02 15.74 -32.31
C GLU A 120 -29.95 17.15 -32.88
N TYR A 121 -29.68 18.15 -32.03
CA TYR A 121 -29.56 19.53 -32.48
C TYR A 121 -28.17 19.87 -32.99
N LEU A 122 -27.18 19.01 -32.77
CA LEU A 122 -25.81 19.26 -33.22
C LEU A 122 -25.32 18.20 -34.21
N CYS A 123 -26.23 17.57 -34.94
CA CYS A 123 -25.82 16.67 -36.02
C CYS A 123 -25.56 17.42 -37.32
N GLU A 124 -26.29 18.52 -37.55
CA GLU A 124 -26.02 19.38 -38.70
C GLU A 124 -24.65 20.08 -38.70
N PRO A 125 -24.13 20.66 -37.60
CA PRO A 125 -22.73 21.14 -37.66
C PRO A 125 -21.69 20.04 -37.78
N LEU A 126 -21.97 18.84 -37.27
CA LEU A 126 -21.09 17.71 -37.49
C LEU A 126 -21.07 17.29 -38.95
N ARG A 127 -22.25 17.31 -39.60
CA ARG A 127 -22.34 17.01 -41.03
C ARG A 127 -21.67 18.09 -41.87
N LYS A 128 -21.71 19.34 -41.42
CA LYS A 128 -21.00 20.40 -42.13
C LYS A 128 -19.49 20.31 -41.92
N CYS A 129 -19.05 19.89 -40.73
CA CYS A 129 -17.62 19.86 -40.42
C CYS A 129 -16.94 18.55 -40.77
N LEU A 130 -17.70 17.52 -41.18
CA LEU A 130 -17.09 16.34 -41.79
C LEU A 130 -16.82 16.54 -43.28
N LYS A 131 -17.23 17.67 -43.84
CA LYS A 131 -17.23 17.89 -45.28
C LYS A 131 -16.31 18.99 -45.74
N ASP A 132 -15.88 19.89 -44.84
CA ASP A 132 -15.15 21.07 -45.27
C ASP A 132 -13.69 20.74 -45.59
N GLU A 133 -13.03 21.70 -46.24
CA GLU A 133 -11.70 21.48 -46.80
C GLU A 133 -10.59 21.50 -45.76
N ASP A 134 -10.87 21.91 -44.52
CA ASP A 134 -9.83 22.01 -43.52
C ASP A 134 -9.63 20.66 -42.83
N PRO A 135 -8.43 20.08 -42.88
CA PRO A 135 -8.23 18.74 -42.33
C PRO A 135 -8.18 18.70 -40.82
N TYR A 136 -7.90 19.83 -40.16
CA TYR A 136 -7.91 19.88 -38.71
C TYR A 136 -9.32 19.71 -38.15
N VAL A 137 -10.28 20.45 -38.72
CA VAL A 137 -11.67 20.30 -38.29
C VAL A 137 -12.26 19.00 -38.85
N ARG A 138 -11.71 18.48 -39.96
CA ARG A 138 -12.16 17.18 -40.47
C ARG A 138 -11.74 16.02 -39.56
N LYS A 139 -10.48 16.03 -39.10
CA LYS A 139 -10.02 15.01 -38.18
C LYS A 139 -10.56 15.22 -36.77
N THR A 140 -11.04 16.41 -36.43
CA THR A 140 -11.76 16.56 -35.17
C THR A 140 -13.19 16.02 -35.29
N ALA A 141 -13.84 16.25 -36.43
CA ALA A 141 -15.20 15.77 -36.66
C ALA A 141 -15.26 14.26 -36.78
N ALA A 142 -14.16 13.63 -37.24
CA ALA A 142 -14.06 12.17 -37.27
C ALA A 142 -14.14 11.56 -35.88
N VAL A 143 -13.43 12.14 -34.91
CA VAL A 143 -13.50 11.67 -33.52
C VAL A 143 -14.83 12.05 -32.88
N CYS A 144 -15.40 13.18 -33.29
CA CYS A 144 -16.71 13.61 -32.78
C CYS A 144 -17.83 12.69 -33.24
N VAL A 145 -17.66 12.01 -34.39
CA VAL A 145 -18.58 10.98 -34.84
C VAL A 145 -18.60 9.81 -33.85
N ALA A 146 -17.42 9.39 -33.36
CA ALA A 146 -17.35 8.32 -32.35
C ALA A 146 -17.88 8.77 -31.00
N LYS A 147 -17.68 10.05 -30.64
CA LYS A 147 -18.26 10.61 -29.41
C LYS A 147 -19.79 10.58 -29.47
N LEU A 148 -20.36 11.01 -30.59
CA LEU A 148 -21.80 10.99 -30.74
C LEU A 148 -22.34 9.58 -30.90
N HIS A 149 -21.52 8.64 -31.40
CA HIS A 149 -21.94 7.25 -31.45
C HIS A 149 -22.02 6.65 -30.06
N ASP A 150 -21.04 6.97 -29.21
CA ASP A 150 -21.05 6.54 -27.82
C ASP A 150 -22.19 7.18 -27.03
N ILE A 151 -22.63 8.37 -27.42
CA ILE A 151 -23.82 8.95 -26.83
C ILE A 151 -25.08 8.26 -27.36
N ASN A 152 -25.32 8.34 -28.68
CA ASN A 152 -26.53 7.81 -29.31
C ASN A 152 -26.15 7.15 -30.64
N ALA A 153 -25.80 5.86 -30.56
CA ALA A 153 -25.51 5.05 -31.75
C ALA A 153 -26.68 4.96 -32.71
N GLN A 154 -27.91 4.95 -32.19
CA GLN A 154 -29.09 4.91 -33.05
C GLN A 154 -29.26 6.22 -33.83
N LEU A 155 -28.98 7.35 -33.19
CA LEU A 155 -29.07 8.64 -33.87
C LEU A 155 -27.97 8.80 -34.91
N VAL A 156 -26.77 8.28 -34.62
CA VAL A 156 -25.67 8.31 -35.59
C VAL A 156 -25.96 7.39 -36.78
N GLU A 157 -26.53 6.21 -36.53
CA GLU A 157 -26.93 5.31 -37.61
C GLU A 157 -28.09 5.88 -38.42
N ASP A 158 -28.97 6.66 -37.80
CA ASP A 158 -30.05 7.30 -38.54
C ASP A 158 -29.54 8.47 -39.37
N GLN A 159 -28.60 9.25 -38.84
CA GLN A 159 -28.05 10.38 -39.59
C GLN A 159 -27.06 9.94 -40.66
N GLY A 160 -26.51 8.74 -40.57
CA GLY A 160 -25.64 8.26 -41.62
C GLY A 160 -24.22 8.73 -41.53
N PHE A 161 -23.70 8.96 -40.33
CA PHE A 161 -22.33 9.41 -40.16
C PHE A 161 -21.33 8.28 -40.35
N LEU A 162 -21.76 7.03 -40.28
CA LEU A 162 -20.84 5.90 -40.45
C LEU A 162 -20.42 5.75 -41.91
N ASP A 163 -21.29 6.13 -42.84
CA ASP A 163 -20.94 6.06 -44.26
C ASP A 163 -19.92 7.12 -44.63
N THR A 164 -20.05 8.33 -44.08
CA THR A 164 -19.04 9.36 -44.36
C THR A 164 -17.81 9.21 -43.48
N LEU A 165 -17.88 8.43 -42.39
CA LEU A 165 -16.67 8.04 -41.69
C LEU A 165 -15.91 6.96 -42.44
N LYS A 166 -16.63 6.06 -43.14
CA LYS A 166 -15.99 5.11 -44.04
C LYS A 166 -15.41 5.82 -45.26
N ASP A 167 -16.03 6.91 -45.70
CA ASP A 167 -15.46 7.70 -46.79
C ASP A 167 -14.24 8.50 -46.36
N LEU A 168 -14.06 8.74 -45.06
CA LEU A 168 -12.89 9.43 -44.57
C LEU A 168 -11.70 8.50 -44.35
N ILE A 169 -11.86 7.19 -44.58
CA ILE A 169 -10.70 6.32 -44.67
C ILE A 169 -9.97 6.56 -45.99
N SER A 170 -10.71 6.87 -47.05
CA SER A 170 -10.19 6.86 -48.40
C SER A 170 -9.62 8.20 -48.86
N ASP A 171 -9.75 9.26 -48.08
CA ASP A 171 -9.33 10.57 -48.55
C ASP A 171 -7.83 10.77 -48.28
N SER A 172 -7.33 11.94 -48.65
CA SER A 172 -5.93 12.30 -48.42
C SER A 172 -5.78 12.85 -47.01
N ASN A 173 -4.60 13.45 -46.70
CA ASN A 173 -4.20 14.04 -45.43
C ASN A 173 -4.33 13.04 -44.27
N PRO A 174 -3.33 12.18 -44.06
CA PRO A 174 -3.53 10.91 -43.34
C PRO A 174 -3.85 11.01 -41.84
N MET A 175 -3.79 12.19 -41.22
CA MET A 175 -4.34 12.31 -39.87
C MET A 175 -5.87 12.26 -39.85
N VAL A 176 -6.52 12.72 -40.92
CA VAL A 176 -7.95 12.54 -41.07
C VAL A 176 -8.31 11.07 -41.20
N VAL A 177 -7.52 10.32 -41.98
CA VAL A 177 -7.79 8.89 -42.14
C VAL A 177 -7.38 8.13 -40.89
N ALA A 178 -6.43 8.63 -40.11
CA ALA A 178 -6.02 7.97 -38.88
C ALA A 178 -7.06 8.17 -37.77
N ASN A 179 -7.61 9.38 -37.65
CA ASN A 179 -8.69 9.63 -36.71
C ASN A 179 -9.97 8.92 -37.13
N ALA A 180 -10.21 8.79 -38.44
CA ALA A 180 -11.36 8.05 -38.92
C ALA A 180 -11.21 6.55 -38.69
N VAL A 181 -9.97 6.04 -38.79
CA VAL A 181 -9.67 4.64 -38.46
C VAL A 181 -9.86 4.36 -36.98
N ALA A 182 -9.40 5.27 -36.10
CA ALA A 182 -9.58 5.10 -34.66
C ALA A 182 -11.05 5.19 -34.26
N ALA A 183 -11.80 6.11 -34.88
CA ALA A 183 -13.23 6.26 -34.62
C ALA A 183 -14.03 5.07 -35.13
N LEU A 184 -13.72 4.59 -36.33
CA LEU A 184 -14.43 3.44 -36.91
C LEU A 184 -14.08 2.15 -36.18
N SER A 185 -12.86 2.04 -35.65
CA SER A 185 -12.50 0.89 -34.83
C SER A 185 -13.25 0.93 -33.50
N GLU A 186 -13.40 2.12 -32.91
CA GLU A 186 -14.18 2.28 -31.67
C GLU A 186 -15.66 1.93 -31.88
N ILE A 187 -16.22 2.39 -33.00
CA ILE A 187 -17.59 2.06 -33.38
C ILE A 187 -17.74 0.56 -33.70
N ALA A 188 -16.70 -0.05 -34.26
CA ALA A 188 -16.75 -1.47 -34.60
C ALA A 188 -16.72 -2.38 -33.37
N GLU A 189 -15.91 -2.04 -32.35
CA GLU A 189 -16.03 -2.83 -31.12
C GLU A 189 -17.23 -2.43 -30.28
N SER A 190 -17.78 -1.22 -30.48
CA SER A 190 -19.00 -0.86 -29.79
C SER A 190 -20.25 -1.41 -30.47
N HIS A 191 -20.12 -1.93 -31.68
CA HIS A 191 -21.24 -2.47 -32.42
C HIS A 191 -21.64 -3.83 -31.86
N PRO A 192 -22.89 -4.30 -32.15
CA PRO A 192 -23.26 -5.68 -31.82
C PRO A 192 -22.83 -6.72 -32.85
N SER A 193 -21.82 -6.39 -33.68
CA SER A 193 -21.23 -7.25 -34.73
C SER A 193 -22.25 -7.64 -35.79
N SER A 194 -23.06 -6.66 -36.20
CA SER A 194 -23.93 -6.76 -37.37
C SER A 194 -23.62 -5.58 -38.28
N ASN A 195 -23.59 -5.87 -39.59
CA ASN A 195 -23.19 -4.95 -40.67
C ASN A 195 -21.76 -4.42 -40.42
N LEU A 196 -20.82 -5.36 -40.53
CA LEU A 196 -19.42 -5.13 -40.19
C LEU A 196 -18.76 -4.11 -41.12
N LEU A 197 -17.78 -3.40 -40.56
CA LEU A 197 -17.03 -2.36 -41.26
C LEU A 197 -15.69 -2.87 -41.76
N ASP A 198 -15.67 -4.12 -42.25
CA ASP A 198 -14.45 -4.74 -42.76
C ASP A 198 -14.00 -4.08 -44.06
N LEU A 199 -12.73 -4.28 -44.39
CA LEU A 199 -12.08 -3.48 -45.42
C LEU A 199 -11.41 -4.39 -46.45
N ASN A 200 -11.44 -3.92 -47.71
CA ASN A 200 -10.86 -4.62 -48.84
C ASN A 200 -9.33 -4.55 -48.80
N PRO A 201 -8.64 -5.45 -49.54
CA PRO A 201 -7.17 -5.31 -49.66
C PRO A 201 -6.69 -4.02 -50.33
N GLN A 202 -7.50 -3.38 -51.17
CA GLN A 202 -7.16 -2.04 -51.66
C GLN A 202 -7.21 -1.01 -50.54
N SER A 203 -8.15 -1.16 -49.61
CA SER A 203 -8.20 -0.31 -48.42
C SER A 203 -7.05 -0.62 -47.48
N ILE A 204 -6.62 -1.89 -47.42
CA ILE A 204 -5.44 -2.29 -46.66
C ILE A 204 -4.19 -1.64 -47.22
N ASN A 205 -4.06 -1.62 -48.56
CA ASN A 205 -2.92 -1.00 -49.23
C ASN A 205 -2.90 0.52 -49.05
N LYS A 206 -4.07 1.17 -49.12
CA LYS A 206 -4.10 2.61 -48.92
C LYS A 206 -3.90 2.98 -47.45
N LEU A 207 -4.27 2.09 -46.51
CA LEU A 207 -3.97 2.33 -45.11
C LEU A 207 -2.50 2.12 -44.81
N LEU A 208 -1.86 1.17 -45.50
CA LEU A 208 -0.44 0.94 -45.30
C LEU A 208 0.40 2.05 -45.94
N THR A 209 -0.10 2.67 -47.01
CA THR A 209 0.58 3.87 -47.50
C THR A 209 0.32 5.09 -46.62
N ALA A 210 -0.86 5.18 -45.99
CA ALA A 210 -1.12 6.27 -45.05
C ALA A 210 -0.38 6.09 -43.73
N LEU A 211 0.05 4.87 -43.42
CA LEU A 211 0.83 4.60 -42.22
C LEU A 211 2.21 5.27 -42.27
N ASN A 212 2.79 5.41 -43.46
CA ASN A 212 4.13 5.98 -43.59
C ASN A 212 4.14 7.49 -43.43
N GLU A 213 3.01 8.16 -43.62
CA GLU A 213 2.98 9.62 -43.64
C GLU A 213 2.03 10.21 -42.61
N CYS A 214 1.71 9.48 -41.55
CA CYS A 214 0.86 10.00 -40.49
C CYS A 214 1.68 10.16 -39.21
N THR A 215 1.02 10.63 -38.16
CA THR A 215 1.67 10.83 -36.87
C THR A 215 1.88 9.49 -36.17
N GLU A 216 2.63 9.54 -35.06
CA GLU A 216 3.01 8.31 -34.38
C GLU A 216 1.85 7.66 -33.63
N TRP A 217 0.83 8.42 -33.25
CA TRP A 217 -0.36 7.82 -32.66
C TRP A 217 -1.31 7.29 -33.72
N GLY A 218 -1.30 7.91 -34.90
CA GLY A 218 -2.06 7.41 -36.01
C GLY A 218 -1.52 6.10 -36.56
N GLN A 219 -0.22 5.87 -36.40
CA GLN A 219 0.37 4.57 -36.70
C GLN A 219 -0.16 3.49 -35.77
N ILE A 220 -0.35 3.84 -34.48
CA ILE A 220 -0.94 2.91 -33.51
C ILE A 220 -2.39 2.63 -33.86
N PHE A 221 -3.13 3.65 -34.33
CA PHE A 221 -4.55 3.45 -34.68
C PHE A 221 -4.69 2.60 -35.94
N ILE A 222 -3.83 2.83 -36.92
CA ILE A 222 -3.85 2.06 -38.18
C ILE A 222 -3.42 0.62 -37.93
N LEU A 223 -2.39 0.41 -37.11
CA LEU A 223 -1.96 -0.95 -36.78
C LEU A 223 -2.93 -1.65 -35.84
N ASP A 224 -3.74 -0.90 -35.09
CA ASP A 224 -4.82 -1.52 -34.34
C ASP A 224 -5.97 -1.91 -35.25
N CYS A 225 -6.16 -1.20 -36.37
CA CYS A 225 -7.14 -1.64 -37.35
C CYS A 225 -6.67 -2.88 -38.09
N LEU A 226 -5.35 -3.01 -38.31
CA LEU A 226 -4.79 -4.18 -38.99
C LEU A 226 -4.85 -5.43 -38.12
N ALA A 227 -4.96 -5.28 -36.80
CA ALA A 227 -5.09 -6.41 -35.90
C ALA A 227 -6.47 -7.04 -35.90
N ASN A 228 -7.45 -6.44 -36.58
CA ASN A 228 -8.75 -7.06 -36.79
C ASN A 228 -8.89 -7.68 -38.18
N TYR A 229 -7.96 -7.39 -39.08
CA TYR A 229 -7.96 -7.97 -40.42
C TYR A 229 -7.44 -9.40 -40.38
N MET A 230 -7.96 -10.22 -41.30
CA MET A 230 -7.45 -11.57 -41.53
C MET A 230 -7.06 -11.68 -42.99
N PRO A 231 -5.80 -11.93 -43.31
CA PRO A 231 -5.41 -12.07 -44.73
C PRO A 231 -5.91 -13.38 -45.33
N LYS A 232 -6.18 -13.33 -46.63
CA LYS A 232 -6.87 -14.43 -47.30
C LYS A 232 -5.92 -15.44 -47.94
N ASP A 233 -4.65 -15.10 -48.13
CA ASP A 233 -3.71 -16.01 -48.75
C ASP A 233 -2.33 -15.77 -48.16
N ASP A 234 -1.30 -16.34 -48.78
CA ASP A 234 0.05 -16.33 -48.22
C ASP A 234 0.84 -15.10 -48.66
N ARG A 235 0.81 -14.77 -49.95
CA ARG A 235 1.61 -13.66 -50.45
C ARG A 235 1.00 -12.30 -50.08
N GLU A 236 -0.32 -12.26 -49.85
CA GLU A 236 -0.93 -11.05 -49.31
C GLU A 236 -0.50 -10.80 -47.86
N ALA A 237 -0.44 -11.86 -47.05
CA ALA A 237 0.05 -11.77 -45.68
C ALA A 237 1.52 -11.41 -45.64
N GLN A 238 2.31 -11.94 -46.59
CA GLN A 238 3.72 -11.58 -46.70
C GLN A 238 3.90 -10.12 -47.10
N SER A 239 3.04 -9.60 -47.98
CA SER A 239 3.13 -8.19 -48.40
C SER A 239 2.73 -7.25 -47.27
N ILE A 240 1.70 -7.59 -46.51
CA ILE A 240 1.30 -6.77 -45.37
C ILE A 240 2.33 -6.83 -44.26
N CYS A 241 2.95 -8.01 -44.04
CA CYS A 241 4.02 -8.15 -43.06
C CYS A 241 5.27 -7.37 -43.48
N GLU A 242 5.59 -7.37 -44.77
CA GLU A 242 6.73 -6.63 -45.29
C GLU A 242 6.50 -5.12 -45.25
N ARG A 243 5.24 -4.68 -45.31
CA ARG A 243 4.97 -3.26 -45.15
C ARG A 243 4.79 -2.84 -43.70
N VAL A 244 4.49 -3.77 -42.80
CA VAL A 244 4.30 -3.43 -41.38
C VAL A 244 5.62 -3.45 -40.63
N THR A 245 6.47 -4.46 -40.89
CA THR A 245 7.80 -4.72 -40.33
C THR A 245 8.78 -3.52 -40.24
N PRO A 246 8.78 -2.52 -41.14
CA PRO A 246 9.55 -1.29 -40.85
C PRO A 246 9.07 -0.45 -39.65
N ARG A 247 7.86 -0.67 -39.13
CA ARG A 247 7.44 0.07 -37.93
C ARG A 247 8.08 -0.46 -36.64
N LEU A 248 8.85 -1.55 -36.72
CA LEU A 248 9.55 -2.09 -35.56
C LEU A 248 10.76 -1.26 -35.15
N SER A 249 11.17 -0.27 -35.94
CA SER A 249 12.32 0.56 -35.63
C SER A 249 11.94 1.97 -35.18
N HIS A 250 10.70 2.16 -34.73
CA HIS A 250 10.23 3.45 -34.26
C HIS A 250 10.58 3.61 -32.79
N ALA A 251 10.83 4.86 -32.36
CA ALA A 251 11.17 5.10 -30.95
C ALA A 251 9.98 4.93 -30.02
N ASN A 252 8.75 5.01 -30.54
CA ASN A 252 7.57 4.82 -29.73
C ASN A 252 7.34 3.34 -29.49
N SER A 253 7.32 2.97 -28.19
CA SER A 253 7.15 1.58 -27.78
C SER A 253 5.74 1.07 -28.10
N ALA A 254 4.76 1.95 -28.15
CA ALA A 254 3.41 1.55 -28.53
C ALA A 254 3.31 1.26 -30.02
N VAL A 255 4.05 1.99 -30.86
CA VAL A 255 4.15 1.69 -32.29
C VAL A 255 4.83 0.34 -32.49
N VAL A 256 5.89 0.08 -31.71
CA VAL A 256 6.61 -1.20 -31.76
C VAL A 256 5.71 -2.35 -31.32
N LEU A 257 4.95 -2.16 -30.23
CA LEU A 257 4.06 -3.21 -29.73
C LEU A 257 2.86 -3.45 -30.64
N SER A 258 2.35 -2.41 -31.31
CA SER A 258 1.26 -2.61 -32.26
C SER A 258 1.74 -3.33 -33.51
N ALA A 259 2.97 -3.03 -33.96
CA ALA A 259 3.56 -3.75 -35.08
C ALA A 259 3.85 -5.20 -34.72
N VAL A 260 4.28 -5.44 -33.47
CA VAL A 260 4.47 -6.79 -32.94
C VAL A 260 3.14 -7.55 -32.90
N LYS A 261 2.05 -6.85 -32.54
CA LYS A 261 0.71 -7.45 -32.52
C LYS A 261 0.25 -7.88 -33.92
N VAL A 262 0.49 -7.03 -34.92
CA VAL A 262 0.16 -7.34 -36.31
C VAL A 262 0.99 -8.50 -36.83
N LEU A 263 2.29 -8.53 -36.50
CA LEU A 263 3.18 -9.58 -37.01
C LEU A 263 2.93 -10.93 -36.34
N MET A 264 2.71 -10.95 -35.01
CA MET A 264 2.34 -12.17 -34.32
C MET A 264 0.97 -12.70 -34.72
N LYS A 265 0.03 -11.81 -35.09
CA LYS A 265 -1.22 -12.32 -35.63
C LYS A 265 -1.05 -12.86 -37.03
N PHE A 266 -0.18 -12.23 -37.83
CA PHE A 266 -0.17 -12.52 -39.26
C PHE A 266 0.82 -13.59 -39.69
N MET A 267 1.78 -14.00 -38.84
CA MET A 267 2.63 -15.08 -39.34
C MET A 267 2.00 -16.46 -39.17
N GLU A 268 0.88 -16.56 -38.43
CA GLU A 268 0.17 -17.82 -38.33
C GLU A 268 -0.54 -18.20 -39.63
N MET A 269 -0.82 -17.23 -40.50
CA MET A 269 -1.35 -17.56 -41.81
C MET A 269 -0.24 -17.79 -42.83
N LEU A 270 0.95 -17.23 -42.61
CA LEU A 270 2.11 -17.57 -43.43
C LEU A 270 2.56 -19.00 -43.13
N SER A 271 2.90 -19.72 -44.19
CA SER A 271 3.37 -21.10 -44.05
C SER A 271 4.84 -21.12 -43.66
N LYS A 272 5.25 -22.23 -43.04
CA LYS A 272 6.58 -22.37 -42.48
C LYS A 272 7.63 -22.79 -43.50
N ASP A 273 7.22 -23.15 -44.72
CA ASP A 273 8.16 -23.70 -45.69
C ASP A 273 9.05 -22.63 -46.31
N LEU A 274 8.50 -21.45 -46.57
CA LEU A 274 9.28 -20.39 -47.21
C LEU A 274 10.20 -19.70 -46.21
N ASP A 275 11.10 -18.89 -46.74
CA ASP A 275 12.16 -18.29 -45.94
C ASP A 275 11.75 -17.00 -45.25
N TYR A 276 10.55 -16.48 -45.51
CA TYR A 276 10.14 -15.23 -44.88
C TYR A 276 9.77 -15.43 -43.41
N TYR A 277 9.30 -16.63 -43.05
CA TYR A 277 8.91 -16.94 -41.68
C TYR A 277 10.12 -16.92 -40.74
N GLY A 278 11.24 -17.50 -41.18
CA GLY A 278 12.45 -17.49 -40.37
C GLY A 278 13.07 -16.12 -40.21
N THR A 279 13.03 -15.30 -41.26
CA THR A 279 13.54 -13.94 -41.17
C THR A 279 12.65 -13.06 -40.30
N LEU A 280 11.34 -13.29 -40.34
CA LEU A 280 10.41 -12.58 -39.47
C LEU A 280 10.61 -12.98 -38.00
N LEU A 281 10.88 -14.28 -37.75
CA LEU A 281 11.21 -14.74 -36.40
C LEU A 281 12.52 -14.14 -35.91
N LYS A 282 13.52 -14.03 -36.78
CA LYS A 282 14.81 -13.49 -36.37
C LYS A 282 14.77 -11.98 -36.20
N LYS A 283 13.87 -11.29 -36.90
CA LYS A 283 13.81 -9.83 -36.81
C LYS A 283 12.75 -9.33 -35.83
N LEU A 284 11.86 -10.20 -35.34
CA LEU A 284 10.94 -9.76 -34.29
C LEU A 284 11.60 -9.69 -32.92
N ALA A 285 12.67 -10.45 -32.69
CA ALA A 285 13.32 -10.52 -31.38
C ALA A 285 14.09 -9.27 -30.91
N PRO A 286 14.88 -8.54 -31.70
CA PRO A 286 15.55 -7.33 -31.15
C PRO A 286 14.62 -6.17 -30.78
N PRO A 287 13.45 -5.92 -31.44
CA PRO A 287 12.50 -4.97 -30.81
C PRO A 287 11.95 -5.40 -29.46
N LEU A 288 11.73 -6.70 -29.27
CA LEU A 288 11.26 -7.19 -27.98
C LEU A 288 12.36 -7.10 -26.91
N VAL A 289 13.62 -7.27 -27.31
CA VAL A 289 14.72 -7.10 -26.36
C VAL A 289 14.90 -5.62 -26.00
N THR A 290 14.84 -4.72 -26.99
CA THR A 290 15.02 -3.30 -26.69
C THR A 290 13.79 -2.65 -26.07
N LEU A 291 12.65 -3.34 -26.04
CA LEU A 291 11.50 -2.89 -25.25
C LEU A 291 11.76 -2.90 -23.75
N LEU A 292 12.72 -3.69 -23.28
CA LEU A 292 13.08 -3.77 -21.87
C LEU A 292 14.03 -2.66 -21.43
N SER A 293 14.47 -1.79 -22.33
CA SER A 293 15.33 -0.68 -22.01
C SER A 293 14.55 0.63 -21.86
N ALA A 294 13.23 0.53 -21.82
CA ALA A 294 12.36 1.70 -21.80
C ALA A 294 12.07 2.12 -20.36
N GLU A 295 11.06 2.97 -20.19
CA GLU A 295 10.53 3.35 -18.90
C GLU A 295 9.89 2.13 -18.21
N PRO A 296 9.86 2.08 -16.87
CA PRO A 296 9.41 0.85 -16.17
C PRO A 296 7.95 0.44 -16.41
N GLU A 297 7.07 1.38 -16.75
CA GLU A 297 5.68 1.03 -17.08
C GLU A 297 5.60 0.29 -18.40
N LEU A 298 6.28 0.81 -19.43
CA LEU A 298 6.40 0.11 -20.71
C LEU A 298 7.21 -1.17 -20.58
N GLN A 299 8.16 -1.21 -19.64
CA GLN A 299 8.91 -2.43 -19.34
C GLN A 299 8.01 -3.52 -18.78
N TYR A 300 7.09 -3.15 -17.88
CA TYR A 300 6.15 -4.12 -17.31
C TYR A 300 5.15 -4.61 -18.35
N VAL A 301 4.64 -3.70 -19.19
CA VAL A 301 3.70 -4.05 -20.24
C VAL A 301 4.37 -4.94 -21.29
N ALA A 302 5.61 -4.62 -21.67
CA ALA A 302 6.37 -5.43 -22.61
C ALA A 302 6.79 -6.76 -22.01
N LEU A 303 7.00 -6.82 -20.70
CA LEU A 303 7.35 -8.09 -20.06
C LEU A 303 6.16 -9.05 -20.03
N ARG A 304 4.96 -8.53 -19.75
CA ARG A 304 3.76 -9.38 -19.80
C ARG A 304 3.42 -9.78 -21.22
N ASN A 305 3.69 -8.89 -22.18
CA ASN A 305 3.48 -9.23 -23.59
C ASN A 305 4.51 -10.24 -24.09
N ILE A 306 5.75 -10.16 -23.60
CA ILE A 306 6.79 -11.14 -23.94
C ILE A 306 6.45 -12.50 -23.33
N ASN A 307 5.84 -12.49 -22.13
CA ASN A 307 5.30 -13.72 -21.54
C ASN A 307 4.18 -14.32 -22.37
N LEU A 308 3.38 -13.46 -23.00
CA LEU A 308 2.38 -13.97 -23.94
C LEU A 308 3.02 -14.49 -25.23
N ILE A 309 4.11 -13.86 -25.67
CA ILE A 309 4.71 -14.16 -26.97
C ILE A 309 5.48 -15.48 -26.92
N VAL A 310 6.29 -15.69 -25.88
CA VAL A 310 7.16 -16.87 -25.84
C VAL A 310 6.39 -18.15 -25.52
N GLN A 311 5.15 -18.05 -25.04
CA GLN A 311 4.29 -19.23 -24.96
C GLN A 311 3.87 -19.70 -26.34
N LYS A 312 3.58 -18.76 -27.24
CA LYS A 312 3.16 -19.14 -28.60
C LYS A 312 4.36 -19.48 -29.48
N ARG A 313 5.32 -18.56 -29.57
CA ARG A 313 6.52 -18.75 -30.39
C ARG A 313 7.72 -18.76 -29.46
N PRO A 314 8.15 -19.93 -28.98
CA PRO A 314 9.31 -19.99 -28.08
C PRO A 314 10.64 -19.82 -28.79
N GLU A 315 10.66 -19.88 -30.12
CA GLU A 315 11.89 -19.75 -30.90
C GLU A 315 12.28 -18.30 -31.18
N ILE A 316 11.48 -17.33 -30.73
CA ILE A 316 11.83 -15.92 -30.94
C ILE A 316 12.95 -15.51 -29.99
N LEU A 317 12.76 -15.74 -28.69
CA LEU A 317 13.69 -15.28 -27.67
C LEU A 317 14.41 -16.43 -26.98
N LYS A 318 14.63 -17.53 -27.68
CA LYS A 318 15.24 -18.71 -27.06
C LYS A 318 16.73 -18.57 -26.82
N HIS A 319 17.38 -17.59 -27.43
CA HIS A 319 18.79 -17.32 -27.19
C HIS A 319 19.04 -15.99 -26.51
N GLU A 320 18.01 -15.18 -26.29
CA GLU A 320 18.13 -13.88 -25.62
C GLU A 320 17.54 -14.05 -24.22
N MET A 321 18.40 -14.42 -23.28
CA MET A 321 17.99 -14.74 -21.92
C MET A 321 18.66 -13.86 -20.86
N LYS A 322 19.90 -13.44 -21.10
CA LYS A 322 20.64 -12.57 -20.18
C LYS A 322 20.06 -11.16 -20.08
N VAL A 323 19.22 -10.75 -21.03
CA VAL A 323 18.50 -9.48 -20.92
C VAL A 323 17.35 -9.52 -19.95
N PHE A 324 16.95 -10.71 -19.47
CA PHE A 324 15.87 -10.84 -18.51
C PHE A 324 16.37 -11.05 -17.10
N PHE A 325 17.67 -10.94 -16.87
CA PHE A 325 18.22 -10.98 -15.52
C PHE A 325 17.86 -9.68 -14.80
N VAL A 326 17.37 -9.81 -13.57
CA VAL A 326 16.83 -8.65 -12.88
C VAL A 326 17.99 -7.85 -12.27
N LYS A 327 17.75 -6.55 -12.12
CA LYS A 327 18.71 -5.65 -11.49
C LYS A 327 18.18 -5.23 -10.13
N TYR A 328 19.04 -4.60 -9.34
CA TYR A 328 18.66 -4.20 -7.99
C TYR A 328 17.73 -2.99 -8.00
N ASN A 329 17.91 -2.08 -8.96
CA ASN A 329 17.08 -0.90 -9.05
C ASN A 329 15.83 -1.12 -9.91
N ASP A 330 15.59 -2.35 -10.34
CA ASP A 330 14.33 -2.68 -11.00
C ASP A 330 13.18 -2.63 -10.00
N PRO A 331 11.99 -2.24 -10.45
CA PRO A 331 10.81 -2.35 -9.58
C PRO A 331 10.38 -3.81 -9.41
N ILE A 332 9.53 -4.01 -8.40
CA ILE A 332 9.13 -5.36 -8.00
C ILE A 332 8.22 -6.01 -9.06
N TYR A 333 7.43 -5.21 -9.77
CA TYR A 333 6.61 -5.76 -10.84
C TYR A 333 7.45 -6.13 -12.06
N VAL A 334 8.57 -5.44 -12.26
CA VAL A 334 9.52 -5.82 -13.30
C VAL A 334 10.24 -7.10 -12.93
N LYS A 335 10.65 -7.22 -11.65
CA LYS A 335 11.43 -8.38 -11.20
C LYS A 335 10.61 -9.66 -11.16
N LEU A 336 9.35 -9.57 -10.70
CA LEU A 336 8.49 -10.75 -10.61
C LEU A 336 8.04 -11.26 -11.98
N GLU A 337 8.05 -10.40 -13.01
CA GLU A 337 7.77 -10.86 -14.35
C GLU A 337 9.03 -11.32 -15.08
N LYS A 338 10.18 -10.71 -14.77
CA LYS A 338 11.46 -11.15 -15.32
C LYS A 338 11.82 -12.55 -14.83
N LEU A 339 11.42 -12.89 -13.61
CA LEU A 339 11.57 -14.27 -13.13
C LEU A 339 10.72 -15.25 -13.92
N ASP A 340 9.52 -14.81 -14.35
CA ASP A 340 8.66 -15.67 -15.17
C ASP A 340 9.22 -15.88 -16.56
N ILE A 341 9.86 -14.84 -17.14
CA ILE A 341 10.50 -15.02 -18.44
C ILE A 341 11.74 -15.91 -18.32
N MET A 342 12.48 -15.78 -17.21
CA MET A 342 13.62 -16.66 -16.95
C MET A 342 13.19 -18.11 -16.73
N ILE A 343 11.98 -18.31 -16.20
CA ILE A 343 11.42 -19.66 -16.12
C ILE A 343 11.08 -20.19 -17.51
N ARG A 344 10.37 -19.38 -18.31
CA ARG A 344 9.85 -19.83 -19.59
C ARG A 344 10.94 -19.99 -20.65
N LEU A 345 12.09 -19.34 -20.48
CA LEU A 345 13.18 -19.45 -21.44
C LEU A 345 14.29 -20.38 -20.98
N ALA A 346 14.14 -21.06 -19.86
CA ALA A 346 15.22 -21.85 -19.29
C ALA A 346 15.42 -23.15 -20.06
N SER A 347 16.67 -23.55 -20.21
CA SER A 347 17.03 -24.77 -20.92
C SER A 347 18.35 -25.28 -20.37
N GLN A 348 18.89 -26.31 -21.03
CA GLN A 348 20.16 -26.91 -20.63
C GLN A 348 21.33 -25.97 -20.89
N ALA A 349 21.25 -25.15 -21.94
CA ALA A 349 22.35 -24.27 -22.31
C ALA A 349 22.49 -23.08 -21.38
N ASN A 350 21.42 -22.67 -20.69
CA ASN A 350 21.49 -21.49 -19.84
C ASN A 350 21.11 -21.77 -18.39
N ILE A 351 20.84 -23.03 -18.02
CA ILE A 351 20.32 -23.35 -16.69
C ILE A 351 21.37 -23.15 -15.59
N ALA A 352 22.66 -23.21 -15.92
CA ALA A 352 23.70 -22.93 -14.93
C ALA A 352 23.76 -21.44 -14.60
N GLN A 353 23.63 -20.59 -15.62
CA GLN A 353 23.57 -19.14 -15.40
C GLN A 353 22.28 -18.74 -14.70
N VAL A 354 21.18 -19.44 -14.99
CA VAL A 354 19.91 -19.18 -14.32
C VAL A 354 19.99 -19.57 -12.84
N LEU A 355 20.64 -20.70 -12.54
CA LEU A 355 20.82 -21.11 -11.15
C LEU A 355 21.78 -20.21 -10.39
N ALA A 356 22.81 -19.71 -11.08
CA ALA A 356 23.73 -18.75 -10.46
C ALA A 356 23.05 -17.40 -10.21
N GLU A 357 22.13 -17.00 -11.08
CA GLU A 357 21.37 -15.78 -10.85
C GLU A 357 20.32 -15.97 -9.77
N LEU A 358 19.70 -17.14 -9.71
CA LEU A 358 18.65 -17.41 -8.74
C LEU A 358 19.21 -17.62 -7.34
N ARG A 359 20.46 -18.09 -7.24
CA ARG A 359 21.15 -18.13 -5.96
C ARG A 359 21.43 -16.73 -5.44
N GLU A 360 21.69 -15.79 -6.34
CA GLU A 360 21.90 -14.40 -5.94
C GLU A 360 20.59 -13.74 -5.53
N TYR A 361 19.49 -14.09 -6.20
CA TYR A 361 18.20 -13.42 -5.99
C TYR A 361 17.56 -13.79 -4.67
N ALA A 362 17.93 -14.93 -4.08
CA ALA A 362 17.38 -15.35 -2.80
C ALA A 362 18.10 -14.72 -1.62
N THR A 363 19.17 -13.97 -1.86
CA THR A 363 19.87 -13.24 -0.81
C THR A 363 19.38 -11.80 -0.66
N GLU A 364 18.33 -11.43 -1.39
CA GLU A 364 17.79 -10.08 -1.27
C GLU A 364 16.90 -9.96 -0.03
N VAL A 365 16.48 -8.73 0.25
CA VAL A 365 15.61 -8.46 1.38
C VAL A 365 14.14 -8.36 0.98
N ASP A 366 13.84 -8.33 -0.32
CA ASP A 366 12.45 -8.32 -0.77
C ASP A 366 11.93 -9.73 -0.63
N VAL A 367 10.98 -9.93 0.29
CA VAL A 367 10.62 -11.25 0.78
C VAL A 367 9.88 -12.05 -0.28
N ASP A 368 8.88 -11.45 -0.93
CA ASP A 368 8.08 -12.14 -1.94
C ASP A 368 8.89 -12.45 -3.19
N PHE A 369 9.86 -11.58 -3.51
CA PHE A 369 10.81 -11.86 -4.58
C PHE A 369 11.73 -13.02 -4.22
N VAL A 370 12.08 -13.17 -2.94
CA VAL A 370 12.94 -14.27 -2.51
C VAL A 370 12.20 -15.61 -2.59
N ARG A 371 10.94 -15.65 -2.11
CA ARG A 371 10.15 -16.90 -2.23
C ARG A 371 9.79 -17.22 -3.68
N LYS A 372 9.60 -16.19 -4.52
CA LYS A 372 9.42 -16.43 -5.95
C LYS A 372 10.70 -16.95 -6.61
N ALA A 373 11.87 -16.53 -6.13
CA ALA A 373 13.13 -17.06 -6.66
C ALA A 373 13.37 -18.52 -6.24
N VAL A 374 12.97 -18.87 -5.01
CA VAL A 374 13.09 -20.26 -4.56
C VAL A 374 12.12 -21.17 -5.31
N ARG A 375 10.89 -20.69 -5.55
CA ARG A 375 9.94 -21.40 -6.39
C ARG A 375 10.40 -21.45 -7.85
N ALA A 376 11.18 -20.46 -8.29
CA ALA A 376 11.77 -20.51 -9.63
C ALA A 376 12.89 -21.54 -9.72
N ILE A 377 13.64 -21.75 -8.64
CA ILE A 377 14.63 -22.85 -8.59
C ILE A 377 13.92 -24.20 -8.70
N GLY A 378 12.79 -24.33 -8.02
CA GLY A 378 11.99 -25.54 -8.16
C GLY A 378 11.37 -25.74 -9.54
N ARG A 379 10.89 -24.66 -10.16
CA ARG A 379 10.34 -24.74 -11.50
C ARG A 379 11.42 -25.03 -12.55
N CYS A 380 12.65 -24.56 -12.31
CA CYS A 380 13.77 -24.92 -13.17
C CYS A 380 14.14 -26.38 -13.03
N ALA A 381 14.05 -26.92 -11.82
CA ALA A 381 14.31 -28.35 -11.63
C ALA A 381 13.22 -29.21 -12.27
N ILE A 382 11.97 -28.73 -12.25
CA ILE A 382 10.89 -29.46 -12.90
C ILE A 382 11.03 -29.40 -14.43
N LYS A 383 11.35 -28.21 -14.96
CA LYS A 383 11.40 -28.02 -16.41
C LYS A 383 12.63 -28.69 -17.02
N VAL A 384 13.81 -28.51 -16.41
CA VAL A 384 15.05 -29.07 -16.90
C VAL A 384 15.41 -30.25 -16.02
N GLU A 385 15.41 -31.46 -16.61
CA GLU A 385 15.62 -32.67 -15.83
C GLU A 385 17.09 -32.84 -15.43
N GLN A 386 18.01 -32.39 -16.27
CA GLN A 386 19.43 -32.61 -16.07
C GLN A 386 20.07 -31.66 -15.07
N SER A 387 19.33 -30.67 -14.58
CA SER A 387 19.86 -29.72 -13.60
C SER A 387 19.23 -29.89 -12.22
N ALA A 388 18.58 -31.03 -11.96
CA ALA A 388 17.83 -31.21 -10.73
C ALA A 388 18.74 -31.40 -9.53
N GLU A 389 19.89 -32.06 -9.71
CA GLU A 389 20.84 -32.18 -8.60
C GLU A 389 21.56 -30.86 -8.32
N ARG A 390 21.74 -30.02 -9.34
CA ARG A 390 22.30 -28.70 -9.14
C ARG A 390 21.32 -27.79 -8.42
N CYS A 391 20.03 -27.92 -8.75
CA CYS A 391 18.97 -27.21 -8.02
C CYS A 391 18.87 -27.68 -6.58
N VAL A 392 19.03 -28.99 -6.34
CA VAL A 392 18.95 -29.57 -5.00
C VAL A 392 20.12 -29.09 -4.14
N SER A 393 21.34 -29.04 -4.71
CA SER A 393 22.48 -28.51 -3.97
C SER A 393 22.38 -26.99 -3.76
N THR A 394 21.77 -26.28 -4.72
CA THR A 394 21.49 -24.86 -4.55
C THR A 394 20.51 -24.60 -3.40
N LEU A 395 19.48 -25.44 -3.29
CA LEU A 395 18.52 -25.32 -2.20
C LEU A 395 19.10 -25.75 -0.87
N LEU A 396 20.05 -26.69 -0.88
CA LEU A 396 20.74 -27.06 0.37
C LEU A 396 21.64 -25.93 0.86
N ASP A 397 22.33 -25.25 -0.06
CA ASP A 397 23.10 -24.07 0.33
C ASP A 397 22.21 -22.90 0.73
N LEU A 398 20.99 -22.83 0.18
CA LEU A 398 20.04 -21.83 0.66
C LEU A 398 19.49 -22.18 2.03
N ILE A 399 19.37 -23.48 2.32
CA ILE A 399 18.93 -23.94 3.63
C ILE A 399 20.01 -23.66 4.67
N GLN A 400 21.29 -23.81 4.29
CA GLN A 400 22.40 -23.60 5.21
C GLN A 400 22.64 -22.13 5.57
N THR A 401 21.99 -21.18 4.89
CA THR A 401 22.05 -19.78 5.30
C THR A 401 21.20 -19.49 6.52
N LYS A 402 20.28 -20.41 6.88
CA LYS A 402 19.44 -20.39 8.09
C LYS A 402 18.52 -19.18 8.14
N VAL A 403 18.07 -18.70 6.99
CA VAL A 403 17.05 -17.66 6.92
C VAL A 403 15.69 -18.33 6.87
N ASN A 404 14.72 -17.76 7.60
CA ASN A 404 13.49 -18.48 7.95
C ASN A 404 12.59 -18.70 6.75
N TYR A 405 12.31 -17.65 5.97
CA TYR A 405 11.41 -17.80 4.83
C TYR A 405 12.07 -18.55 3.67
N VAL A 406 13.40 -18.43 3.55
CA VAL A 406 14.17 -19.17 2.55
C VAL A 406 14.12 -20.67 2.86
N VAL A 407 14.28 -21.03 4.13
CA VAL A 407 14.22 -22.44 4.54
C VAL A 407 12.80 -22.98 4.40
N GLN A 408 11.81 -22.21 4.86
CA GLN A 408 10.42 -22.68 4.84
C GLN A 408 9.79 -22.64 3.45
N GLU A 409 10.44 -22.01 2.46
CA GLU A 409 10.08 -22.27 1.08
C GLU A 409 10.91 -23.39 0.46
N ALA A 410 12.14 -23.58 0.95
CA ALA A 410 13.04 -24.55 0.35
C ALA A 410 12.66 -25.98 0.65
N ILE A 411 12.05 -26.26 1.82
CA ILE A 411 11.55 -27.63 2.08
C ILE A 411 10.38 -27.97 1.16
N VAL A 412 9.48 -27.02 0.91
CA VAL A 412 8.34 -27.25 0.01
C VAL A 412 8.81 -27.43 -1.43
N VAL A 413 9.81 -26.64 -1.83
CA VAL A 413 10.35 -26.72 -3.18
C VAL A 413 11.14 -28.02 -3.38
N ILE A 414 11.92 -28.42 -2.37
CA ILE A 414 12.67 -29.69 -2.38
C ILE A 414 11.72 -30.88 -2.40
N LYS A 415 10.60 -30.79 -1.66
CA LYS A 415 9.59 -31.83 -1.66
C LYS A 415 8.90 -31.95 -3.02
N ASP A 416 8.60 -30.82 -3.66
CA ASP A 416 8.00 -30.83 -4.99
C ASP A 416 8.97 -31.34 -6.06
N ILE A 417 10.27 -31.17 -5.84
CA ILE A 417 11.25 -31.86 -6.68
C ILE A 417 11.22 -33.37 -6.41
N PHE A 418 11.08 -33.76 -5.14
CA PHE A 418 11.15 -35.15 -4.74
C PHE A 418 9.95 -35.97 -5.21
N ARG A 419 8.78 -35.34 -5.37
CA ARG A 419 7.65 -36.04 -5.94
C ARG A 419 7.81 -36.28 -7.44
N LYS A 420 8.62 -35.48 -8.12
CA LYS A 420 8.86 -35.66 -9.55
C LYS A 420 10.02 -36.62 -9.82
N TYR A 421 11.10 -36.54 -9.05
CA TYR A 421 12.27 -37.39 -9.21
C TYR A 421 12.52 -38.14 -7.90
N PRO A 422 11.84 -39.26 -7.67
CA PRO A 422 12.05 -40.03 -6.44
C PRO A 422 13.09 -41.13 -6.54
N ASN A 423 13.89 -41.15 -7.61
CA ASN A 423 14.75 -42.30 -7.88
C ASN A 423 16.04 -42.25 -7.06
N LYS A 424 16.86 -41.23 -7.27
CA LYS A 424 18.21 -41.21 -6.71
C LYS A 424 18.52 -39.86 -6.07
N TYR A 425 17.60 -39.35 -5.26
CA TYR A 425 17.84 -38.13 -4.50
C TYR A 425 17.63 -38.37 -3.00
N GLU A 426 17.99 -39.56 -2.53
CA GLU A 426 17.81 -39.96 -1.15
C GLU A 426 19.03 -39.71 -0.28
N SER A 427 20.10 -39.13 -0.84
CA SER A 427 21.32 -38.90 -0.08
C SER A 427 21.31 -37.61 0.73
N VAL A 428 20.29 -36.78 0.55
CA VAL A 428 20.22 -35.47 1.21
C VAL A 428 19.15 -35.44 2.28
N ILE A 429 18.52 -36.58 2.57
CA ILE A 429 17.49 -36.64 3.60
C ILE A 429 18.12 -36.55 4.99
N ALA A 430 19.36 -37.05 5.13
CA ALA A 430 20.04 -37.03 6.42
C ALA A 430 20.44 -35.62 6.84
N THR A 431 20.93 -34.81 5.90
CA THR A 431 21.16 -33.40 6.20
C THR A 431 19.89 -32.57 6.12
N LEU A 432 18.82 -33.12 5.52
CA LEU A 432 17.53 -32.44 5.54
C LEU A 432 16.82 -32.58 6.87
N CYS A 433 17.03 -33.69 7.57
CA CYS A 433 16.25 -34.03 8.75
C CYS A 433 16.66 -33.26 10.00
N GLU A 434 17.83 -32.63 10.02
CA GLU A 434 18.24 -31.77 11.13
C GLU A 434 18.58 -30.40 10.55
N ASN A 435 17.54 -29.59 10.33
CA ASN A 435 17.69 -28.26 9.75
C ASN A 435 16.73 -27.29 10.42
N LEU A 436 16.70 -27.34 11.76
CA LEU A 436 15.81 -26.55 12.64
C LEU A 436 14.34 -26.83 12.32
N ASP A 437 13.93 -28.04 12.67
CA ASP A 437 12.58 -28.57 12.43
C ASP A 437 11.50 -27.99 13.35
N SER A 438 11.77 -26.94 14.12
CA SER A 438 10.75 -26.17 14.81
C SER A 438 10.23 -25.01 13.97
N LEU A 439 10.29 -25.12 12.65
CA LEU A 439 9.77 -24.10 11.74
C LEU A 439 8.24 -24.03 11.80
N ASP A 440 7.72 -22.82 11.61
CA ASP A 440 6.34 -22.51 11.95
C ASP A 440 5.38 -22.57 10.77
N GLU A 441 5.87 -22.65 9.54
CA GLU A 441 4.97 -22.68 8.40
C GLU A 441 4.39 -24.08 8.23
N PRO A 442 3.06 -24.21 8.13
CA PRO A 442 2.47 -25.57 8.02
C PRO A 442 2.71 -26.23 6.68
N GLU A 443 2.93 -25.46 5.61
CA GLU A 443 3.30 -26.04 4.33
C GLU A 443 4.69 -26.67 4.38
N ALA A 444 5.65 -25.99 5.01
CA ALA A 444 6.99 -26.55 5.20
C ALA A 444 6.97 -27.72 6.17
N ARG A 445 6.10 -27.64 7.18
CA ARG A 445 5.91 -28.74 8.13
C ARG A 445 5.39 -29.99 7.45
N ALA A 446 4.36 -29.85 6.61
CA ALA A 446 3.78 -30.98 5.90
C ALA A 446 4.71 -31.53 4.83
N ALA A 447 5.51 -30.64 4.20
CA ALA A 447 6.51 -31.09 3.23
C ALA A 447 7.62 -31.90 3.90
N MET A 448 8.08 -31.44 5.07
CA MET A 448 9.15 -32.13 5.79
C MET A 448 8.65 -33.47 6.33
N ILE A 449 7.38 -33.49 6.77
CA ILE A 449 6.73 -34.71 7.24
C ILE A 449 6.55 -35.72 6.11
N TRP A 450 6.18 -35.23 4.91
CA TRP A 450 6.05 -36.14 3.76
C TRP A 450 7.39 -36.69 3.32
N ILE A 451 8.46 -35.88 3.42
CA ILE A 451 9.81 -36.35 3.10
C ILE A 451 10.24 -37.44 4.08
N VAL A 452 9.96 -37.22 5.38
CA VAL A 452 10.29 -38.20 6.43
C VAL A 452 9.51 -39.49 6.25
N GLY A 453 8.21 -39.40 5.97
CA GLY A 453 7.40 -40.60 5.82
C GLY A 453 7.60 -41.33 4.51
N GLU A 454 7.93 -40.62 3.45
CA GLU A 454 8.18 -41.26 2.16
C GLU A 454 9.55 -41.93 2.13
N TYR A 455 10.54 -41.34 2.78
CA TYR A 455 11.90 -41.89 2.77
C TYR A 455 12.28 -42.49 4.11
N ALA A 456 11.34 -43.17 4.77
CA ALA A 456 11.59 -43.77 6.08
C ALA A 456 12.22 -45.15 5.99
N GLU A 457 13.34 -45.26 5.29
CA GLU A 457 14.10 -46.50 5.24
C GLU A 457 15.56 -46.21 5.59
N ARG A 458 15.99 -44.98 5.29
CA ARG A 458 17.34 -44.54 5.57
C ARG A 458 17.43 -43.57 6.75
N ILE A 459 16.30 -43.12 7.28
CA ILE A 459 16.30 -42.20 8.42
C ILE A 459 16.30 -43.04 9.69
N ASP A 460 17.40 -42.97 10.44
CA ASP A 460 17.53 -43.72 11.68
C ASP A 460 16.94 -43.00 12.88
N ASN A 461 16.59 -41.73 12.76
CA ASN A 461 16.03 -40.98 13.87
C ASN A 461 14.62 -40.49 13.56
N ALA A 462 13.90 -41.23 12.71
CA ALA A 462 12.59 -40.79 12.22
C ALA A 462 11.53 -40.83 13.32
N ASP A 463 11.53 -41.89 14.14
CA ASP A 463 10.58 -42.00 15.24
C ASP A 463 10.88 -40.98 16.34
N GLU A 464 12.16 -40.77 16.64
CA GLU A 464 12.55 -39.80 17.65
C GLU A 464 12.54 -38.36 17.15
N LEU A 465 12.30 -38.11 15.86
CA LEU A 465 11.88 -36.76 15.47
C LEU A 465 10.37 -36.63 15.36
N LEU A 466 9.66 -37.72 15.05
CA LEU A 466 8.22 -37.65 14.88
C LEU A 466 7.45 -37.74 16.21
N GLU A 467 8.08 -38.25 17.26
CA GLU A 467 7.43 -38.35 18.56
C GLU A 467 7.32 -36.99 19.25
N SER A 468 8.27 -36.09 18.98
CA SER A 468 8.27 -34.76 19.58
C SER A 468 7.42 -33.77 18.80
N PHE A 469 6.74 -34.23 17.75
CA PHE A 469 5.98 -33.36 16.87
C PHE A 469 4.49 -33.45 17.20
N LEU A 470 4.11 -34.45 18.00
CA LEU A 470 2.72 -34.80 18.26
C LEU A 470 2.12 -34.09 19.47
N GLU A 471 2.86 -33.19 20.12
CA GLU A 471 2.41 -32.60 21.37
C GLU A 471 1.34 -31.54 21.20
N GLY A 472 1.14 -31.03 19.99
CA GLY A 472 0.13 -30.03 19.75
C GLY A 472 -0.75 -30.40 18.57
N PHE A 473 -1.07 -31.70 18.48
CA PHE A 473 -1.65 -32.31 17.29
C PHE A 473 -3.04 -31.77 16.98
N HIS A 474 -3.87 -31.58 17.99
CA HIS A 474 -5.21 -31.06 17.74
C HIS A 474 -5.25 -29.57 17.48
N ASP A 475 -4.14 -28.86 17.67
CA ASP A 475 -4.11 -27.40 17.51
C ASP A 475 -3.10 -26.91 16.48
N LYS A 476 -2.42 -27.80 15.75
CA LYS A 476 -1.46 -27.29 14.77
C LYS A 476 -2.13 -26.85 13.46
N SER A 477 -2.70 -27.79 12.71
CA SER A 477 -3.23 -27.54 11.37
C SER A 477 -4.13 -28.72 11.00
N THR A 478 -4.50 -28.80 9.73
CA THR A 478 -5.28 -29.90 9.17
C THR A 478 -4.49 -30.77 8.23
N GLN A 479 -3.80 -30.14 7.25
CA GLN A 479 -2.96 -30.87 6.31
C GLN A 479 -1.74 -31.47 6.99
N VAL A 480 -1.23 -30.80 8.03
CA VAL A 480 -0.13 -31.34 8.83
C VAL A 480 -0.61 -32.58 9.62
N GLN A 481 -1.85 -32.57 10.09
CA GLN A 481 -2.44 -33.74 10.76
C GLN A 481 -2.62 -34.91 9.79
N LEU A 482 -3.12 -34.64 8.58
CA LEU A 482 -3.32 -35.70 7.59
C LEU A 482 -2.00 -36.27 7.10
N GLN A 483 -1.00 -35.41 6.86
CA GLN A 483 0.32 -35.85 6.47
C GLN A 483 1.04 -36.56 7.61
N LEU A 484 0.79 -36.16 8.86
CA LEU A 484 1.36 -36.82 10.03
C LEU A 484 0.82 -38.23 10.19
N LEU A 485 -0.49 -38.40 10.01
CA LEU A 485 -1.12 -39.72 10.09
C LEU A 485 -0.64 -40.62 8.95
N THR A 486 -0.55 -40.07 7.73
CA THR A 486 -0.08 -40.84 6.58
C THR A 486 1.41 -41.22 6.71
N ALA A 487 2.24 -40.30 7.19
CA ALA A 487 3.67 -40.54 7.33
C ALA A 487 3.98 -41.52 8.45
N ILE A 488 3.26 -41.42 9.57
CA ILE A 488 3.46 -42.34 10.67
C ILE A 488 2.93 -43.74 10.35
N VAL A 489 1.82 -43.82 9.59
CA VAL A 489 1.32 -45.11 9.10
C VAL A 489 2.32 -45.75 8.13
N LYS A 490 2.88 -44.94 7.21
CA LYS A 490 3.87 -45.41 6.23
C LYS A 490 5.16 -45.86 6.90
N LEU A 491 5.59 -45.13 7.94
CA LEU A 491 6.76 -45.52 8.73
C LEU A 491 6.52 -46.82 9.48
N PHE A 492 5.29 -47.01 9.98
CA PHE A 492 4.94 -48.22 10.71
C PHE A 492 4.95 -49.44 9.79
N LEU A 493 4.37 -49.34 8.60
CA LEU A 493 4.35 -50.55 7.79
C LEU A 493 5.53 -50.60 6.82
N LYS A 494 6.46 -49.65 6.93
CA LYS A 494 7.81 -49.81 6.40
C LYS A 494 8.71 -50.55 7.38
N LYS A 495 8.64 -50.22 8.67
CA LYS A 495 9.34 -51.00 9.70
C LYS A 495 8.44 -51.21 10.93
N PRO A 496 7.89 -52.43 11.10
CA PRO A 496 6.95 -52.67 12.20
C PRO A 496 7.58 -53.10 13.51
N THR A 497 8.90 -52.93 13.69
CA THR A 497 9.54 -53.42 14.91
C THR A 497 9.31 -52.47 16.08
N GLU A 498 9.76 -51.23 15.95
CA GLU A 498 9.70 -50.26 17.05
C GLU A 498 8.55 -49.27 16.89
N THR A 499 7.67 -49.47 15.91
CA THR A 499 6.65 -48.49 15.54
C THR A 499 5.25 -48.92 15.95
N GLN A 500 5.12 -50.05 16.66
CA GLN A 500 3.80 -50.59 17.00
C GLN A 500 3.11 -49.76 18.07
N GLU A 501 3.87 -49.28 19.06
CA GLU A 501 3.31 -48.39 20.07
C GLU A 501 3.23 -46.95 19.58
N LEU A 502 3.85 -46.63 18.45
CA LEU A 502 3.84 -45.27 17.94
C LEU A 502 2.71 -45.07 16.93
N VAL A 503 2.31 -46.12 16.19
CA VAL A 503 1.17 -45.94 15.29
C VAL A 503 -0.15 -46.07 16.04
N GLN A 504 -0.14 -46.73 17.21
CA GLN A 504 -1.38 -46.96 17.94
C GLN A 504 -1.87 -45.69 18.62
N GLN A 505 -0.95 -44.90 19.17
CA GLN A 505 -1.30 -43.62 19.76
C GLN A 505 -1.68 -42.60 18.69
N VAL A 506 -1.21 -42.77 17.45
CA VAL A 506 -1.54 -41.84 16.39
C VAL A 506 -2.90 -42.16 15.81
N LEU A 507 -3.22 -43.45 15.66
CA LEU A 507 -4.56 -43.86 15.25
C LEU A 507 -5.60 -43.53 16.32
N SER A 508 -5.25 -43.68 17.60
CA SER A 508 -6.15 -43.25 18.66
C SER A 508 -6.26 -41.72 18.74
N LEU A 509 -5.19 -41.00 18.40
CA LEU A 509 -5.21 -39.55 18.42
C LEU A 509 -5.98 -38.96 17.26
N ALA A 510 -6.03 -39.67 16.13
CA ALA A 510 -6.81 -39.23 14.98
C ALA A 510 -8.21 -39.83 14.95
N THR A 511 -8.51 -40.79 15.82
CA THR A 511 -9.83 -41.41 15.86
C THR A 511 -10.65 -41.00 17.08
N GLN A 512 -10.11 -41.15 18.29
CA GLN A 512 -10.91 -40.99 19.49
C GLN A 512 -11.12 -39.53 19.85
N ASP A 513 -10.04 -38.81 20.14
CA ASP A 513 -10.13 -37.44 20.60
C ASP A 513 -9.96 -36.42 19.49
N SER A 514 -10.00 -36.84 18.23
CA SER A 514 -10.00 -35.93 17.11
C SER A 514 -11.42 -35.58 16.72
N ASP A 515 -11.66 -34.31 16.41
CA ASP A 515 -12.97 -33.84 16.02
C ASP A 515 -13.14 -33.68 14.52
N ASN A 516 -12.03 -33.60 13.77
CA ASN A 516 -12.08 -33.34 12.34
C ASN A 516 -12.61 -34.55 11.58
N PRO A 517 -13.65 -34.39 10.75
CA PRO A 517 -14.27 -35.56 10.12
C PRO A 517 -13.46 -36.18 8.99
N ASP A 518 -12.71 -35.40 8.22
CA ASP A 518 -11.88 -36.00 7.17
C ASP A 518 -10.68 -36.73 7.77
N LEU A 519 -10.11 -36.17 8.84
CA LEU A 519 -9.05 -36.86 9.58
C LEU A 519 -9.57 -38.11 10.28
N ARG A 520 -10.81 -38.06 10.77
CA ARG A 520 -11.43 -39.25 11.35
C ARG A 520 -11.73 -40.31 10.28
N ASP A 521 -12.11 -39.89 9.07
CA ASP A 521 -12.32 -40.81 7.96
C ASP A 521 -11.02 -41.50 7.56
N ARG A 522 -9.94 -40.72 7.45
CA ARG A 522 -8.63 -41.27 7.10
C ARG A 522 -8.08 -42.18 8.20
N GLY A 523 -8.27 -41.79 9.47
CA GLY A 523 -7.86 -42.63 10.57
C GLY A 523 -8.66 -43.91 10.71
N TYR A 524 -9.96 -43.85 10.43
CA TYR A 524 -10.78 -45.05 10.47
C TYR A 524 -10.48 -45.99 9.32
N ILE A 525 -10.20 -45.46 8.13
CA ILE A 525 -9.81 -46.28 6.99
C ILE A 525 -8.46 -46.95 7.23
N TYR A 526 -7.49 -46.19 7.78
CA TYR A 526 -6.18 -46.73 8.12
C TYR A 526 -6.26 -47.76 9.24
N TRP A 527 -7.08 -47.51 10.26
CA TRP A 527 -7.21 -48.43 11.39
C TRP A 527 -7.92 -49.72 10.97
N ARG A 528 -8.94 -49.61 10.12
CA ARG A 528 -9.63 -50.81 9.63
C ARG A 528 -8.76 -51.61 8.67
N LEU A 529 -7.94 -50.95 7.85
CA LEU A 529 -7.00 -51.65 6.98
C LEU A 529 -5.90 -52.35 7.78
N LEU A 530 -5.37 -51.69 8.82
CA LEU A 530 -4.33 -52.30 9.63
C LEU A 530 -4.87 -53.40 10.53
N SER A 531 -6.14 -53.29 10.95
CA SER A 531 -6.75 -54.37 11.72
C SER A 531 -7.17 -55.54 10.84
N THR A 532 -7.51 -55.29 9.57
CA THR A 532 -7.92 -56.37 8.69
C THR A 532 -6.70 -57.13 8.14
N ASP A 533 -5.83 -56.43 7.39
CA ASP A 533 -4.73 -57.13 6.76
C ASP A 533 -3.54 -56.20 6.53
N PRO A 534 -2.44 -56.38 7.29
CA PRO A 534 -1.21 -55.62 7.00
C PRO A 534 -0.54 -56.03 5.69
N VAL A 535 -0.74 -57.27 5.24
CA VAL A 535 -0.19 -57.73 3.97
C VAL A 535 -0.88 -57.03 2.81
N ALA A 536 -2.21 -56.88 2.88
CA ALA A 536 -2.93 -56.09 1.88
C ALA A 536 -2.66 -54.60 2.04
N ALA A 537 -2.42 -54.15 3.28
CA ALA A 537 -2.13 -52.75 3.54
C ALA A 537 -0.78 -52.32 2.99
N LYS A 538 0.18 -53.25 2.94
CA LYS A 538 1.49 -52.97 2.34
C LYS A 538 1.35 -52.69 0.84
N GLU A 539 0.50 -53.44 0.16
CA GLU A 539 0.25 -53.20 -1.25
C GLU A 539 -0.63 -51.97 -1.48
N VAL A 540 -1.50 -51.63 -0.54
CA VAL A 540 -2.39 -50.49 -0.74
C VAL A 540 -1.67 -49.18 -0.46
N VAL A 541 -1.03 -49.06 0.70
CA VAL A 541 -0.47 -47.77 1.14
C VAL A 541 0.82 -47.45 0.38
N LEU A 542 1.72 -48.42 0.27
CA LEU A 542 2.89 -48.25 -0.61
C LEU A 542 2.63 -48.83 -1.99
N ALA A 543 1.54 -48.41 -2.61
CA ALA A 543 1.32 -48.72 -4.02
C ALA A 543 2.27 -47.88 -4.87
N GLU A 544 2.52 -48.37 -6.09
CA GLU A 544 3.40 -47.68 -7.03
C GLU A 544 2.67 -46.46 -7.55
N LYS A 545 3.06 -45.29 -7.05
CA LYS A 545 2.46 -44.04 -7.49
C LYS A 545 2.97 -43.71 -8.90
N PRO A 546 2.08 -43.36 -9.83
CA PRO A 546 2.50 -43.10 -11.21
C PRO A 546 3.16 -41.73 -11.35
N LEU A 547 3.59 -41.45 -12.56
CA LEU A 547 4.20 -40.15 -12.87
C LEU A 547 3.15 -39.05 -12.84
N ILE A 548 3.50 -37.95 -12.19
CA ILE A 548 2.54 -36.89 -11.91
C ILE A 548 2.30 -36.07 -13.16
N SER A 549 1.03 -35.92 -13.54
CA SER A 549 0.64 -34.97 -14.57
C SER A 549 0.86 -33.57 -14.03
N GLU A 550 1.91 -32.91 -14.52
CA GLU A 550 2.26 -31.58 -14.05
C GLU A 550 1.25 -30.56 -14.54
N GLU A 551 0.97 -29.57 -13.70
CA GLU A 551 0.11 -28.47 -14.11
C GLU A 551 0.83 -27.58 -15.11
N THR A 552 0.06 -26.91 -15.94
CA THR A 552 0.60 -26.14 -17.05
C THR A 552 0.44 -24.65 -16.76
N ASP A 553 1.57 -23.94 -16.69
CA ASP A 553 1.54 -22.49 -16.70
C ASP A 553 1.34 -21.95 -18.12
N LEU A 554 1.55 -22.79 -19.13
CA LEU A 554 1.37 -22.39 -20.51
C LEU A 554 -0.13 -22.33 -20.81
N ILE A 555 -0.55 -21.24 -21.46
CA ILE A 555 -1.96 -21.03 -21.78
C ILE A 555 -2.38 -21.97 -22.92
N GLU A 556 -3.62 -22.47 -22.85
CA GLU A 556 -4.20 -23.31 -23.89
C GLU A 556 -4.28 -22.52 -25.21
N PRO A 557 -4.06 -23.19 -26.36
CA PRO A 557 -3.85 -22.43 -27.61
C PRO A 557 -5.08 -21.71 -28.16
N THR A 558 -6.29 -22.16 -27.80
CA THR A 558 -7.49 -21.42 -28.21
C THR A 558 -7.60 -20.08 -27.49
N LEU A 559 -7.19 -20.04 -26.22
CA LEU A 559 -7.08 -18.78 -25.51
C LEU A 559 -5.86 -17.99 -25.94
N LEU A 560 -4.78 -18.69 -26.32
CA LEU A 560 -3.52 -18.03 -26.66
C LEU A 560 -3.61 -17.31 -28.01
N ASP A 561 -4.34 -17.88 -28.97
CA ASP A 561 -4.55 -17.24 -30.26
C ASP A 561 -5.41 -15.98 -30.12
N GLU A 562 -6.37 -16.00 -29.20
CA GLU A 562 -7.18 -14.82 -28.92
C GLU A 562 -6.37 -13.77 -28.18
N LEU A 563 -5.50 -14.20 -27.27
CA LEU A 563 -4.68 -13.26 -26.50
C LEU A 563 -3.54 -12.67 -27.31
N ILE A 564 -3.15 -13.32 -28.42
CA ILE A 564 -2.21 -12.71 -29.36
C ILE A 564 -2.87 -11.54 -30.10
N CYS A 565 -4.18 -11.62 -30.34
CA CYS A 565 -4.92 -10.52 -30.95
C CYS A 565 -5.08 -9.30 -30.03
N TYR A 566 -4.84 -9.45 -28.72
CA TYR A 566 -4.80 -8.34 -27.78
C TYR A 566 -3.39 -8.23 -27.22
N ILE A 567 -2.51 -7.52 -27.91
CA ILE A 567 -1.14 -7.25 -27.47
C ILE A 567 -0.99 -5.75 -27.25
N GLY A 568 -0.49 -5.38 -26.07
CA GLY A 568 -0.41 -4.00 -25.67
C GLY A 568 -1.59 -3.49 -24.91
N THR A 569 -2.47 -4.38 -24.44
CA THR A 569 -3.71 -4.01 -23.79
C THR A 569 -3.77 -4.60 -22.38
N LEU A 570 -4.88 -4.31 -21.71
CA LEU A 570 -5.13 -4.83 -20.37
C LEU A 570 -5.38 -6.34 -20.41
N ALA A 571 -5.89 -6.86 -21.52
CA ALA A 571 -6.00 -8.31 -21.71
C ALA A 571 -4.62 -8.95 -21.79
N SER A 572 -3.66 -8.27 -22.42
CA SER A 572 -2.29 -8.75 -22.48
C SER A 572 -1.61 -8.68 -21.12
N VAL A 573 -1.95 -7.67 -20.32
CA VAL A 573 -1.40 -7.57 -18.97
C VAL A 573 -1.99 -8.66 -18.07
N TYR A 574 -3.31 -8.80 -18.08
CA TYR A 574 -3.98 -9.70 -17.15
C TYR A 574 -3.96 -11.15 -17.60
N HIS A 575 -3.57 -11.43 -18.85
CA HIS A 575 -3.57 -12.77 -19.48
C HIS A 575 -4.95 -13.41 -19.43
N LYS A 576 -5.97 -12.60 -19.68
CA LYS A 576 -7.37 -12.97 -19.58
C LYS A 576 -8.08 -12.47 -20.83
N PRO A 577 -9.26 -13.02 -21.16
CA PRO A 577 -10.10 -12.39 -22.17
C PRO A 577 -10.60 -11.04 -21.69
N PRO A 578 -10.87 -10.10 -22.61
CA PRO A 578 -11.37 -8.77 -22.19
C PRO A 578 -12.76 -8.79 -21.59
N SER A 579 -13.56 -9.83 -21.85
CA SER A 579 -14.87 -9.97 -21.23
C SER A 579 -14.79 -10.41 -19.77
N ALA A 580 -13.62 -10.82 -19.29
CA ALA A 580 -13.45 -11.29 -17.92
C ALA A 580 -13.13 -10.18 -16.93
N PHE A 581 -12.94 -8.93 -17.39
CA PHE A 581 -12.67 -7.87 -16.43
C PHE A 581 -13.37 -6.55 -16.77
N VAL A 582 -14.32 -6.53 -17.70
CA VAL A 582 -15.08 -5.32 -17.98
C VAL A 582 -16.32 -5.31 -17.11
N GLU A 583 -16.74 -4.11 -16.71
CA GLU A 583 -17.92 -3.97 -15.85
C GLU A 583 -18.71 -2.72 -16.24
N GLU B 1 -22.19 49.92 -22.10
CA GLU B 1 -22.21 49.70 -20.67
C GLU B 1 -23.61 49.29 -20.22
N MET B 2 -24.53 49.22 -21.17
CA MET B 2 -25.95 49.05 -20.89
C MET B 2 -26.46 47.82 -21.62
N ARG B 3 -27.49 47.19 -21.04
CA ARG B 3 -27.96 45.87 -21.47
C ARG B 3 -29.45 45.91 -21.71
N ILE B 4 -29.89 45.28 -22.81
CA ILE B 4 -31.31 45.01 -23.04
C ILE B 4 -31.50 43.52 -23.29
N LEU B 5 -32.77 43.12 -23.39
CA LEU B 5 -33.15 41.74 -23.64
C LEU B 5 -34.23 41.72 -24.72
N MET B 6 -34.04 40.86 -25.72
CA MET B 6 -35.04 40.69 -26.79
C MET B 6 -35.50 39.24 -26.79
N VAL B 7 -36.77 39.03 -26.45
CA VAL B 7 -37.40 37.71 -26.42
C VAL B 7 -38.60 37.74 -27.36
N GLY B 8 -39.23 36.58 -27.51
CA GLY B 8 -40.36 36.45 -28.41
C GLY B 8 -40.85 35.02 -28.58
N LEU B 9 -41.20 34.65 -29.82
CA LEU B 9 -41.74 33.33 -30.11
C LEU B 9 -41.05 32.70 -31.31
N ASP B 10 -41.58 31.58 -31.79
CA ASP B 10 -41.04 30.95 -32.99
C ASP B 10 -41.47 31.72 -34.24
N ALA B 11 -40.51 31.83 -35.18
CA ALA B 11 -40.67 32.45 -36.52
C ALA B 11 -41.14 33.90 -36.43
N ALA B 12 -40.61 34.63 -35.46
CA ALA B 12 -40.94 36.04 -35.26
C ALA B 12 -40.01 36.98 -36.02
N GLY B 13 -39.09 36.45 -36.82
CA GLY B 13 -38.12 37.28 -37.50
C GLY B 13 -37.06 37.84 -36.59
N LYS B 14 -36.78 37.16 -35.46
CA LYS B 14 -36.11 37.81 -34.33
C LYS B 14 -34.61 37.95 -34.55
N THR B 15 -33.95 36.85 -34.94
CA THR B 15 -32.53 36.90 -35.24
C THR B 15 -32.27 37.63 -36.55
N THR B 16 -33.25 37.64 -37.46
CA THR B 16 -33.10 38.40 -38.72
C THR B 16 -33.14 39.90 -38.48
N ILE B 17 -34.02 40.38 -37.60
CA ILE B 17 -34.01 41.82 -37.32
C ILE B 17 -32.84 42.17 -36.40
N LEU B 18 -32.33 41.22 -35.60
CA LEU B 18 -31.09 41.43 -34.86
C LEU B 18 -29.89 41.60 -35.81
N TYR B 19 -29.78 40.75 -36.83
CA TYR B 19 -28.69 40.90 -37.77
C TYR B 19 -28.90 42.05 -38.75
N LYS B 20 -30.14 42.51 -38.94
CA LYS B 20 -30.37 43.73 -39.70
C LYS B 20 -29.94 44.96 -38.88
N LEU B 21 -30.13 44.91 -37.56
CA LEU B 21 -29.54 45.93 -36.70
C LEU B 21 -28.02 45.84 -36.67
N LYS B 22 -27.46 44.64 -36.83
CA LYS B 22 -26.02 44.47 -36.80
C LYS B 22 -25.36 45.00 -38.07
N LEU B 23 -25.65 44.37 -39.21
CA LEU B 23 -24.99 44.73 -40.47
C LEU B 23 -25.92 45.48 -41.41
N GLY B 24 -27.11 44.94 -41.66
CA GLY B 24 -28.06 45.62 -42.53
C GLY B 24 -28.77 44.69 -43.49
N GLU B 25 -28.18 43.54 -43.77
CA GLU B 25 -28.79 42.54 -44.64
C GLU B 25 -29.29 41.37 -43.80
N ILE B 26 -30.19 40.60 -44.40
CA ILE B 26 -30.83 39.47 -43.73
C ILE B 26 -30.14 38.20 -44.17
N VAL B 27 -29.61 37.45 -43.21
CA VAL B 27 -28.93 36.20 -43.50
C VAL B 27 -29.87 35.05 -43.21
N THR B 28 -29.51 33.85 -43.67
CA THR B 28 -30.31 32.66 -43.44
C THR B 28 -30.12 32.21 -42.00
N THR B 29 -31.19 32.25 -41.21
CA THR B 29 -31.14 31.94 -39.79
C THR B 29 -31.90 30.66 -39.50
N ILE B 30 -31.33 29.82 -38.64
CA ILE B 30 -31.99 28.63 -38.11
C ILE B 30 -32.81 29.07 -36.90
N PRO B 31 -33.73 28.25 -36.39
CA PRO B 31 -34.29 28.50 -35.05
C PRO B 31 -33.22 28.49 -33.98
N THR B 32 -33.11 29.61 -33.27
CA THR B 32 -32.03 29.82 -32.31
C THR B 32 -32.33 29.06 -31.03
N ILE B 33 -31.44 28.14 -30.67
CA ILE B 33 -31.65 27.32 -29.48
C ILE B 33 -31.12 28.05 -28.24
N GLY B 34 -29.89 28.50 -28.28
CA GLY B 34 -29.31 29.19 -27.15
C GLY B 34 -29.57 30.67 -27.21
N PHE B 35 -28.52 31.46 -27.38
CA PHE B 35 -28.62 32.91 -27.32
C PHE B 35 -27.78 33.54 -28.42
N ASN B 36 -27.95 34.85 -28.58
CA ASN B 36 -27.11 35.66 -29.44
C ASN B 36 -26.82 36.98 -28.74
N VAL B 37 -25.54 37.28 -28.55
CA VAL B 37 -25.10 38.53 -27.94
C VAL B 37 -24.40 39.35 -29.02
N GLU B 38 -25.00 40.47 -29.39
CA GLU B 38 -24.43 41.40 -30.35
C GLU B 38 -24.48 42.81 -29.79
N THR B 39 -23.48 43.59 -30.15
CA THR B 39 -23.45 45.01 -29.81
C THR B 39 -23.44 45.83 -31.10
N VAL B 40 -23.96 47.05 -31.01
CA VAL B 40 -24.09 47.92 -32.19
C VAL B 40 -23.83 49.35 -31.74
N GLU B 41 -22.88 50.01 -32.40
CA GLU B 41 -22.52 51.39 -32.11
C GLU B 41 -23.46 52.28 -32.91
N TYR B 42 -24.31 53.03 -32.22
CA TYR B 42 -25.28 53.89 -32.88
C TYR B 42 -25.61 55.07 -31.97
N LYS B 43 -25.44 56.29 -32.51
CA LYS B 43 -25.49 57.61 -31.84
C LYS B 43 -24.88 57.61 -30.43
N ASN B 44 -23.58 57.26 -30.40
CA ASN B 44 -22.64 57.34 -29.27
C ASN B 44 -23.12 56.64 -27.98
N ILE B 45 -23.96 55.62 -28.10
CA ILE B 45 -24.35 54.78 -26.97
C ILE B 45 -24.22 53.32 -27.41
N SER B 46 -23.54 52.52 -26.58
CA SER B 46 -23.32 51.11 -26.88
C SER B 46 -24.58 50.32 -26.55
N PHE B 47 -25.13 49.61 -27.53
CA PHE B 47 -26.37 48.89 -27.38
C PHE B 47 -26.10 47.39 -27.49
N THR B 48 -26.09 46.70 -26.35
CA THR B 48 -25.87 45.26 -26.32
C THR B 48 -27.21 44.55 -26.22
N VAL B 49 -27.51 43.75 -27.23
CA VAL B 49 -28.82 43.12 -27.39
C VAL B 49 -28.69 41.63 -27.10
N TRP B 50 -29.55 41.11 -26.24
CA TRP B 50 -29.49 39.71 -25.81
C TRP B 50 -30.69 38.99 -26.39
N ASP B 51 -30.53 38.46 -27.60
CA ASP B 51 -31.57 37.66 -28.22
C ASP B 51 -31.58 36.26 -27.63
N VAL B 52 -32.72 35.84 -27.08
CA VAL B 52 -32.91 34.50 -26.55
C VAL B 52 -34.04 33.85 -27.34
N GLY B 53 -33.88 32.58 -27.69
CA GLY B 53 -34.89 31.87 -28.46
C GLY B 53 -36.15 31.58 -27.66
N GLY B 54 -37.17 31.12 -28.39
CA GLY B 54 -38.49 30.99 -27.82
C GLY B 54 -39.22 29.68 -28.07
N LEU B 55 -38.50 28.55 -28.08
CA LEU B 55 -39.14 27.27 -28.35
C LEU B 55 -39.88 26.74 -27.12
N ASP B 56 -40.51 25.57 -27.30
CA ASP B 56 -41.38 25.02 -26.26
C ASP B 56 -40.60 24.43 -25.10
N LYS B 57 -39.45 23.81 -25.39
CA LYS B 57 -38.55 23.28 -24.36
C LYS B 57 -37.60 24.34 -23.82
N ILE B 58 -37.71 25.56 -24.31
CA ILE B 58 -36.67 26.57 -24.20
C ILE B 58 -37.10 27.72 -23.30
N ARG B 59 -38.42 27.99 -23.24
CA ARG B 59 -39.07 29.09 -22.51
C ARG B 59 -38.69 29.30 -21.03
N PRO B 60 -38.60 28.26 -20.11
CA PRO B 60 -38.33 28.62 -18.70
C PRO B 60 -36.87 28.84 -18.36
N LEU B 61 -36.02 29.04 -19.37
CA LEU B 61 -34.63 29.42 -19.18
C LEU B 61 -34.42 30.92 -19.15
N TRP B 62 -35.49 31.71 -19.21
CA TRP B 62 -35.37 33.15 -19.26
C TRP B 62 -35.14 33.79 -17.89
N ARG B 63 -35.22 33.01 -16.81
CA ARG B 63 -35.12 33.57 -15.46
C ARG B 63 -33.73 34.08 -15.10
N HIS B 64 -32.66 33.59 -15.73
CA HIS B 64 -31.36 34.24 -15.55
C HIS B 64 -31.24 35.47 -16.43
N TYR B 65 -31.97 35.51 -17.54
CA TYR B 65 -31.81 36.58 -18.52
C TYR B 65 -32.46 37.88 -18.06
N PHE B 66 -33.31 37.84 -17.03
CA PHE B 66 -33.88 39.04 -16.43
C PHE B 66 -32.91 39.76 -15.49
N GLN B 67 -31.80 39.14 -15.12
CA GLN B 67 -30.86 39.79 -14.23
C GLN B 67 -30.02 40.82 -14.98
N ASN B 68 -29.89 42.01 -14.36
CA ASN B 68 -29.03 43.12 -14.80
C ASN B 68 -29.38 43.64 -16.19
N THR B 69 -30.68 43.74 -16.46
CA THR B 69 -31.15 44.40 -17.68
C THR B 69 -32.20 45.44 -17.33
N GLN B 70 -32.12 46.59 -18.00
CA GLN B 70 -33.08 47.66 -17.82
C GLN B 70 -33.80 48.04 -19.12
N GLY B 71 -33.76 47.17 -20.13
CA GLY B 71 -34.56 47.35 -21.33
C GLY B 71 -35.08 46.01 -21.78
N LEU B 72 -36.30 46.00 -22.31
CA LEU B 72 -36.93 44.77 -22.75
C LEU B 72 -37.50 45.00 -24.14
N ILE B 73 -37.32 44.02 -25.02
CA ILE B 73 -37.89 44.05 -26.36
C ILE B 73 -38.71 42.77 -26.52
N PHE B 74 -39.98 42.92 -26.87
CA PHE B 74 -40.84 41.79 -27.17
C PHE B 74 -41.21 41.83 -28.64
N VAL B 75 -40.89 40.75 -29.35
CA VAL B 75 -41.22 40.62 -30.77
C VAL B 75 -42.39 39.67 -30.89
N VAL B 76 -43.49 40.15 -31.48
CA VAL B 76 -44.72 39.39 -31.61
C VAL B 76 -45.02 39.18 -33.09
N ASP B 77 -45.18 37.93 -33.48
CA ASP B 77 -45.53 37.60 -34.86
C ASP B 77 -46.99 37.92 -35.11
N SER B 78 -47.29 38.45 -36.30
CA SER B 78 -48.61 39.01 -36.60
C SER B 78 -49.47 38.11 -37.48
N ASN B 79 -49.08 36.86 -37.73
CA ASN B 79 -49.80 36.00 -38.65
C ASN B 79 -50.47 34.81 -38.00
N ASP B 80 -50.29 34.63 -36.69
CA ASP B 80 -50.57 33.35 -36.02
C ASP B 80 -51.48 33.54 -34.81
N ARG B 81 -52.78 33.57 -35.11
CA ARG B 81 -53.83 33.98 -34.17
C ARG B 81 -54.02 32.97 -33.05
N GLU B 82 -53.72 31.70 -33.32
CA GLU B 82 -53.85 30.66 -32.31
C GLU B 82 -52.72 30.66 -31.29
N ARG B 83 -51.61 31.33 -31.56
CA ARG B 83 -50.53 31.41 -30.59
C ARG B 83 -50.33 32.83 -30.06
N VAL B 84 -51.14 33.80 -30.50
CA VAL B 84 -51.30 35.04 -29.72
C VAL B 84 -51.82 34.76 -28.30
N ASN B 85 -52.66 33.73 -28.11
CA ASN B 85 -53.16 33.41 -26.77
C ASN B 85 -52.07 32.82 -25.86
N GLU B 86 -51.17 32.00 -26.40
CA GLU B 86 -50.08 31.58 -25.54
C GLU B 86 -48.99 32.65 -25.42
N ALA B 87 -48.94 33.60 -26.36
CA ALA B 87 -48.13 34.81 -26.16
C ALA B 87 -48.68 35.66 -25.02
N ARG B 88 -50.02 35.73 -24.91
CA ARG B 88 -50.69 36.39 -23.78
C ARG B 88 -50.32 35.73 -22.47
N GLU B 89 -50.37 34.39 -22.44
CA GLU B 89 -50.04 33.62 -21.25
C GLU B 89 -48.56 33.79 -20.90
N GLU B 90 -47.70 33.84 -21.93
CA GLU B 90 -46.26 34.01 -21.71
C GLU B 90 -45.92 35.40 -21.16
N LEU B 91 -46.59 36.44 -21.67
CA LEU B 91 -46.34 37.79 -21.17
C LEU B 91 -46.88 37.98 -19.76
N MET B 92 -48.06 37.41 -19.46
CA MET B 92 -48.61 37.55 -18.11
C MET B 92 -47.89 36.66 -17.09
N ARG B 93 -47.19 35.61 -17.54
CA ARG B 93 -46.35 34.89 -16.58
C ARG B 93 -44.98 35.57 -16.44
N MET B 94 -44.48 36.15 -17.54
CA MET B 94 -43.14 36.72 -17.55
C MET B 94 -43.08 38.05 -16.83
N LEU B 95 -44.21 38.77 -16.75
CA LEU B 95 -44.28 40.00 -15.97
C LEU B 95 -44.90 39.81 -14.60
N ALA B 96 -44.76 38.63 -13.99
CA ALA B 96 -45.39 38.30 -12.72
C ALA B 96 -44.36 37.89 -11.66
N GLU B 97 -43.24 38.61 -11.60
CA GLU B 97 -42.20 38.37 -10.60
C GLU B 97 -41.92 39.68 -9.88
N ASP B 98 -40.99 39.65 -8.92
CA ASP B 98 -40.62 40.82 -8.14
C ASP B 98 -39.26 41.40 -8.51
N GLU B 99 -38.64 40.94 -9.60
CA GLU B 99 -37.29 41.37 -9.92
C GLU B 99 -37.26 42.53 -10.93
N LEU B 100 -37.83 42.34 -12.13
CA LEU B 100 -37.67 43.31 -13.23
C LEU B 100 -38.80 44.34 -13.19
N ARG B 101 -38.60 45.36 -12.36
CA ARG B 101 -39.45 46.55 -12.25
C ARG B 101 -38.90 47.78 -12.94
N ASP B 102 -37.59 47.98 -12.99
CA ASP B 102 -37.03 49.23 -13.47
C ASP B 102 -36.84 49.28 -14.99
N ALA B 103 -37.19 48.22 -15.69
CA ALA B 103 -36.95 48.14 -17.13
C ALA B 103 -38.13 48.72 -17.92
N VAL B 104 -37.81 49.28 -19.08
CA VAL B 104 -38.82 49.74 -20.03
C VAL B 104 -39.28 48.54 -20.85
N LEU B 105 -40.36 48.70 -21.61
CA LEU B 105 -40.92 47.62 -22.40
C LEU B 105 -41.09 48.11 -23.83
N LEU B 106 -40.72 47.27 -24.80
CA LEU B 106 -40.88 47.58 -26.21
C LEU B 106 -41.58 46.42 -26.90
N VAL B 107 -42.62 46.74 -27.66
CA VAL B 107 -43.36 45.75 -28.44
C VAL B 107 -42.95 45.89 -29.90
N PHE B 108 -42.58 44.77 -30.53
CA PHE B 108 -42.13 44.76 -31.92
C PHE B 108 -43.10 43.91 -32.74
N ALA B 109 -44.17 44.53 -33.25
CA ALA B 109 -45.05 43.85 -34.18
C ALA B 109 -44.44 43.93 -35.58
N ASN B 110 -44.36 42.78 -36.25
CA ASN B 110 -43.64 42.66 -37.51
C ASN B 110 -44.58 42.14 -38.60
N LYS B 111 -43.95 41.82 -39.74
CA LYS B 111 -44.58 41.21 -40.93
C LYS B 111 -45.71 42.05 -41.50
N GLN B 112 -45.54 43.37 -41.48
CA GLN B 112 -46.56 44.26 -42.05
C GLN B 112 -46.19 44.66 -43.48
N ASP B 113 -46.10 43.64 -44.32
CA ASP B 113 -45.87 43.78 -45.76
C ASP B 113 -46.86 43.00 -46.60
N LEU B 114 -47.25 41.81 -46.17
CA LEU B 114 -48.23 41.02 -46.90
C LEU B 114 -49.64 41.60 -46.68
N PRO B 115 -50.58 41.37 -47.61
CA PRO B 115 -51.95 41.90 -47.43
C PRO B 115 -52.75 41.22 -46.32
N ASN B 116 -52.30 40.10 -45.75
CA ASN B 116 -52.98 39.51 -44.60
C ASN B 116 -52.64 40.24 -43.30
N ALA B 117 -51.66 41.14 -43.31
CA ALA B 117 -51.29 41.90 -42.14
C ALA B 117 -52.31 43.00 -41.84
N MET B 118 -52.05 43.73 -40.75
CA MET B 118 -53.04 44.65 -40.20
C MET B 118 -52.30 45.84 -39.59
N ASN B 119 -53.07 46.72 -38.96
CA ASN B 119 -52.53 47.89 -38.27
C ASN B 119 -52.03 47.51 -36.87
N ALA B 120 -51.72 48.51 -36.06
CA ALA B 120 -51.11 48.25 -34.76
C ALA B 120 -51.96 48.80 -33.61
N ALA B 121 -53.26 48.57 -33.66
CA ALA B 121 -54.14 48.99 -32.57
C ALA B 121 -54.99 47.85 -32.04
N GLU B 122 -55.47 46.97 -32.92
CA GLU B 122 -56.31 45.85 -32.50
C GLU B 122 -55.51 44.83 -31.70
N ILE B 123 -54.23 44.66 -32.07
CA ILE B 123 -53.30 43.83 -31.31
C ILE B 123 -53.04 44.46 -29.94
N THR B 124 -52.99 45.79 -29.87
CA THR B 124 -52.71 46.50 -28.62
C THR B 124 -53.85 46.37 -27.61
N ASP B 125 -55.09 46.63 -28.05
CA ASP B 125 -56.18 46.47 -27.08
C ASP B 125 -56.72 45.04 -27.03
N LYS B 126 -56.18 44.12 -27.83
CA LYS B 126 -56.41 42.70 -27.57
C LYS B 126 -55.45 42.17 -26.51
N LEU B 127 -54.17 42.55 -26.59
CA LEU B 127 -53.21 42.15 -25.56
C LEU B 127 -53.49 42.82 -24.22
N GLY B 128 -53.94 44.08 -24.24
CA GLY B 128 -54.29 44.75 -23.01
C GLY B 128 -53.08 45.14 -22.20
N LEU B 129 -52.27 46.03 -22.76
CA LEU B 129 -51.10 46.54 -22.06
C LEU B 129 -51.43 47.68 -21.12
N HIS B 130 -52.69 48.11 -21.08
CA HIS B 130 -53.17 49.13 -20.15
C HIS B 130 -53.49 48.55 -18.77
N SER B 131 -53.49 47.22 -18.64
CA SER B 131 -53.80 46.57 -17.37
C SER B 131 -52.57 46.41 -16.48
N LEU B 132 -51.38 46.76 -16.98
CA LEU B 132 -50.16 46.68 -16.21
C LEU B 132 -49.57 48.07 -16.04
N ARG B 133 -49.06 48.35 -14.84
CA ARG B 133 -48.66 49.68 -14.44
C ARG B 133 -47.15 49.83 -14.43
N HIS B 134 -46.70 51.09 -14.27
CA HIS B 134 -45.31 51.51 -14.11
C HIS B 134 -44.43 51.10 -15.30
N ARG B 135 -45.00 51.14 -16.51
CA ARG B 135 -44.29 50.75 -17.70
C ARG B 135 -44.63 51.72 -18.83
N ASN B 136 -43.67 51.92 -19.73
CA ASN B 136 -43.86 52.75 -20.91
C ASN B 136 -44.12 51.85 -22.11
N TRP B 137 -45.25 52.07 -22.78
CA TRP B 137 -45.58 51.25 -23.94
C TRP B 137 -46.28 52.09 -25.00
N TYR B 138 -45.95 51.79 -26.26
CA TYR B 138 -46.72 52.11 -27.45
C TYR B 138 -46.19 51.17 -28.53
N ILE B 139 -46.75 51.26 -29.73
CA ILE B 139 -46.43 50.30 -30.79
C ILE B 139 -46.44 51.02 -32.14
N GLN B 140 -45.38 50.79 -32.93
CA GLN B 140 -45.25 51.35 -34.27
C GLN B 140 -45.29 50.21 -35.29
N ALA B 141 -45.48 50.60 -36.56
CA ALA B 141 -45.61 49.65 -37.66
C ALA B 141 -44.24 49.34 -38.23
N THR B 142 -43.78 48.10 -38.01
CA THR B 142 -42.46 47.64 -38.47
C THR B 142 -42.64 46.58 -39.55
N CYS B 143 -41.53 46.19 -40.17
CA CYS B 143 -41.54 45.20 -41.24
C CYS B 143 -40.20 44.50 -41.30
N ALA B 144 -40.17 43.36 -42.00
CA ALA B 144 -38.95 42.56 -42.09
C ALA B 144 -38.01 43.07 -43.16
N THR B 145 -38.51 43.24 -44.39
CA THR B 145 -37.64 43.56 -45.52
C THR B 145 -37.48 45.05 -45.74
N SER B 146 -38.17 45.88 -44.97
CA SER B 146 -38.05 47.32 -45.08
C SER B 146 -37.10 47.91 -44.05
N GLY B 147 -36.97 47.29 -42.89
CA GLY B 147 -36.09 47.77 -41.85
C GLY B 147 -36.64 48.89 -41.00
N ASP B 148 -37.89 49.28 -41.19
CA ASP B 148 -38.49 50.34 -40.40
C ASP B 148 -38.83 49.83 -39.00
N GLY B 149 -38.96 50.78 -38.06
CA GLY B 149 -39.29 50.48 -36.70
C GLY B 149 -38.10 50.29 -35.78
N LEU B 150 -37.01 49.71 -36.30
CA LEU B 150 -35.87 49.39 -35.46
C LEU B 150 -35.07 50.63 -35.07
N TYR B 151 -34.92 51.57 -36.01
CA TYR B 151 -34.17 52.79 -35.74
C TYR B 151 -34.89 53.70 -34.76
N GLU B 152 -36.22 53.84 -34.91
CA GLU B 152 -36.98 54.58 -33.91
C GLU B 152 -37.14 53.81 -32.61
N GLY B 153 -36.99 52.48 -32.63
CA GLY B 153 -36.88 51.74 -31.38
C GLY B 153 -35.60 52.02 -30.63
N LEU B 154 -34.49 52.17 -31.36
CA LEU B 154 -33.25 52.59 -30.70
C LEU B 154 -33.29 54.05 -30.26
N ASP B 155 -34.01 54.92 -30.98
CA ASP B 155 -34.23 56.29 -30.50
C ASP B 155 -35.13 56.31 -29.26
N TRP B 156 -36.10 55.39 -29.20
CA TRP B 156 -36.96 55.20 -28.02
C TRP B 156 -36.13 54.79 -26.81
N LEU B 157 -35.23 53.81 -27.01
CA LEU B 157 -34.34 53.38 -25.94
C LEU B 157 -33.33 54.47 -25.58
N SER B 158 -32.99 55.34 -26.53
CA SER B 158 -32.15 56.51 -26.24
C SER B 158 -32.87 57.52 -25.34
N ASN B 159 -34.11 57.90 -25.67
CA ASN B 159 -34.72 58.99 -24.91
C ASN B 159 -35.57 58.53 -23.71
N GLN B 160 -35.64 57.23 -23.40
CA GLN B 160 -35.71 56.84 -21.99
C GLN B 160 -34.57 55.92 -21.56
N LEU B 161 -33.36 56.14 -22.10
CA LEU B 161 -32.17 55.73 -21.37
C LEU B 161 -31.83 56.73 -20.27
N ARG B 162 -31.97 58.02 -20.54
CA ARG B 162 -31.60 59.07 -19.61
C ARG B 162 -32.77 60.02 -19.34
N ASN B 163 -32.63 60.79 -18.25
CA ASN B 163 -33.64 61.76 -17.87
C ASN B 163 -33.27 63.19 -18.25
N GLN B 164 -32.05 63.43 -18.70
CA GLN B 164 -31.60 64.76 -19.07
C GLN B 164 -31.60 64.91 -20.58
N LYS B 165 -31.07 66.04 -21.07
CA LYS B 165 -30.99 66.29 -22.50
C LYS B 165 -29.73 65.69 -23.09
N PRO C 4 27.02 19.28 17.41
CA PRO C 4 25.74 18.60 17.25
C PRO C 4 24.57 19.57 17.30
N ILE C 5 23.62 19.41 16.38
CA ILE C 5 22.47 20.31 16.35
C ILE C 5 21.51 19.95 17.48
N ARG C 6 20.64 20.90 17.80
CA ARG C 6 19.72 20.72 18.91
C ARG C 6 18.52 19.90 18.48
N LEU C 7 17.74 19.47 19.49
CA LEU C 7 16.55 18.66 19.25
C LEU C 7 15.46 19.46 18.55
N ARG C 8 15.32 20.74 18.91
CA ARG C 8 14.35 21.61 18.25
C ARG C 8 14.73 21.87 16.80
N GLU C 9 16.03 22.04 16.52
CA GLU C 9 16.48 22.20 15.14
C GLU C 9 16.32 20.92 14.34
N LEU C 10 16.49 19.75 14.97
CA LEU C 10 16.23 18.49 14.28
C LEU C 10 14.75 18.29 14.00
N ILE C 11 13.88 18.70 14.93
CA ILE C 11 12.43 18.58 14.74
C ILE C 11 11.96 19.54 13.64
N ARG C 12 12.55 20.73 13.59
CA ARG C 12 12.28 21.69 12.51
C ARG C 12 12.78 21.20 11.15
N THR C 13 13.96 20.55 11.14
CA THR C 13 14.52 19.99 9.91
C THR C 13 13.69 18.81 9.41
N ILE C 14 13.11 18.04 10.33
CA ILE C 14 12.17 16.98 9.96
C ILE C 14 10.89 17.57 9.38
N ARG C 15 10.39 18.63 10.00
CA ARG C 15 9.13 19.25 9.55
C ARG C 15 9.28 20.03 8.25
N THR C 16 10.50 20.38 7.85
CA THR C 16 10.71 21.04 6.56
C THR C 16 10.86 20.06 5.40
N ALA C 17 10.76 18.76 5.66
CA ALA C 17 10.86 17.77 4.59
C ALA C 17 9.58 17.75 3.76
N ARG C 18 9.72 17.31 2.51
CA ARG C 18 8.60 17.25 1.59
C ARG C 18 8.05 15.84 1.39
N THR C 19 8.90 14.82 1.43
CA THR C 19 8.44 13.45 1.23
C THR C 19 9.13 12.53 2.21
N GLN C 20 8.62 11.29 2.26
CA GLN C 20 9.08 10.27 3.19
C GLN C 20 10.50 9.83 2.87
N ALA C 21 10.87 9.80 1.58
CA ALA C 21 12.21 9.38 1.17
C ALA C 21 13.26 10.42 1.56
N GLU C 22 13.00 11.71 1.29
CA GLU C 22 13.91 12.79 1.65
C GLU C 22 14.00 12.96 3.16
N GLU C 23 12.88 12.71 3.85
CA GLU C 23 12.87 12.62 5.30
C GLU C 23 13.78 11.50 5.80
N ARG C 24 13.76 10.34 5.14
CA ARG C 24 14.62 9.21 5.52
C ARG C 24 16.10 9.51 5.27
N GLU C 25 16.42 10.23 4.19
CA GLU C 25 17.81 10.67 3.95
C GLU C 25 18.30 11.63 5.03
N MET C 26 17.46 12.57 5.45
CA MET C 26 17.92 13.48 6.50
C MET C 26 17.91 12.82 7.89
N ILE C 27 17.08 11.79 8.08
CA ILE C 27 17.13 10.94 9.29
C ILE C 27 18.48 10.23 9.36
N GLN C 28 18.90 9.64 8.24
CA GLN C 28 20.16 8.89 8.21
C GLN C 28 21.37 9.81 8.29
N LYS C 29 21.25 11.02 7.73
CA LYS C 29 22.31 12.01 7.84
C LYS C 29 22.49 12.53 9.26
N GLU C 30 21.39 12.66 10.02
CA GLU C 30 21.55 13.02 11.43
C GLU C 30 22.04 11.85 12.27
N CYS C 31 21.59 10.64 11.94
CA CYS C 31 21.96 9.44 12.69
C CYS C 31 23.43 9.08 12.52
N ALA C 32 24.00 9.42 11.35
CA ALA C 32 25.43 9.23 11.11
C ALA C 32 26.28 10.10 12.03
N ALA C 33 25.90 11.38 12.18
CA ALA C 33 26.63 12.28 13.06
C ALA C 33 26.41 11.94 14.52
N ILE C 34 25.22 11.41 14.86
CA ILE C 34 24.93 10.97 16.21
C ILE C 34 25.76 9.74 16.57
N ARG C 35 25.89 8.78 15.65
CA ARG C 35 26.71 7.60 15.88
C ARG C 35 28.20 7.93 15.90
N SER C 36 28.63 8.91 15.11
CA SER C 36 30.01 9.35 15.16
C SER C 36 30.33 10.11 16.45
N SER C 37 29.35 10.84 17.00
CA SER C 37 29.53 11.44 18.32
C SER C 37 29.50 10.39 19.41
N PHE C 38 28.77 9.30 19.21
CA PHE C 38 28.76 8.19 20.16
C PHE C 38 30.08 7.43 20.15
N ARG C 39 30.73 7.33 18.98
CA ARG C 39 32.00 6.61 18.89
C ARG C 39 33.14 7.35 19.57
N GLU C 40 33.09 8.68 19.58
CA GLU C 40 34.12 9.47 20.24
C GLU C 40 33.88 9.65 21.73
N GLU C 41 32.79 9.06 22.27
CA GLU C 41 32.45 9.01 23.69
C GLU C 41 32.29 10.40 24.30
N ASP C 42 31.57 11.27 23.58
CA ASP C 42 31.37 12.64 24.03
C ASP C 42 30.37 12.69 25.16
N ASN C 43 30.76 13.31 26.28
CA ASN C 43 29.94 13.35 27.47
C ASN C 43 28.97 14.52 27.49
N THR C 44 29.25 15.58 26.73
CA THR C 44 28.46 16.79 26.83
C THR C 44 27.16 16.71 26.02
N TYR C 45 27.25 16.25 24.77
CA TYR C 45 26.10 16.26 23.87
C TYR C 45 25.44 14.90 23.74
N ARG C 46 25.76 13.96 24.63
CA ARG C 46 25.14 12.64 24.62
C ARG C 46 23.67 12.71 24.99
N CYS C 47 23.30 13.68 25.84
CA CYS C 47 21.91 13.88 26.25
C CYS C 47 21.05 14.33 25.06
N ARG C 48 21.52 15.33 24.32
CA ARG C 48 20.75 15.80 23.17
C ARG C 48 20.83 14.83 22.00
N ASN C 49 21.91 14.05 21.88
CA ASN C 49 22.00 13.04 20.84
C ASN C 49 21.05 11.88 21.09
N VAL C 50 20.92 11.46 22.36
CA VAL C 50 19.99 10.40 22.72
C VAL C 50 18.54 10.90 22.59
N ALA C 51 18.29 12.19 22.89
CA ALA C 51 16.95 12.76 22.70
C ALA C 51 16.56 12.86 21.23
N LYS C 52 17.51 13.24 20.36
CA LYS C 52 17.26 13.24 18.92
C LYS C 52 17.05 11.83 18.37
N LEU C 53 17.78 10.85 18.93
CA LEU C 53 17.57 9.46 18.56
C LEU C 53 16.23 8.92 19.06
N LEU C 54 15.73 9.47 20.17
CA LEU C 54 14.40 9.12 20.65
C LEU C 54 13.33 9.67 19.74
N TYR C 55 13.54 10.88 19.21
CA TYR C 55 12.63 11.42 18.20
C TYR C 55 12.69 10.60 16.91
N MET C 56 13.88 10.09 16.57
CA MET C 56 14.06 9.22 15.41
C MET C 56 13.29 7.91 15.58
N HIS C 57 13.38 7.32 16.77
CA HIS C 57 12.69 6.08 17.08
C HIS C 57 11.18 6.28 17.18
N MET C 58 10.74 7.46 17.61
CA MET C 58 9.32 7.79 17.58
C MET C 58 8.80 7.92 16.15
N LEU C 59 9.61 8.49 15.25
CA LEU C 59 9.22 8.52 13.84
C LEU C 59 9.31 7.16 13.17
N GLY C 60 10.07 6.21 13.72
CA GLY C 60 9.97 4.86 13.24
C GLY C 60 11.23 4.36 12.56
N TYR C 61 12.36 4.85 13.04
CA TYR C 61 13.66 4.62 12.45
C TYR C 61 14.53 3.85 13.44
N PRO C 62 15.55 3.12 12.96
CA PRO C 62 16.37 2.30 13.87
C PRO C 62 17.19 3.12 14.86
N ALA C 63 17.16 2.69 16.11
CA ALA C 63 17.87 3.34 17.20
C ALA C 63 18.52 2.32 18.12
N HIS C 64 18.96 1.19 17.54
CA HIS C 64 19.57 0.11 18.33
C HIS C 64 20.96 0.47 18.81
N PHE C 65 21.60 1.46 18.20
CA PHE C 65 22.93 1.90 18.58
C PHE C 65 22.94 2.93 19.69
N GLY C 66 21.77 3.28 20.24
CA GLY C 66 21.71 4.23 21.32
C GLY C 66 21.34 3.66 22.66
N GLN C 67 21.21 2.33 22.75
CA GLN C 67 20.80 1.69 24.00
C GLN C 67 21.91 1.75 25.05
N LEU C 68 23.16 1.52 24.64
CA LEU C 68 24.28 1.65 25.56
C LEU C 68 24.51 3.10 25.97
N GLU C 69 24.20 4.05 25.09
CA GLU C 69 24.29 5.46 25.46
C GLU C 69 23.18 5.88 26.40
N CYS C 70 22.02 5.22 26.32
CA CYS C 70 20.98 5.39 27.32
C CYS C 70 21.42 4.86 28.68
N LEU C 71 22.13 3.72 28.69
CA LEU C 71 22.72 3.20 29.93
C LEU C 71 23.80 4.11 30.48
N LYS C 72 24.61 4.72 29.60
CA LYS C 72 25.62 5.68 30.02
C LYS C 72 25.01 6.97 30.55
N LEU C 73 23.86 7.37 30.00
CA LEU C 73 23.16 8.55 30.51
C LEU C 73 22.50 8.25 31.86
N ILE C 74 22.04 7.02 32.07
CA ILE C 74 21.51 6.62 33.37
C ILE C 74 22.63 6.59 34.41
N ALA C 75 23.80 6.07 34.04
CA ALA C 75 24.91 5.90 34.96
C ALA C 75 25.62 7.20 35.32
N SER C 76 25.30 8.32 34.67
CA SER C 76 25.95 9.59 34.96
C SER C 76 25.36 10.23 36.21
N GLN C 77 25.83 11.41 36.57
CA GLN C 77 25.40 12.07 37.79
C GLN C 77 24.46 13.24 37.55
N LYS C 78 24.37 13.74 36.32
CA LYS C 78 23.47 14.86 36.03
C LYS C 78 22.03 14.39 35.94
N PHE C 79 21.11 15.22 36.45
CA PHE C 79 19.70 14.84 36.50
C PHE C 79 19.07 14.87 35.12
N THR C 80 19.45 15.83 34.28
CA THR C 80 18.87 15.90 32.93
C THR C 80 19.35 14.74 32.07
N ASP C 81 20.61 14.35 32.24
CA ASP C 81 21.15 13.16 31.60
C ASP C 81 20.46 11.89 32.11
N LYS C 82 20.18 11.83 33.42
CA LYS C 82 19.44 10.71 34.00
C LYS C 82 18.01 10.64 33.49
N ARG C 83 17.38 11.81 33.31
CA ARG C 83 16.00 11.90 32.84
C ARG C 83 15.87 11.43 31.41
N ILE C 84 16.74 11.93 30.53
CA ILE C 84 16.73 11.51 29.13
C ILE C 84 17.18 10.06 28.98
N GLY C 85 18.10 9.59 29.83
CA GLY C 85 18.50 8.20 29.80
C GLY C 85 17.43 7.23 30.27
N TYR C 86 16.66 7.62 31.30
CA TYR C 86 15.59 6.75 31.79
C TYR C 86 14.41 6.74 30.82
N LEU C 87 14.13 7.90 30.19
CA LEU C 87 13.13 7.94 29.12
C LEU C 87 13.58 7.13 27.91
N GLY C 88 14.88 7.17 27.59
CA GLY C 88 15.41 6.38 26.49
C GLY C 88 15.43 4.90 26.79
N ALA C 89 15.64 4.52 28.04
CA ALA C 89 15.51 3.13 28.46
C ALA C 89 14.08 2.63 28.30
N MET C 90 13.11 3.46 28.74
CA MET C 90 11.69 3.16 28.61
C MET C 90 11.23 3.07 27.16
N LEU C 91 11.81 3.88 26.28
CA LEU C 91 11.40 3.90 24.88
C LEU C 91 12.12 2.88 24.03
N LEU C 92 13.38 2.53 24.36
CA LEU C 92 14.17 1.64 23.53
C LEU C 92 14.23 0.23 24.06
N LEU C 93 14.59 0.05 25.32
CA LEU C 93 14.75 -1.29 25.86
C LEU C 93 13.41 -1.87 26.27
N ASP C 94 13.31 -3.19 26.20
CA ASP C 94 12.17 -3.93 26.72
C ASP C 94 12.70 -5.27 27.19
N GLU C 95 11.79 -6.24 27.41
CA GLU C 95 12.18 -7.53 27.97
C GLU C 95 12.98 -8.36 26.97
N ARG C 96 12.68 -8.21 25.69
CA ARG C 96 13.29 -9.02 24.63
C ARG C 96 14.48 -8.33 23.98
N GLN C 97 14.93 -7.20 24.53
CA GLN C 97 16.05 -6.47 23.95
C GLN C 97 17.40 -6.93 24.45
N ASP C 98 17.44 -7.55 25.63
CA ASP C 98 18.55 -8.20 26.36
C ASP C 98 19.77 -7.33 26.69
N VAL C 99 19.73 -6.04 26.33
CA VAL C 99 20.69 -5.08 26.85
C VAL C 99 20.14 -4.48 28.15
N HIS C 100 18.82 -4.57 28.34
CA HIS C 100 18.09 -4.02 29.49
C HIS C 100 18.47 -4.67 30.82
N LEU C 101 19.10 -5.84 30.81
CA LEU C 101 19.57 -6.47 32.03
C LEU C 101 20.76 -5.73 32.63
N LEU C 102 21.46 -4.91 31.84
CA LEU C 102 22.65 -4.19 32.29
C LEU C 102 22.36 -2.90 33.03
N MET C 103 21.11 -2.63 33.42
CA MET C 103 20.84 -1.43 34.21
C MET C 103 20.11 -1.75 35.50
N THR C 104 20.11 -3.01 35.93
CA THR C 104 19.56 -3.38 37.23
C THR C 104 20.36 -2.76 38.36
N ASN C 105 21.69 -2.75 38.23
CA ASN C 105 22.55 -2.10 39.20
C ASN C 105 22.40 -0.59 39.16
N CYS C 106 22.14 -0.02 37.99
CA CYS C 106 21.97 1.43 37.87
C CYS C 106 20.63 1.88 38.48
N ILE C 107 19.57 1.11 38.27
CA ILE C 107 18.28 1.37 38.90
C ILE C 107 18.39 1.18 40.42
N LYS C 108 19.13 0.16 40.86
CA LYS C 108 19.33 -0.07 42.29
C LYS C 108 20.19 1.01 42.94
N ASN C 109 21.12 1.61 42.20
CA ASN C 109 21.87 2.74 42.72
C ASN C 109 21.02 3.99 42.78
N ASP C 110 20.13 4.18 41.78
CA ASP C 110 19.27 5.34 41.77
C ASP C 110 18.10 5.24 42.73
N LEU C 111 17.76 4.04 43.21
CA LEU C 111 16.72 3.88 44.21
C LEU C 111 17.17 4.28 45.60
N ASN C 112 18.47 4.27 45.87
CA ASN C 112 19.04 4.77 47.11
C ASN C 112 19.66 6.14 46.95
N HIS C 113 19.24 6.90 45.94
CA HIS C 113 19.71 8.25 45.76
C HIS C 113 19.12 9.18 46.82
N SER C 114 19.84 10.28 47.06
CA SER C 114 19.35 11.29 47.98
C SER C 114 18.24 12.13 47.36
N THR C 115 18.18 12.16 46.02
CA THR C 115 17.18 12.94 45.31
C THR C 115 15.96 12.09 45.01
N GLN C 116 14.80 12.57 45.48
CA GLN C 116 13.55 11.84 45.29
C GLN C 116 13.08 11.85 43.84
N PHE C 117 13.54 12.80 43.02
CA PHE C 117 13.18 12.78 41.61
C PHE C 117 14.00 11.74 40.84
N VAL C 118 15.26 11.52 41.24
CA VAL C 118 16.06 10.42 40.69
C VAL C 118 15.47 9.08 41.12
N GLN C 119 15.04 9.00 42.40
CA GLN C 119 14.41 7.79 42.92
C GLN C 119 13.08 7.49 42.23
N GLY C 120 12.28 8.53 41.98
CA GLY C 120 11.03 8.35 41.26
C GLY C 120 11.21 8.10 39.78
N LEU C 121 12.33 8.57 39.21
CA LEU C 121 12.69 8.23 37.84
C LEU C 121 13.00 6.76 37.68
N ALA C 122 13.79 6.21 38.62
CA ALA C 122 14.09 4.79 38.61
C ALA C 122 12.86 3.94 38.92
N LEU C 123 11.99 4.42 39.81
CA LEU C 123 10.73 3.76 40.13
C LEU C 123 9.79 3.77 38.92
N CYS C 124 9.76 4.88 38.18
CA CYS C 124 8.95 4.98 36.97
C CYS C 124 9.42 4.04 35.88
N THR C 125 10.74 3.95 35.66
CA THR C 125 11.29 3.06 34.63
C THR C 125 11.09 1.59 35.00
N LEU C 126 11.30 1.24 36.28
CA LEU C 126 11.12 -0.13 36.73
C LEU C 126 9.66 -0.56 36.70
N GLY C 127 8.75 0.29 37.17
CA GLY C 127 7.33 -0.03 37.13
C GLY C 127 6.72 0.03 35.75
N CYS C 128 7.34 0.75 34.82
CA CYS C 128 6.83 0.79 33.46
C CYS C 128 7.28 -0.43 32.67
N MET C 129 8.58 -0.77 32.72
CA MET C 129 9.05 -1.80 31.80
C MET C 129 10.05 -2.78 32.42
N GLY C 130 9.96 -3.04 33.72
CA GLY C 130 10.85 -4.01 34.33
C GLY C 130 10.47 -5.43 33.95
N SER C 131 11.49 -6.21 33.59
CA SER C 131 11.28 -7.57 33.14
C SER C 131 11.14 -8.51 34.34
N SER C 132 10.97 -9.80 34.06
CA SER C 132 10.89 -10.80 35.12
C SER C 132 12.21 -10.98 35.85
N GLU C 133 13.33 -10.80 35.15
CA GLU C 133 14.64 -10.86 35.80
C GLU C 133 14.97 -9.62 36.61
N MET C 134 14.53 -8.43 36.16
CA MET C 134 14.76 -7.22 36.96
C MET C 134 13.88 -7.17 38.19
N CYS C 135 12.69 -7.76 38.13
CA CYS C 135 11.76 -7.66 39.25
C CYS C 135 12.11 -8.60 40.40
N ARG C 136 13.05 -9.52 40.21
CA ARG C 136 13.40 -10.44 41.30
C ARG C 136 14.42 -9.83 42.25
N ASP C 137 15.45 -9.17 41.72
CA ASP C 137 16.50 -8.60 42.54
C ASP C 137 16.25 -7.14 42.90
N LEU C 138 15.11 -6.58 42.49
CA LEU C 138 14.74 -5.23 42.87
C LEU C 138 13.46 -5.17 43.68
N ALA C 139 12.84 -6.32 43.99
CA ALA C 139 11.59 -6.33 44.75
C ALA C 139 11.78 -5.93 46.20
N GLY C 140 12.90 -6.32 46.80
CA GLY C 140 13.21 -5.85 48.15
C GLY C 140 13.57 -4.38 48.19
N GLU C 141 14.11 -3.86 47.09
CA GLU C 141 14.38 -2.43 46.99
C GLU C 141 13.09 -1.65 46.79
N VAL C 142 12.11 -2.25 46.12
CA VAL C 142 10.78 -1.66 45.98
C VAL C 142 10.05 -1.67 47.31
N GLU C 143 10.15 -2.78 48.05
CA GLU C 143 9.44 -2.96 49.31
C GLU C 143 9.98 -2.06 50.42
N LYS C 144 11.27 -1.71 50.37
CA LYS C 144 11.80 -0.76 51.34
C LYS C 144 11.37 0.68 51.03
N LEU C 145 10.95 0.96 49.79
CA LEU C 145 10.36 2.25 49.45
C LEU C 145 8.86 2.26 49.61
N LEU C 146 8.24 1.11 49.89
CA LEU C 146 6.83 1.02 50.22
C LEU C 146 6.55 1.29 51.68
N LYS C 147 7.59 1.38 52.51
CA LYS C 147 7.45 1.69 53.92
C LYS C 147 7.89 3.11 54.26
N THR C 148 8.25 3.92 53.26
CA THR C 148 8.75 5.25 53.52
C THR C 148 7.61 6.21 53.82
N SER C 149 7.97 7.38 54.37
CA SER C 149 7.01 8.42 54.67
C SER C 149 6.82 9.41 53.52
N ASN C 150 7.62 9.29 52.46
CA ASN C 150 7.47 10.15 51.29
C ASN C 150 6.34 9.62 50.43
N SER C 151 5.32 10.47 50.21
CA SER C 151 4.18 10.06 49.39
C SER C 151 4.55 9.95 47.92
N TYR C 152 5.45 10.82 47.45
CA TYR C 152 5.91 10.83 46.06
C TYR C 152 6.63 9.55 45.70
N LEU C 153 7.47 9.05 46.60
CA LEU C 153 8.08 7.75 46.39
C LEU C 153 7.14 6.60 46.72
N ARG C 154 6.16 6.84 47.61
CA ARG C 154 5.28 5.78 48.08
C ARG C 154 4.31 5.32 47.01
N LYS C 155 3.73 6.26 46.25
CA LYS C 155 2.80 5.89 45.19
C LYS C 155 3.52 5.19 44.03
N LYS C 156 4.74 5.61 43.72
CA LYS C 156 5.51 4.96 42.66
C LYS C 156 6.04 3.61 43.10
N ALA C 157 6.36 3.45 44.39
CA ALA C 157 6.74 2.14 44.90
C ALA C 157 5.56 1.19 44.97
N ALA C 158 4.35 1.70 45.21
CA ALA C 158 3.16 0.87 45.16
C ALA C 158 2.86 0.40 43.73
N LEU C 159 3.03 1.28 42.74
CA LEU C 159 2.82 0.83 41.36
C LEU C 159 3.98 -0.04 40.85
N CYS C 160 5.18 0.12 41.43
CA CYS C 160 6.25 -0.85 41.22
C CYS C 160 5.91 -2.20 41.80
N ALA C 161 5.28 -2.23 42.98
CA ALA C 161 4.83 -3.49 43.55
C ALA C 161 3.74 -4.13 42.71
N VAL C 162 2.88 -3.31 42.09
CA VAL C 162 1.89 -3.80 41.12
C VAL C 162 2.58 -4.44 39.92
N HIS C 163 3.65 -3.79 39.40
CA HIS C 163 4.38 -4.33 38.26
C HIS C 163 5.16 -5.59 38.61
N VAL C 164 5.74 -5.65 39.82
CA VAL C 164 6.48 -6.82 40.28
C VAL C 164 5.53 -8.01 40.47
N ILE C 165 4.35 -7.77 41.04
CA ILE C 165 3.35 -8.83 41.23
C ILE C 165 2.78 -9.29 39.88
N ARG C 166 2.60 -8.36 38.94
CA ARG C 166 2.10 -8.73 37.62
C ARG C 166 3.14 -9.47 36.79
N LYS C 167 4.43 -9.18 37.00
CA LYS C 167 5.48 -9.84 36.22
C LYS C 167 5.89 -11.17 36.83
N VAL C 168 6.32 -11.17 38.08
CA VAL C 168 6.68 -12.39 38.81
C VAL C 168 5.67 -12.57 39.92
N PRO C 169 4.64 -13.42 39.74
CA PRO C 169 3.59 -13.55 40.76
C PRO C 169 3.97 -14.41 41.96
N GLU C 170 5.15 -15.01 41.99
CA GLU C 170 5.62 -15.73 43.17
C GLU C 170 6.44 -14.88 44.11
N LEU C 171 6.65 -13.60 43.79
CA LEU C 171 7.17 -12.61 44.73
C LEU C 171 6.05 -11.77 45.31
N MET C 172 4.90 -12.40 45.54
CA MET C 172 3.71 -11.69 45.95
C MET C 172 3.51 -11.69 47.46
N GLU C 173 3.97 -12.74 48.15
CA GLU C 173 3.84 -12.84 49.59
C GLU C 173 4.77 -11.89 50.34
N MET C 174 5.82 -11.40 49.70
CA MET C 174 6.79 -10.54 50.38
C MET C 174 6.35 -9.08 50.43
N PHE C 175 5.21 -8.74 49.82
CA PHE C 175 4.62 -7.43 49.97
C PHE C 175 3.49 -7.42 50.99
N LEU C 176 3.37 -8.49 51.79
CA LEU C 176 2.35 -8.52 52.85
C LEU C 176 2.53 -7.48 53.96
N PRO C 177 3.69 -7.32 54.64
CA PRO C 177 3.70 -6.30 55.71
C PRO C 177 3.89 -4.88 55.22
N ALA C 178 4.12 -4.67 53.91
CA ALA C 178 4.22 -3.31 53.39
C ALA C 178 2.85 -2.66 53.27
N THR C 179 1.79 -3.47 53.16
CA THR C 179 0.43 -2.96 53.04
C THR C 179 -0.31 -2.90 54.36
N LYS C 180 0.38 -3.11 55.48
CA LYS C 180 -0.24 -2.94 56.78
C LYS C 180 -0.40 -1.46 57.07
N ASN C 181 -1.63 -1.07 57.50
CA ASN C 181 -2.16 0.29 57.65
C ASN C 181 -1.79 1.24 56.50
N LEU C 182 -1.86 0.73 55.28
CA LEU C 182 -1.56 1.52 54.09
C LEU C 182 -2.76 2.31 53.60
N LEU C 183 -3.98 1.89 53.98
CA LEU C 183 -5.18 2.63 53.67
C LEU C 183 -5.45 3.78 54.64
N ASN C 184 -4.65 3.92 55.69
CA ASN C 184 -4.80 5.00 56.65
C ASN C 184 -4.09 6.28 56.21
N GLU C 185 -3.41 6.27 55.07
CA GLU C 185 -2.80 7.49 54.56
C GLU C 185 -3.86 8.44 54.02
N LYS C 186 -3.55 9.73 54.06
CA LYS C 186 -4.54 10.76 53.74
C LYS C 186 -4.48 11.23 52.30
N ASN C 187 -3.33 11.19 51.65
CA ASN C 187 -3.24 11.74 50.30
C ASN C 187 -3.72 10.72 49.27
N HIS C 188 -4.43 11.23 48.27
CA HIS C 188 -5.29 10.40 47.45
C HIS C 188 -4.54 9.70 46.34
N GLY C 189 -3.37 10.20 45.92
CA GLY C 189 -2.54 9.44 45.00
C GLY C 189 -1.96 8.18 45.61
N VAL C 190 -1.48 8.28 46.86
CA VAL C 190 -0.99 7.12 47.60
C VAL C 190 -2.14 6.17 47.92
N LEU C 191 -3.31 6.72 48.24
CA LEU C 191 -4.51 5.91 48.49
C LEU C 191 -4.98 5.19 47.22
N HIS C 192 -4.89 5.85 46.07
CA HIS C 192 -5.24 5.26 44.78
C HIS C 192 -4.30 4.13 44.40
N THR C 193 -2.99 4.35 44.56
CA THR C 193 -2.01 3.31 44.22
C THR C 193 -2.07 2.15 45.20
N SER C 194 -2.41 2.42 46.46
CA SER C 194 -2.63 1.37 47.44
C SER C 194 -3.85 0.53 47.10
N VAL C 195 -4.92 1.16 46.62
CA VAL C 195 -6.12 0.45 46.22
C VAL C 195 -5.87 -0.39 44.97
N VAL C 196 -5.06 0.13 44.04
CA VAL C 196 -4.64 -0.62 42.84
C VAL C 196 -3.78 -1.83 43.23
N LEU C 197 -2.91 -1.66 44.23
CA LEU C 197 -2.09 -2.77 44.74
C LEU C 197 -2.95 -3.84 45.42
N LEU C 198 -3.92 -3.42 46.24
CA LEU C 198 -4.77 -4.37 46.95
C LEU C 198 -5.69 -5.13 46.00
N THR C 199 -6.22 -4.46 44.97
CA THR C 199 -7.02 -5.19 43.99
C THR C 199 -6.14 -6.03 43.06
N GLU C 200 -4.84 -5.71 42.93
CA GLU C 200 -3.94 -6.55 42.16
C GLU C 200 -3.67 -7.88 42.87
N MET C 201 -3.36 -7.83 44.17
CA MET C 201 -3.19 -9.09 44.91
C MET C 201 -4.50 -9.85 45.11
N CYS C 202 -5.62 -9.13 45.25
CA CYS C 202 -6.91 -9.81 45.41
C CYS C 202 -7.37 -10.47 44.12
N GLU C 203 -7.06 -9.86 42.97
CA GLU C 203 -7.36 -10.51 41.70
C GLU C 203 -6.38 -11.63 41.39
N ARG C 204 -5.13 -11.51 41.87
CA ARG C 204 -4.13 -12.54 41.58
C ARG C 204 -4.35 -13.79 42.41
N SER C 205 -4.66 -13.64 43.71
CA SER C 205 -4.75 -14.81 44.56
C SER C 205 -6.00 -14.77 45.43
N PRO C 206 -6.69 -15.90 45.60
CA PRO C 206 -7.92 -15.90 46.41
C PRO C 206 -7.73 -16.30 47.86
N ASP C 207 -6.51 -16.60 48.31
CA ASP C 207 -6.30 -17.02 49.69
C ASP C 207 -6.36 -15.87 50.69
N MET C 208 -6.25 -14.64 50.21
CA MET C 208 -6.25 -13.46 51.07
C MET C 208 -7.50 -12.61 50.91
N LEU C 209 -8.56 -13.17 50.30
CA LEU C 209 -9.79 -12.41 50.08
C LEU C 209 -10.50 -12.11 51.40
N ALA C 210 -10.63 -13.12 52.26
CA ALA C 210 -11.13 -12.89 53.61
C ALA C 210 -10.12 -12.18 54.50
N HIS C 211 -8.83 -12.23 54.15
CA HIS C 211 -7.83 -11.48 54.89
C HIS C 211 -7.93 -9.98 54.61
N PHE C 212 -8.22 -9.62 53.37
CA PHE C 212 -8.39 -8.23 52.96
C PHE C 212 -9.83 -7.78 53.01
N ARG C 213 -10.74 -8.63 53.46
CA ARG C 213 -12.13 -8.21 53.64
C ARG C 213 -12.38 -7.52 54.98
N LYS C 214 -11.38 -7.46 55.86
CA LYS C 214 -11.56 -6.72 57.11
C LYS C 214 -11.34 -5.23 56.95
N LEU C 215 -10.75 -4.79 55.84
CA LEU C 215 -10.65 -3.37 55.52
C LEU C 215 -11.75 -2.93 54.56
N VAL C 216 -12.76 -3.78 54.36
CA VAL C 216 -13.97 -3.36 53.63
C VAL C 216 -14.72 -2.22 54.32
N PRO C 217 -14.98 -2.23 55.66
CA PRO C 217 -15.55 -1.01 56.27
C PRO C 217 -14.61 0.20 56.28
N GLN C 218 -13.29 -0.02 56.25
CA GLN C 218 -12.35 1.09 56.09
C GLN C 218 -12.48 1.72 54.70
N LEU C 219 -12.63 0.89 53.66
CA LEU C 219 -12.87 1.37 52.31
C LEU C 219 -14.23 2.06 52.20
N VAL C 220 -15.22 1.55 52.93
CA VAL C 220 -16.56 2.15 52.98
C VAL C 220 -16.50 3.53 53.62
N ARG C 221 -15.71 3.68 54.69
CA ARG C 221 -15.55 4.97 55.38
C ARG C 221 -14.75 5.97 54.54
N ILE C 222 -13.76 5.48 53.79
CA ILE C 222 -12.99 6.35 52.89
C ILE C 222 -13.87 6.83 51.73
N LEU C 223 -14.70 5.94 51.17
CA LEU C 223 -15.69 6.34 50.16
C LEU C 223 -16.77 7.24 50.76
N LYS C 224 -17.08 7.08 52.04
CA LYS C 224 -18.07 7.88 52.73
C LYS C 224 -17.64 9.32 52.89
N ASN C 225 -16.42 9.54 53.39
CA ASN C 225 -15.93 10.90 53.49
C ASN C 225 -15.46 11.45 52.15
N LEU C 226 -15.23 10.57 51.16
CA LEU C 226 -14.99 11.04 49.80
C LEU C 226 -16.26 11.58 49.16
N ILE C 227 -17.41 10.94 49.44
CA ILE C 227 -18.67 11.40 48.85
C ILE C 227 -19.17 12.65 49.56
N MET C 228 -19.18 12.65 50.90
CA MET C 228 -19.54 13.88 51.60
C MET C 228 -18.40 14.90 51.72
N SER C 229 -17.24 14.67 51.14
CA SER C 229 -16.36 15.78 50.80
C SER C 229 -17.05 16.57 49.69
N GLY C 230 -17.55 17.75 50.04
CA GLY C 230 -18.41 18.48 49.12
C GLY C 230 -17.66 19.11 47.96
N TYR C 231 -16.83 20.11 48.25
CA TYR C 231 -15.99 20.70 47.23
C TYR C 231 -14.57 20.83 47.75
N SER C 232 -13.62 20.50 46.89
CA SER C 232 -12.20 20.66 47.12
C SER C 232 -11.63 21.26 45.85
N PRO C 233 -10.57 22.08 45.92
CA PRO C 233 -9.95 22.58 44.68
C PRO C 233 -8.92 21.63 44.11
N GLU C 234 -8.74 20.48 44.76
CA GLU C 234 -7.85 19.42 44.32
C GLU C 234 -8.64 18.13 44.28
N HIS C 235 -8.19 17.21 43.41
CA HIS C 235 -8.83 15.91 43.10
C HIS C 235 -10.28 16.07 42.65
N ASP C 236 -10.56 17.12 41.88
CA ASP C 236 -11.93 17.47 41.52
C ASP C 236 -12.00 17.80 40.04
N VAL C 237 -12.87 17.10 39.31
CA VAL C 237 -13.20 17.47 37.95
C VAL C 237 -14.72 17.36 37.79
N SER C 238 -15.33 18.44 37.26
CA SER C 238 -16.77 18.56 36.95
C SER C 238 -17.65 18.38 38.18
N GLY C 239 -17.20 18.94 39.31
CA GLY C 239 -18.03 19.08 40.48
C GLY C 239 -17.96 17.94 41.48
N ILE C 240 -17.44 16.78 41.10
CA ILE C 240 -17.34 15.64 41.99
C ILE C 240 -15.88 15.37 42.31
N SER C 241 -15.64 14.85 43.50
CA SER C 241 -14.30 14.73 44.06
C SER C 241 -13.80 13.30 43.94
N ASP C 242 -12.55 13.16 43.49
CA ASP C 242 -11.74 11.95 43.35
C ASP C 242 -12.41 10.86 42.51
N PRO C 243 -12.55 11.04 41.19
CA PRO C 243 -13.27 10.03 40.41
C PRO C 243 -12.48 8.77 40.15
N PHE C 244 -11.17 8.90 39.93
CA PHE C 244 -10.30 7.74 39.76
C PHE C 244 -10.22 6.92 41.04
N LEU C 245 -10.13 7.61 42.18
CA LEU C 245 -10.12 6.94 43.48
C LEU C 245 -11.46 6.30 43.78
N GLN C 246 -12.57 6.95 43.41
CA GLN C 246 -13.90 6.41 43.61
C GLN C 246 -14.15 5.17 42.76
N VAL C 247 -13.72 5.21 41.49
CA VAL C 247 -13.90 4.08 40.59
C VAL C 247 -13.00 2.91 41.00
N ARG C 248 -11.78 3.20 41.45
CA ARG C 248 -10.89 2.14 41.91
C ARG C 248 -11.34 1.53 43.23
N ILE C 249 -11.92 2.35 44.12
CA ILE C 249 -12.47 1.84 45.38
C ILE C 249 -13.70 0.98 45.13
N LEU C 250 -14.56 1.40 44.18
CA LEU C 250 -15.72 0.59 43.83
C LEU C 250 -15.33 -0.67 43.06
N ARG C 251 -14.22 -0.64 42.32
CA ARG C 251 -13.72 -1.85 41.69
C ARG C 251 -13.15 -2.82 42.70
N LEU C 252 -12.46 -2.31 43.73
CA LEU C 252 -11.98 -3.14 44.83
C LEU C 252 -13.15 -3.72 45.63
N LEU C 253 -14.20 -2.93 45.85
CA LEU C 253 -15.40 -3.42 46.50
C LEU C 253 -16.21 -4.35 45.61
N ARG C 254 -16.00 -4.30 44.30
CA ARG C 254 -16.55 -5.35 43.44
C ARG C 254 -15.75 -6.65 43.60
N ILE C 255 -14.43 -6.53 43.74
CA ILE C 255 -13.56 -7.70 43.81
C ILE C 255 -13.76 -8.45 45.14
N LEU C 256 -13.78 -7.74 46.26
CA LEU C 256 -14.27 -8.42 47.46
C LEU C 256 -15.79 -8.52 47.42
N GLY C 257 -16.32 -9.43 48.22
CA GLY C 257 -17.75 -9.51 48.45
C GLY C 257 -18.57 -10.08 47.32
N ARG C 258 -17.96 -10.62 46.27
CA ARG C 258 -18.75 -11.23 45.20
C ARG C 258 -19.30 -12.59 45.61
N ASN C 259 -18.63 -13.29 46.51
CA ASN C 259 -19.13 -14.54 47.08
C ASN C 259 -19.35 -14.48 48.58
N ASP C 260 -18.99 -13.39 49.24
CA ASP C 260 -19.14 -13.25 50.68
C ASP C 260 -20.35 -12.37 50.99
N ASP C 261 -21.08 -12.73 52.04
CA ASP C 261 -22.32 -12.05 52.37
C ASP C 261 -22.12 -10.84 53.27
N ASP C 262 -21.33 -10.96 54.34
CA ASP C 262 -21.28 -9.93 55.38
C ASP C 262 -20.53 -8.69 54.92
N SER C 263 -19.54 -8.84 54.02
CA SER C 263 -18.93 -7.68 53.39
C SER C 263 -19.91 -6.98 52.45
N SER C 264 -20.81 -7.74 51.82
CA SER C 264 -21.84 -7.12 51.00
C SER C 264 -22.87 -6.38 51.84
N GLU C 265 -23.18 -6.87 53.05
CA GLU C 265 -24.04 -6.07 53.94
C GLU C 265 -23.31 -4.84 54.47
N ALA C 266 -21.99 -4.92 54.67
CA ALA C 266 -21.23 -3.75 55.09
C ALA C 266 -21.03 -2.74 53.95
N MET C 267 -21.19 -3.16 52.71
CA MET C 267 -20.90 -2.37 51.52
C MET C 267 -22.17 -1.90 50.80
N ASN C 268 -23.31 -2.51 51.14
CA ASN C 268 -24.57 -2.33 50.42
C ASN C 268 -25.17 -0.94 50.64
N ASP C 269 -25.01 -0.37 51.85
CA ASP C 269 -25.57 0.93 52.16
C ASP C 269 -24.84 2.05 51.43
N ILE C 270 -23.51 1.98 51.36
CA ILE C 270 -22.77 3.00 50.63
C ILE C 270 -22.87 2.77 49.12
N LEU C 271 -23.16 1.52 48.69
CA LEU C 271 -23.46 1.28 47.29
C LEU C 271 -24.78 1.94 46.88
N ALA C 272 -25.78 1.87 47.76
CA ALA C 272 -27.03 2.59 47.54
C ALA C 272 -26.85 4.10 47.64
N GLN C 273 -25.94 4.56 48.50
CA GLN C 273 -25.72 6.00 48.65
C GLN C 273 -24.97 6.59 47.46
N VAL C 274 -23.99 5.86 46.93
CA VAL C 274 -23.25 6.31 45.74
C VAL C 274 -24.15 6.21 44.51
N ALA C 275 -24.95 5.16 44.41
CA ALA C 275 -25.80 4.92 43.24
C ALA C 275 -26.98 5.90 43.13
N THR C 276 -27.28 6.68 44.16
CA THR C 276 -28.40 7.60 44.12
C THR C 276 -28.02 9.07 44.28
N ASN C 277 -26.97 9.39 45.04
CA ASN C 277 -26.67 10.77 45.41
C ASN C 277 -25.55 11.37 44.58
N THR C 278 -25.14 10.73 43.50
CA THR C 278 -24.14 11.29 42.60
C THR C 278 -24.81 11.69 41.29
N GLU C 279 -24.30 12.76 40.68
CA GLU C 279 -24.91 13.34 39.50
C GLU C 279 -24.67 12.47 38.27
N THR C 280 -25.57 12.62 37.30
CA THR C 280 -25.52 11.85 36.06
C THR C 280 -25.46 12.74 34.83
N SER C 281 -25.32 14.05 35.01
CA SER C 281 -25.31 14.98 33.89
C SER C 281 -23.96 15.06 33.20
N LYS C 282 -22.92 14.44 33.74
CA LYS C 282 -21.58 14.51 33.19
C LYS C 282 -21.04 13.11 32.95
N ASN C 283 -19.99 13.05 32.11
CA ASN C 283 -19.30 11.81 31.80
C ASN C 283 -18.59 11.23 33.02
N VAL C 284 -18.14 12.09 33.93
CA VAL C 284 -17.43 11.67 35.13
C VAL C 284 -18.39 10.97 36.10
N GLY C 285 -19.55 11.57 36.32
CA GLY C 285 -20.57 10.94 37.13
C GLY C 285 -21.17 9.71 36.48
N ASN C 286 -21.20 9.68 35.14
CA ASN C 286 -21.63 8.47 34.44
C ASN C 286 -20.61 7.35 34.58
N ALA C 287 -19.31 7.69 34.64
CA ALA C 287 -18.27 6.70 34.92
C ALA C 287 -18.41 6.13 36.33
N ILE C 288 -18.69 7.00 37.30
CA ILE C 288 -18.88 6.57 38.68
C ILE C 288 -20.13 5.70 38.82
N LEU C 289 -21.20 6.04 38.10
CA LEU C 289 -22.43 5.23 38.14
C LEU C 289 -22.27 3.91 37.39
N TYR C 290 -21.45 3.87 36.34
CA TYR C 290 -21.18 2.61 35.65
C TYR C 290 -20.34 1.67 36.50
N GLU C 291 -19.33 2.20 37.21
CA GLU C 291 -18.57 1.35 38.12
C GLU C 291 -19.40 0.94 39.34
N THR C 292 -20.33 1.80 39.76
CA THR C 292 -21.26 1.46 40.84
C THR C 292 -22.21 0.34 40.45
N VAL C 293 -22.75 0.40 39.23
CA VAL C 293 -23.68 -0.64 38.80
C VAL C 293 -22.94 -1.94 38.48
N LEU C 294 -21.66 -1.86 38.07
CA LEU C 294 -20.85 -3.07 37.92
C LEU C 294 -20.55 -3.72 39.26
N THR C 295 -20.28 -2.90 40.29
CA THR C 295 -20.08 -3.38 41.65
C THR C 295 -21.34 -4.01 42.22
N ILE C 296 -22.50 -3.38 41.99
CA ILE C 296 -23.79 -3.86 42.52
C ILE C 296 -24.18 -5.19 41.87
N MET C 297 -24.06 -5.27 40.54
CA MET C 297 -24.43 -6.52 39.88
C MET C 297 -23.33 -7.56 39.88
N ASP C 298 -22.14 -7.26 40.41
CA ASP C 298 -21.16 -8.32 40.63
C ASP C 298 -21.19 -8.88 42.05
N ILE C 299 -21.41 -8.05 43.07
CA ILE C 299 -21.51 -8.59 44.42
C ILE C 299 -22.91 -9.14 44.65
N LYS C 300 -23.09 -9.89 45.72
CA LYS C 300 -24.42 -10.37 46.11
C LYS C 300 -25.11 -9.29 46.96
N SER C 301 -25.74 -8.35 46.27
CA SER C 301 -26.33 -7.18 46.89
C SER C 301 -27.80 -7.44 47.21
N GLU C 302 -28.47 -6.39 47.71
CA GLU C 302 -29.86 -6.50 48.10
C GLU C 302 -30.76 -6.41 46.87
N SER C 303 -31.79 -7.27 46.84
CA SER C 303 -32.63 -7.43 45.67
C SER C 303 -33.55 -6.24 45.41
N GLY C 304 -33.83 -5.43 46.44
CA GLY C 304 -34.59 -4.21 46.23
C GLY C 304 -33.84 -3.15 45.45
N LEU C 305 -32.54 -3.01 45.71
CA LEU C 305 -31.69 -2.10 44.95
C LEU C 305 -31.06 -2.76 43.74
N ARG C 306 -31.26 -4.07 43.55
CA ARG C 306 -31.07 -4.66 42.24
C ARG C 306 -32.04 -4.06 41.22
N VAL C 307 -33.27 -3.77 41.65
CA VAL C 307 -34.24 -3.06 40.81
C VAL C 307 -33.79 -1.62 40.54
N LEU C 308 -33.10 -1.00 41.50
CA LEU C 308 -32.50 0.31 41.28
C LEU C 308 -31.36 0.24 40.26
N ALA C 309 -30.62 -0.86 40.25
CA ALA C 309 -29.62 -1.11 39.21
C ALA C 309 -30.27 -1.33 37.84
N ILE C 310 -31.44 -1.99 37.81
CA ILE C 310 -32.24 -2.13 36.57
C ILE C 310 -32.66 -0.76 36.05
N ASN C 311 -33.14 0.10 36.95
CA ASN C 311 -33.62 1.43 36.55
C ASN C 311 -32.47 2.33 36.11
N ILE C 312 -31.30 2.21 36.74
CA ILE C 312 -30.17 3.03 36.34
C ILE C 312 -29.57 2.52 35.03
N LEU C 313 -29.67 1.22 34.75
CA LEU C 313 -29.25 0.72 33.44
C LEU C 313 -30.27 1.08 32.36
N GLY C 314 -31.55 1.19 32.74
CA GLY C 314 -32.55 1.65 31.79
C GLY C 314 -32.36 3.10 31.39
N ARG C 315 -32.11 3.98 32.36
CA ARG C 315 -31.86 5.38 32.00
C ARG C 315 -30.48 5.58 31.40
N PHE C 316 -29.56 4.63 31.58
CA PHE C 316 -28.36 4.60 30.75
C PHE C 316 -28.68 4.16 29.32
N LEU C 317 -29.66 3.27 29.16
CA LEU C 317 -29.99 2.74 27.83
C LEU C 317 -30.71 3.78 26.97
N LEU C 318 -31.71 4.48 27.52
CA LEU C 318 -32.36 5.52 26.74
C LEU C 318 -31.68 6.88 26.87
N ASN C 319 -30.43 6.95 27.29
CA ASN C 319 -29.62 8.13 27.07
C ASN C 319 -29.30 8.27 25.60
N ASN C 320 -29.33 9.51 25.09
CA ASN C 320 -29.07 9.74 23.68
C ASN C 320 -27.58 9.72 23.35
N ASP C 321 -26.70 9.76 24.35
CA ASP C 321 -25.27 9.72 24.08
C ASP C 321 -24.81 8.32 23.74
N LYS C 322 -23.99 8.22 22.69
CA LYS C 322 -23.58 6.92 22.18
C LYS C 322 -22.56 6.25 23.09
N ASN C 323 -21.75 7.04 23.80
CA ASN C 323 -20.86 6.51 24.83
C ASN C 323 -21.63 5.86 25.97
N ILE C 324 -22.72 6.50 26.40
CA ILE C 324 -23.54 5.97 27.48
C ILE C 324 -24.34 4.76 27.01
N ARG C 325 -24.72 4.74 25.72
CA ARG C 325 -25.39 3.56 25.17
C ARG C 325 -24.44 2.37 25.06
N TYR C 326 -23.17 2.63 24.70
CA TYR C 326 -22.12 1.59 24.71
C TYR C 326 -21.88 1.08 26.11
N VAL C 327 -21.88 1.98 27.10
CA VAL C 327 -21.66 1.62 28.48
C VAL C 327 -22.80 0.78 29.03
N ALA C 328 -24.04 1.12 28.65
CA ALA C 328 -25.22 0.36 29.07
C ALA C 328 -25.24 -1.03 28.42
N LEU C 329 -24.86 -1.12 27.14
CA LEU C 329 -24.75 -2.41 26.47
C LEU C 329 -23.65 -3.28 27.07
N THR C 330 -22.51 -2.68 27.43
CA THR C 330 -21.41 -3.42 28.03
C THR C 330 -21.74 -3.87 29.45
N SER C 331 -22.48 -3.06 30.21
CA SER C 331 -22.86 -3.47 31.56
C SER C 331 -23.92 -4.57 31.54
N LEU C 332 -24.89 -4.47 30.61
CA LEU C 332 -25.88 -5.53 30.50
C LEU C 332 -25.30 -6.81 29.91
N LEU C 333 -24.21 -6.69 29.14
CA LEU C 333 -23.44 -7.87 28.76
C LEU C 333 -22.62 -8.41 29.93
N LYS C 334 -22.21 -7.53 30.85
CA LYS C 334 -21.44 -7.96 32.01
C LYS C 334 -22.31 -8.73 33.00
N THR C 335 -23.57 -8.36 33.15
CA THR C 335 -24.50 -9.15 33.98
C THR C 335 -25.59 -9.75 33.09
N VAL C 336 -25.36 -11.00 32.68
CA VAL C 336 -26.34 -11.77 31.94
C VAL C 336 -26.78 -13.01 32.70
N GLN C 337 -25.84 -13.68 33.38
CA GLN C 337 -26.15 -14.94 34.08
C GLN C 337 -26.99 -14.70 35.32
N THR C 338 -26.69 -13.64 36.06
CA THR C 338 -27.58 -13.18 37.12
C THR C 338 -28.68 -12.34 36.49
N ASP C 339 -29.80 -12.21 37.24
CA ASP C 339 -31.08 -11.53 36.95
C ASP C 339 -31.54 -11.65 35.49
N HIS C 340 -31.58 -12.91 35.01
CA HIS C 340 -31.95 -13.27 33.64
C HIS C 340 -33.36 -12.84 33.28
N ASN C 341 -34.27 -12.80 34.26
CA ASN C 341 -35.61 -12.28 34.04
C ASN C 341 -35.51 -10.76 33.84
N ALA C 342 -34.58 -10.10 34.53
CA ALA C 342 -34.49 -8.65 34.51
C ALA C 342 -33.65 -8.09 33.37
N VAL C 343 -32.97 -8.93 32.59
CA VAL C 343 -32.37 -8.39 31.36
C VAL C 343 -33.32 -8.48 30.16
N GLN C 344 -34.28 -9.42 30.16
CA GLN C 344 -35.10 -9.72 28.98
C GLN C 344 -36.08 -8.62 28.59
N ARG C 345 -36.40 -7.68 29.48
CA ARG C 345 -37.38 -6.65 29.13
C ARG C 345 -36.78 -5.55 28.26
N HIS C 346 -35.46 -5.48 28.13
CA HIS C 346 -34.79 -4.48 27.32
C HIS C 346 -34.47 -4.97 25.92
N ARG C 347 -35.07 -6.10 25.49
CA ARG C 347 -34.68 -6.77 24.25
C ARG C 347 -35.09 -5.98 23.01
N SER C 348 -36.23 -5.27 23.09
CA SER C 348 -36.66 -4.41 21.98
C SER C 348 -35.70 -3.23 21.80
N THR C 349 -35.21 -2.67 22.91
CA THR C 349 -34.20 -1.61 22.82
C THR C 349 -32.87 -2.15 22.31
N ILE C 350 -32.50 -3.38 22.70
CA ILE C 350 -31.25 -4.01 22.27
C ILE C 350 -31.27 -4.29 20.76
N VAL C 351 -32.38 -4.83 20.25
CA VAL C 351 -32.49 -5.02 18.81
C VAL C 351 -32.77 -3.70 18.08
N ASP C 352 -33.18 -2.64 18.79
CA ASP C 352 -33.22 -1.33 18.17
C ASP C 352 -31.82 -0.76 17.96
N CYS C 353 -30.91 -0.97 18.91
CA CYS C 353 -29.54 -0.50 18.66
C CYS C 353 -28.73 -1.53 17.87
N LEU C 354 -29.29 -2.70 17.59
CA LEU C 354 -28.66 -3.63 16.65
C LEU C 354 -28.62 -3.07 15.23
N LYS C 355 -29.62 -2.27 14.84
CA LYS C 355 -29.63 -1.62 13.53
C LYS C 355 -29.02 -0.22 13.56
N ASP C 356 -28.30 0.14 14.63
CA ASP C 356 -27.67 1.45 14.71
C ASP C 356 -26.47 1.52 13.77
N LEU C 357 -26.11 2.75 13.39
CA LEU C 357 -25.04 2.98 12.43
C LEU C 357 -23.66 2.75 13.05
N ASP C 358 -23.54 2.79 14.37
CA ASP C 358 -22.24 2.68 15.02
C ASP C 358 -21.77 1.23 15.09
N VAL C 359 -20.49 1.06 14.77
CA VAL C 359 -19.84 -0.26 14.70
C VAL C 359 -19.80 -0.92 16.06
N SER C 360 -19.36 -0.17 17.08
CA SER C 360 -19.22 -0.73 18.42
C SER C 360 -20.58 -0.95 19.09
N ILE C 361 -21.55 -0.06 18.82
CA ILE C 361 -22.91 -0.21 19.34
C ILE C 361 -23.57 -1.46 18.79
N LYS C 362 -23.45 -1.68 17.47
CA LYS C 362 -24.06 -2.88 16.90
C LYS C 362 -23.26 -4.15 17.23
N ARG C 363 -21.96 -4.02 17.53
CA ARG C 363 -21.18 -5.18 17.95
C ARG C 363 -21.56 -5.66 19.34
N ARG C 364 -21.65 -4.74 20.32
CA ARG C 364 -22.07 -5.17 21.66
C ARG C 364 -23.56 -5.47 21.70
N ALA C 365 -24.36 -4.90 20.79
CA ALA C 365 -25.76 -5.28 20.69
C ALA C 365 -25.92 -6.70 20.16
N MET C 366 -25.08 -7.09 19.18
CA MET C 366 -25.07 -8.46 18.66
C MET C 366 -24.62 -9.45 19.72
N GLU C 367 -23.57 -9.10 20.47
CA GLU C 367 -23.07 -9.99 21.53
C GLU C 367 -24.04 -10.08 22.69
N LEU C 368 -24.76 -8.99 22.99
CA LEU C 368 -25.77 -9.01 24.04
C LEU C 368 -27.00 -9.81 23.63
N SER C 369 -27.39 -9.74 22.35
CA SER C 369 -28.49 -10.57 21.86
C SER C 369 -28.13 -12.05 21.84
N PHE C 370 -26.87 -12.36 21.51
CA PHE C 370 -26.41 -13.75 21.55
C PHE C 370 -26.32 -14.27 22.98
N ALA C 371 -25.93 -13.40 23.93
CA ALA C 371 -25.93 -13.82 25.33
C ALA C 371 -27.34 -13.88 25.90
N LEU C 372 -28.27 -13.12 25.32
CA LEU C 372 -29.66 -13.09 25.76
C LEU C 372 -30.53 -14.09 25.02
N VAL C 373 -29.96 -14.88 24.12
CA VAL C 373 -30.70 -16.00 23.54
C VAL C 373 -30.94 -17.07 24.61
N ASN C 374 -32.20 -17.48 24.75
CA ASN C 374 -32.56 -18.58 25.64
C ASN C 374 -33.55 -19.49 24.95
N GLY C 375 -34.20 -20.38 25.70
CA GLY C 375 -35.06 -21.38 25.11
C GLY C 375 -36.55 -21.05 25.05
N ASN C 376 -36.94 -19.80 25.25
CA ASN C 376 -38.37 -19.47 25.29
C ASN C 376 -38.90 -19.01 23.92
N ASN C 377 -38.36 -17.91 23.40
CA ASN C 377 -38.78 -17.38 22.11
C ASN C 377 -37.56 -17.21 21.18
N ILE C 378 -36.80 -18.32 21.15
CA ILE C 378 -35.58 -18.51 20.38
C ILE C 378 -35.83 -18.31 18.88
N ARG C 379 -37.00 -18.74 18.39
CA ARG C 379 -37.44 -18.37 17.04
C ARG C 379 -37.62 -16.87 16.90
N GLY C 380 -38.15 -16.22 17.95
CA GLY C 380 -38.42 -14.80 17.90
C GLY C 380 -37.17 -13.94 17.82
N MET C 381 -36.12 -14.29 18.56
CA MET C 381 -34.84 -13.64 18.29
C MET C 381 -34.17 -14.18 17.04
N MET C 382 -34.51 -15.39 16.59
CA MET C 382 -33.74 -16.02 15.53
C MET C 382 -34.05 -15.43 14.15
N LYS C 383 -35.31 -15.06 13.89
CA LYS C 383 -35.60 -14.30 12.66
C LYS C 383 -34.93 -12.93 12.64
N GLU C 384 -34.84 -12.25 13.78
CA GLU C 384 -34.12 -10.97 13.82
C GLU C 384 -32.62 -11.15 13.69
N LEU C 385 -32.07 -12.26 14.20
CA LEU C 385 -30.64 -12.51 14.09
C LEU C 385 -30.25 -12.91 12.67
N LEU C 386 -31.10 -13.70 11.99
CA LEU C 386 -30.88 -13.98 10.56
C LEU C 386 -31.13 -12.76 9.69
N TYR C 387 -32.02 -11.84 10.09
CA TYR C 387 -32.18 -10.58 9.39
C TYR C 387 -30.93 -9.72 9.53
N PHE C 388 -30.36 -9.69 10.75
CA PHE C 388 -29.11 -8.97 11.00
C PHE C 388 -27.94 -9.60 10.26
N LEU C 389 -27.93 -10.92 10.10
CA LEU C 389 -26.91 -11.59 9.29
C LEU C 389 -27.07 -11.26 7.81
N ASP C 390 -28.30 -11.26 7.31
CA ASP C 390 -28.53 -11.04 5.89
C ASP C 390 -28.44 -9.57 5.48
N SER C 391 -28.48 -8.64 6.43
CA SER C 391 -28.54 -7.21 6.10
C SER C 391 -27.42 -6.45 6.80
N CYS C 392 -26.18 -6.92 6.69
CA CYS C 392 -25.07 -6.30 7.39
C CYS C 392 -23.92 -5.97 6.46
N GLU C 393 -23.11 -5.01 6.89
CA GLU C 393 -21.79 -4.81 6.33
C GLU C 393 -20.96 -6.04 6.71
N PRO C 394 -20.19 -6.62 5.77
CA PRO C 394 -19.78 -8.02 5.94
C PRO C 394 -18.53 -8.29 6.80
N GLU C 395 -18.14 -7.36 7.68
CA GLU C 395 -17.14 -7.73 8.68
C GLU C 395 -17.78 -8.47 9.85
N PHE C 396 -19.10 -8.33 10.02
CA PHE C 396 -19.80 -8.88 11.18
C PHE C 396 -20.30 -10.29 10.96
N LYS C 397 -20.17 -10.83 9.74
CA LYS C 397 -20.86 -12.07 9.38
C LYS C 397 -20.22 -13.30 10.00
N ALA C 398 -18.90 -13.28 10.23
CA ALA C 398 -18.22 -14.42 10.83
C ALA C 398 -18.60 -14.59 12.30
N ASP C 399 -18.60 -13.48 13.05
CA ASP C 399 -19.01 -13.52 14.45
C ASP C 399 -20.51 -13.76 14.58
N CYS C 400 -21.30 -13.24 13.64
CA CYS C 400 -22.74 -13.48 13.62
C CYS C 400 -23.06 -14.94 13.35
N ALA C 401 -22.37 -15.56 12.39
CA ALA C 401 -22.59 -16.97 12.06
C ALA C 401 -22.10 -17.88 13.19
N SER C 402 -21.00 -17.50 13.85
CA SER C 402 -20.49 -18.27 14.98
C SER C 402 -21.46 -18.21 16.17
N GLY C 403 -21.97 -17.01 16.49
CA GLY C 403 -22.96 -16.88 17.54
C GLY C 403 -24.27 -17.56 17.24
N ILE C 404 -24.67 -17.58 15.96
CA ILE C 404 -25.82 -18.36 15.50
C ILE C 404 -25.58 -19.85 15.69
N PHE C 405 -24.33 -20.30 15.48
CA PHE C 405 -23.97 -21.70 15.68
C PHE C 405 -24.05 -22.12 17.15
N LEU C 406 -23.48 -21.32 18.08
CA LEU C 406 -23.60 -21.72 19.49
C LEU C 406 -25.02 -21.51 20.03
N ALA C 407 -25.77 -20.54 19.49
CA ALA C 407 -27.15 -20.32 19.93
C ALA C 407 -28.06 -21.45 19.50
N ALA C 408 -27.96 -21.87 18.24
CA ALA C 408 -28.76 -22.99 17.75
C ALA C 408 -28.25 -24.33 18.27
N GLU C 409 -26.99 -24.42 18.68
CA GLU C 409 -26.53 -25.64 19.32
C GLU C 409 -27.06 -25.74 20.75
N LYS C 410 -27.05 -24.63 21.49
CA LYS C 410 -27.43 -24.65 22.90
C LYS C 410 -28.93 -24.72 23.09
N TYR C 411 -29.71 -24.02 22.26
CA TYR C 411 -31.14 -23.83 22.53
C TYR C 411 -31.99 -24.24 21.33
N ALA C 412 -31.74 -25.44 20.81
CA ALA C 412 -32.58 -25.99 19.75
C ALA C 412 -33.80 -26.69 20.36
N PRO C 413 -35.03 -26.28 20.02
CA PRO C 413 -36.20 -27.03 20.49
C PRO C 413 -36.44 -28.30 19.68
N SER C 414 -36.01 -28.31 18.42
CA SER C 414 -36.20 -29.47 17.56
C SER C 414 -35.04 -29.56 16.60
N LYS C 415 -34.79 -30.78 16.12
CA LYS C 415 -33.69 -31.02 15.19
C LYS C 415 -34.01 -30.54 13.78
N ARG C 416 -35.30 -30.52 13.41
CA ARG C 416 -35.69 -30.11 12.06
C ARG C 416 -35.50 -28.59 11.91
N TRP C 417 -35.89 -27.83 12.94
CA TRP C 417 -35.66 -26.38 12.95
C TRP C 417 -34.17 -26.06 13.01
N HIS C 418 -33.40 -26.87 13.75
CA HIS C 418 -31.95 -26.70 13.84
C HIS C 418 -31.28 -26.93 12.50
N ILE C 419 -31.74 -27.97 11.77
CA ILE C 419 -31.22 -28.27 10.43
C ILE C 419 -31.61 -27.17 9.44
N ASP C 420 -32.84 -26.63 9.56
CA ASP C 420 -33.29 -25.53 8.70
C ASP C 420 -32.50 -24.24 8.95
N THR C 421 -32.25 -23.90 10.22
CA THR C 421 -31.51 -22.67 10.48
C THR C 421 -30.01 -22.83 10.21
N ILE C 422 -29.46 -24.05 10.29
CA ILE C 422 -28.04 -24.19 9.99
C ILE C 422 -27.86 -24.23 8.47
N MET C 423 -28.88 -24.70 7.73
CA MET C 423 -28.86 -24.62 6.27
C MET C 423 -29.03 -23.19 5.79
N ARG C 424 -29.86 -22.41 6.50
CA ARG C 424 -30.08 -21.01 6.16
C ARG C 424 -28.82 -20.18 6.39
N VAL C 425 -28.15 -20.39 7.54
CA VAL C 425 -26.94 -19.63 7.80
C VAL C 425 -25.76 -20.14 6.97
N LEU C 426 -25.79 -21.41 6.55
CA LEU C 426 -24.73 -21.93 5.68
C LEU C 426 -24.88 -21.41 4.26
N THR C 427 -26.13 -21.30 3.77
CA THR C 427 -26.35 -20.77 2.44
C THR C 427 -26.21 -19.25 2.38
N THR C 428 -26.58 -18.53 3.43
CA THR C 428 -26.52 -17.07 3.39
C THR C 428 -25.15 -16.53 3.79
N ALA C 429 -24.52 -17.09 4.83
CA ALA C 429 -23.20 -16.62 5.23
C ALA C 429 -22.14 -17.14 4.27
N GLY C 430 -22.00 -18.46 4.18
CA GLY C 430 -21.17 -19.05 3.15
C GLY C 430 -19.68 -18.99 3.41
N SER C 431 -18.99 -18.09 2.72
CA SER C 431 -17.55 -17.97 2.83
C SER C 431 -17.11 -17.34 4.15
N TYR C 432 -18.00 -16.66 4.86
CA TYR C 432 -17.69 -16.08 6.16
C TYR C 432 -17.82 -17.07 7.30
N VAL C 433 -18.26 -18.30 7.02
CA VAL C 433 -18.32 -19.34 8.04
C VAL C 433 -16.91 -19.81 8.35
N ARG C 434 -16.54 -19.81 9.63
CA ARG C 434 -15.21 -20.24 10.04
C ARG C 434 -15.05 -21.75 9.87
N ASP C 435 -13.85 -22.15 9.46
CA ASP C 435 -13.63 -23.52 9.02
C ASP C 435 -13.50 -24.51 10.18
N ASP C 436 -13.30 -24.03 11.41
CA ASP C 436 -13.25 -24.93 12.55
C ASP C 436 -14.64 -25.27 13.08
N ALA C 437 -15.69 -24.60 12.59
CA ALA C 437 -17.05 -24.96 12.95
C ALA C 437 -17.57 -26.15 12.17
N VAL C 438 -16.89 -26.50 11.06
CA VAL C 438 -17.29 -27.67 10.25
C VAL C 438 -17.27 -29.00 11.01
N PRO C 439 -16.29 -29.31 11.91
CA PRO C 439 -16.48 -30.47 12.80
C PRO C 439 -17.69 -30.41 13.72
N ASN C 440 -18.07 -29.22 14.22
CA ASN C 440 -19.27 -29.11 15.04
C ASN C 440 -20.54 -29.33 14.23
N LEU C 441 -20.55 -28.86 12.97
CA LEU C 441 -21.71 -29.04 12.10
C LEU C 441 -21.88 -30.51 11.71
N ILE C 442 -20.77 -31.18 11.38
CA ILE C 442 -20.80 -32.61 11.05
C ILE C 442 -21.16 -33.44 12.29
N GLN C 443 -20.68 -33.02 13.47
CA GLN C 443 -20.99 -33.70 14.72
C GLN C 443 -22.46 -33.60 15.08
N LEU C 444 -23.07 -32.42 14.89
CA LEU C 444 -24.50 -32.28 15.18
C LEU C 444 -25.36 -32.98 14.13
N ILE C 445 -24.89 -33.05 12.88
CA ILE C 445 -25.64 -33.75 11.84
C ILE C 445 -25.61 -35.27 12.09
N THR C 446 -24.44 -35.79 12.47
CA THR C 446 -24.33 -37.22 12.81
C THR C 446 -25.05 -37.55 14.11
N ASN C 447 -25.13 -36.61 15.06
CA ASN C 447 -25.95 -36.82 16.23
C ASN C 447 -27.44 -36.74 15.92
N SER C 448 -27.83 -36.04 14.85
CA SER C 448 -29.22 -36.07 14.37
C SER C 448 -29.46 -37.40 13.67
N VAL C 449 -29.80 -38.41 14.46
CA VAL C 449 -29.86 -39.78 13.96
C VAL C 449 -31.20 -40.04 13.27
N GLU C 450 -32.29 -39.46 13.78
CA GLU C 450 -33.63 -39.73 13.29
C GLU C 450 -33.93 -39.06 11.95
N MET C 451 -33.11 -38.10 11.52
CA MET C 451 -33.28 -37.49 10.21
C MET C 451 -31.90 -37.24 9.60
N HIS C 452 -31.64 -37.89 8.46
CA HIS C 452 -30.38 -37.72 7.74
C HIS C 452 -30.67 -37.41 6.29
N ALA C 453 -31.77 -37.95 5.77
CA ALA C 453 -32.12 -37.84 4.36
C ALA C 453 -32.52 -36.42 3.99
N TYR C 454 -33.22 -35.72 4.89
CA TYR C 454 -33.68 -34.36 4.62
C TYR C 454 -32.51 -33.38 4.58
N THR C 455 -31.59 -33.48 5.54
CA THR C 455 -30.44 -32.58 5.55
C THR C 455 -29.46 -32.90 4.43
N VAL C 456 -29.33 -34.19 4.06
CA VAL C 456 -28.50 -34.57 2.92
C VAL C 456 -29.11 -34.05 1.62
N GLN C 457 -30.43 -34.11 1.48
CA GLN C 457 -31.11 -33.57 0.31
C GLN C 457 -31.04 -32.05 0.24
N ARG C 458 -31.08 -31.38 1.40
CA ARG C 458 -30.97 -29.92 1.41
C ARG C 458 -29.56 -29.45 1.09
N LEU C 459 -28.54 -30.18 1.57
CA LEU C 459 -27.16 -29.88 1.22
C LEU C 459 -26.88 -30.15 -0.26
N TYR C 460 -27.50 -31.21 -0.80
CA TYR C 460 -27.42 -31.54 -2.22
C TYR C 460 -28.08 -30.47 -3.08
N LYS C 461 -29.26 -29.98 -2.66
CA LYS C 461 -29.93 -28.91 -3.40
C LYS C 461 -29.21 -27.58 -3.26
N ALA C 462 -28.52 -27.36 -2.15
CA ALA C 462 -27.76 -26.12 -1.97
C ALA C 462 -26.51 -26.11 -2.85
N ILE C 463 -25.83 -27.25 -2.96
CA ILE C 463 -24.67 -27.34 -3.83
C ILE C 463 -25.08 -27.35 -5.30
N LEU C 464 -26.26 -27.92 -5.60
CA LEU C 464 -26.81 -27.91 -6.95
C LEU C 464 -27.17 -26.51 -7.46
N GLY C 465 -27.40 -25.56 -6.56
CA GLY C 465 -27.44 -24.17 -6.95
C GLY C 465 -26.04 -23.63 -7.21
N ASP C 466 -25.20 -23.61 -6.19
CA ASP C 466 -23.82 -23.15 -6.32
C ASP C 466 -22.97 -23.82 -5.24
N TYR C 467 -21.68 -23.96 -5.54
CA TYR C 467 -20.74 -24.57 -4.60
C TYR C 467 -19.53 -23.68 -4.38
N SER C 468 -19.74 -22.36 -4.34
CA SER C 468 -18.64 -21.42 -4.07
C SER C 468 -18.33 -21.27 -2.59
N GLN C 469 -19.14 -21.85 -1.72
CA GLN C 469 -19.03 -21.68 -0.28
C GLN C 469 -18.38 -22.93 0.30
N GLN C 470 -17.10 -22.80 0.67
CA GLN C 470 -16.24 -23.89 1.12
C GLN C 470 -16.69 -24.64 2.39
N PRO C 471 -17.15 -24.01 3.50
CA PRO C 471 -17.69 -24.85 4.59
C PRO C 471 -19.01 -25.53 4.25
N LEU C 472 -19.83 -24.92 3.39
CA LEU C 472 -21.06 -25.55 2.92
C LEU C 472 -20.77 -26.79 2.08
N VAL C 473 -19.83 -26.70 1.15
CA VAL C 473 -19.48 -27.86 0.35
C VAL C 473 -18.66 -28.88 1.15
N GLN C 474 -17.97 -28.45 2.22
CA GLN C 474 -17.24 -29.38 3.06
C GLN C 474 -18.20 -30.18 3.95
N VAL C 475 -19.28 -29.56 4.43
CA VAL C 475 -20.32 -30.29 5.12
C VAL C 475 -21.07 -31.20 4.15
N ALA C 476 -21.38 -30.69 2.95
CA ALA C 476 -22.25 -31.36 2.01
C ALA C 476 -21.60 -32.58 1.38
N ALA C 477 -20.30 -32.50 1.07
CA ALA C 477 -19.58 -33.63 0.51
C ALA C 477 -19.47 -34.78 1.50
N TRP C 478 -19.19 -34.47 2.77
CA TRP C 478 -19.13 -35.47 3.82
C TRP C 478 -20.49 -36.12 4.07
N CYS C 479 -21.56 -35.31 4.04
CA CYS C 479 -22.89 -35.84 4.27
C CYS C 479 -23.39 -36.68 3.09
N ILE C 480 -23.04 -36.27 1.86
CA ILE C 480 -23.40 -37.03 0.66
C ILE C 480 -22.66 -38.35 0.63
N GLY C 481 -21.35 -38.33 0.93
CA GLY C 481 -20.57 -39.56 0.95
C GLY C 481 -20.92 -40.50 2.08
N GLU C 482 -21.42 -39.97 3.20
CA GLU C 482 -21.83 -40.87 4.27
C GLU C 482 -23.27 -41.36 4.13
N TYR C 483 -24.15 -40.60 3.47
CA TYR C 483 -25.57 -40.96 3.46
C TYR C 483 -26.17 -40.98 2.05
N GLY C 484 -25.36 -41.34 1.05
CA GLY C 484 -25.90 -41.56 -0.28
C GLY C 484 -26.81 -42.77 -0.40
N ASP C 485 -26.69 -43.74 0.52
CA ASP C 485 -27.52 -44.94 0.50
C ASP C 485 -28.97 -44.67 0.84
N LEU C 486 -29.28 -43.55 1.49
CA LEU C 486 -30.65 -43.08 1.60
C LEU C 486 -30.90 -41.75 0.91
N LEU C 487 -29.86 -41.10 0.36
CA LEU C 487 -30.10 -40.07 -0.64
C LEU C 487 -30.72 -40.66 -1.90
N VAL C 488 -30.24 -41.82 -2.33
CA VAL C 488 -30.92 -42.59 -3.37
C VAL C 488 -31.67 -43.73 -2.71
N SER C 489 -32.69 -44.24 -3.40
CA SER C 489 -33.56 -45.28 -2.84
C SER C 489 -34.20 -46.05 -3.97
N GLY C 490 -33.89 -47.33 -4.08
CA GLY C 490 -34.52 -48.23 -5.04
C GLY C 490 -34.21 -47.92 -6.50
N GLN C 491 -32.98 -47.54 -6.80
CA GLN C 491 -32.63 -47.08 -8.14
C GLN C 491 -31.56 -47.96 -8.76
N CYS C 492 -31.71 -49.28 -8.63
CA CYS C 492 -30.72 -50.21 -9.18
C CYS C 492 -30.79 -50.29 -10.70
N GLU C 493 -31.97 -50.03 -11.27
CA GLU C 493 -32.12 -50.03 -12.72
C GLU C 493 -32.85 -48.78 -13.18
N GLU C 494 -33.20 -48.71 -14.47
CA GLU C 494 -33.94 -47.58 -14.99
C GLU C 494 -35.40 -47.67 -14.55
N GLU C 495 -35.95 -46.55 -14.12
CA GLU C 495 -37.28 -46.52 -13.52
C GLU C 495 -38.00 -45.26 -14.00
N GLU C 496 -39.07 -44.89 -13.30
CA GLU C 496 -39.80 -43.66 -13.57
C GLU C 496 -38.92 -42.44 -13.27
N PRO C 497 -39.12 -41.31 -14.00
CA PRO C 497 -38.22 -40.15 -13.82
C PRO C 497 -38.36 -39.44 -12.48
N ILE C 498 -37.37 -39.64 -11.63
CA ILE C 498 -37.28 -38.99 -10.34
C ILE C 498 -36.05 -38.08 -10.41
N GLN C 499 -36.08 -36.99 -9.62
CA GLN C 499 -35.10 -35.91 -9.73
C GLN C 499 -33.70 -36.33 -9.29
N VAL C 500 -33.57 -37.36 -8.47
CA VAL C 500 -32.28 -37.92 -8.09
C VAL C 500 -32.11 -39.24 -8.83
N THR C 501 -31.10 -39.32 -9.70
CA THR C 501 -30.90 -40.53 -10.50
C THR C 501 -29.44 -40.95 -10.55
N GLU C 502 -28.70 -40.70 -9.46
CA GLU C 502 -27.43 -41.36 -9.09
C GLU C 502 -26.27 -41.07 -10.05
N ASP C 503 -26.38 -40.03 -10.88
CA ASP C 503 -25.31 -39.67 -11.80
C ASP C 503 -24.85 -38.23 -11.60
N GLU C 504 -25.78 -37.28 -11.48
CA GLU C 504 -25.41 -35.88 -11.40
C GLU C 504 -24.88 -35.49 -10.03
N VAL C 505 -25.12 -36.33 -9.00
CA VAL C 505 -24.45 -36.15 -7.70
C VAL C 505 -22.95 -36.41 -7.85
N LEU C 506 -22.57 -37.48 -8.54
CA LEU C 506 -21.16 -37.72 -8.83
C LEU C 506 -20.60 -36.73 -9.84
N ASP C 507 -21.45 -36.17 -10.70
CA ASP C 507 -21.00 -35.17 -11.66
C ASP C 507 -20.69 -33.84 -10.93
N ILE C 508 -21.48 -33.49 -9.92
CA ILE C 508 -21.19 -32.22 -9.25
C ILE C 508 -20.05 -32.42 -8.23
N LEU C 509 -19.87 -33.64 -7.71
CA LEU C 509 -18.67 -33.96 -6.93
C LEU C 509 -17.41 -33.93 -7.80
N GLU C 510 -17.53 -34.39 -9.06
CA GLU C 510 -16.48 -34.22 -10.06
C GLU C 510 -16.21 -32.75 -10.34
N SER C 511 -17.27 -31.93 -10.34
CA SER C 511 -17.14 -30.50 -10.64
C SER C 511 -16.38 -29.75 -9.54
N VAL C 512 -16.66 -30.05 -8.26
CA VAL C 512 -15.94 -29.38 -7.19
C VAL C 512 -14.52 -29.95 -7.10
N LEU C 513 -14.33 -31.20 -7.56
CA LEU C 513 -12.96 -31.72 -7.70
C LEU C 513 -12.16 -31.02 -8.80
N ILE C 514 -12.78 -30.72 -9.95
CA ILE C 514 -11.95 -30.24 -11.07
C ILE C 514 -11.71 -28.73 -10.90
N SER C 515 -12.67 -28.01 -10.27
CA SER C 515 -12.68 -26.55 -10.28
C SER C 515 -11.56 -25.96 -9.42
N ASN C 516 -10.96 -24.87 -9.93
CA ASN C 516 -9.88 -24.17 -9.25
C ASN C 516 -10.38 -23.26 -8.13
N MET C 517 -11.69 -23.13 -8.00
CA MET C 517 -12.38 -22.41 -6.92
C MET C 517 -12.72 -23.35 -5.75
N SER C 518 -11.73 -24.16 -5.40
CA SER C 518 -11.73 -25.03 -4.24
C SER C 518 -10.42 -24.85 -3.48
N THR C 519 -10.46 -25.13 -2.18
CA THR C 519 -9.36 -24.79 -1.27
C THR C 519 -8.44 -25.96 -0.96
N SER C 520 -8.52 -27.05 -1.74
CA SER C 520 -7.73 -28.28 -1.66
C SER C 520 -7.94 -29.09 -0.37
N VAL C 521 -8.93 -28.74 0.44
CA VAL C 521 -9.42 -29.60 1.50
C VAL C 521 -10.76 -30.21 1.13
N THR C 522 -11.62 -29.41 0.49
CA THR C 522 -12.90 -29.91 -0.01
C THR C 522 -12.72 -30.86 -1.19
N ARG C 523 -11.59 -30.78 -1.90
CA ARG C 523 -11.26 -31.81 -2.88
C ARG C 523 -10.98 -33.15 -2.21
N GLY C 524 -10.31 -33.13 -1.05
CA GLY C 524 -10.13 -34.35 -0.27
C GLY C 524 -11.44 -34.87 0.29
N TYR C 525 -12.33 -33.95 0.71
CA TYR C 525 -13.67 -34.31 1.15
C TYR C 525 -14.48 -34.94 0.02
N ALA C 526 -14.37 -34.40 -1.19
CA ALA C 526 -15.10 -34.93 -2.34
C ALA C 526 -14.53 -36.26 -2.81
N LEU C 527 -13.21 -36.45 -2.72
CA LEU C 527 -12.61 -37.73 -3.09
C LEU C 527 -12.95 -38.83 -2.11
N THR C 528 -12.93 -38.51 -0.80
CA THR C 528 -13.37 -39.47 0.21
C THR C 528 -14.87 -39.72 0.12
N ALA C 529 -15.64 -38.72 -0.31
CA ALA C 529 -17.08 -38.89 -0.57
C ALA C 529 -17.33 -39.85 -1.73
N ILE C 530 -16.57 -39.70 -2.81
CA ILE C 530 -16.72 -40.54 -4.00
C ILE C 530 -16.30 -41.97 -3.70
N MET C 531 -15.22 -42.14 -2.91
CA MET C 531 -14.82 -43.48 -2.47
C MET C 531 -15.83 -44.11 -1.53
N LYS C 532 -16.40 -43.33 -0.60
CA LYS C 532 -17.41 -43.84 0.32
C LYS C 532 -18.72 -44.16 -0.39
N LEU C 533 -18.99 -43.50 -1.52
CA LEU C 533 -20.18 -43.77 -2.31
C LEU C 533 -20.07 -45.05 -3.12
N SER C 534 -18.87 -45.64 -3.24
CA SER C 534 -18.71 -46.88 -4.00
C SER C 534 -19.35 -48.08 -3.30
N THR C 535 -19.37 -48.07 -1.96
CA THR C 535 -20.05 -49.13 -1.23
C THR C 535 -21.56 -48.94 -1.28
N ARG C 536 -22.02 -47.69 -1.18
CA ARG C 536 -23.44 -47.40 -1.01
C ARG C 536 -24.21 -47.29 -2.32
N PHE C 537 -23.54 -47.31 -3.46
CA PHE C 537 -24.21 -47.26 -4.77
C PHE C 537 -24.05 -48.60 -5.46
N THR C 538 -25.18 -49.22 -5.78
CA THR C 538 -25.20 -50.52 -6.43
C THR C 538 -25.63 -50.47 -7.88
N CYS C 539 -25.84 -49.27 -8.44
CA CYS C 539 -26.29 -49.12 -9.81
C CYS C 539 -25.15 -48.81 -10.76
N THR C 540 -24.41 -47.72 -10.52
CA THR C 540 -23.31 -47.34 -11.39
C THR C 540 -22.06 -48.09 -10.97
N VAL C 541 -21.34 -48.62 -11.96
CA VAL C 541 -20.06 -49.27 -11.77
C VAL C 541 -19.09 -48.68 -12.79
N ASN C 542 -17.79 -48.84 -12.49
CA ASN C 542 -16.64 -48.48 -13.36
C ASN C 542 -16.61 -46.99 -13.72
N ARG C 543 -17.15 -46.14 -12.85
CA ARG C 543 -17.09 -44.70 -12.99
C ARG C 543 -16.41 -44.04 -11.80
N ILE C 544 -16.74 -44.53 -10.59
CA ILE C 544 -16.00 -44.21 -9.38
C ILE C 544 -14.56 -44.69 -9.49
N LYS C 545 -14.36 -45.85 -10.12
CA LYS C 545 -13.02 -46.40 -10.35
C LYS C 545 -12.19 -45.52 -11.29
N LYS C 546 -12.77 -45.00 -12.38
CA LYS C 546 -11.93 -44.23 -13.28
C LYS C 546 -11.73 -42.80 -12.76
N VAL C 547 -12.69 -42.27 -12.00
CA VAL C 547 -12.47 -40.95 -11.42
C VAL C 547 -11.54 -41.01 -10.21
N VAL C 548 -11.38 -42.17 -9.59
CA VAL C 548 -10.29 -42.38 -8.63
C VAL C 548 -8.96 -42.51 -9.38
N SER C 549 -8.98 -43.23 -10.52
CA SER C 549 -7.76 -43.54 -11.27
C SER C 549 -7.13 -42.31 -11.93
N ILE C 550 -7.94 -41.36 -12.44
CA ILE C 550 -7.35 -40.17 -13.04
C ILE C 550 -6.87 -39.15 -12.01
N TYR C 551 -7.18 -39.33 -10.74
CA TYR C 551 -6.70 -38.44 -9.70
C TYR C 551 -5.49 -39.00 -8.97
N GLY C 552 -4.94 -40.12 -9.43
CA GLY C 552 -3.77 -40.74 -8.85
C GLY C 552 -2.45 -40.15 -9.29
N SER C 553 -2.47 -39.13 -10.11
CA SER C 553 -1.28 -38.40 -10.55
C SER C 553 -1.45 -36.92 -10.33
N SER C 554 -2.04 -36.53 -9.20
CA SER C 554 -2.35 -35.14 -8.91
C SER C 554 -1.13 -34.42 -8.36
N ILE C 555 -1.15 -33.09 -8.49
CA ILE C 555 -0.11 -32.27 -7.88
C ILE C 555 -0.37 -32.03 -6.40
N ASP C 556 -1.58 -32.29 -5.93
CA ASP C 556 -1.87 -32.27 -4.50
C ASP C 556 -1.45 -33.61 -3.90
N VAL C 557 -0.59 -33.56 -2.88
CA VAL C 557 0.06 -34.78 -2.42
C VAL C 557 -0.89 -35.63 -1.58
N GLU C 558 -1.80 -35.00 -0.82
CA GLU C 558 -2.77 -35.75 -0.04
C GLU C 558 -3.85 -36.35 -0.92
N LEU C 559 -4.28 -35.60 -1.95
CA LEU C 559 -5.23 -36.10 -2.93
C LEU C 559 -4.65 -37.25 -3.74
N GLN C 560 -3.36 -37.14 -4.10
CA GLN C 560 -2.69 -38.19 -4.85
C GLN C 560 -2.48 -39.44 -4.02
N GLN C 561 -2.15 -39.28 -2.74
CA GLN C 561 -1.99 -40.42 -1.83
C GLN C 561 -3.33 -41.13 -1.57
N ARG C 562 -4.41 -40.34 -1.39
CA ARG C 562 -5.74 -40.91 -1.21
C ARG C 562 -6.21 -41.65 -2.45
N ALA C 563 -6.02 -41.06 -3.63
CA ALA C 563 -6.47 -41.69 -4.86
C ALA C 563 -5.61 -42.90 -5.23
N VAL C 564 -4.33 -42.90 -4.86
CA VAL C 564 -3.48 -44.06 -5.09
C VAL C 564 -3.88 -45.22 -4.19
N GLU C 565 -4.20 -44.93 -2.91
CA GLU C 565 -4.68 -45.96 -1.99
C GLU C 565 -6.04 -46.50 -2.41
N TYR C 566 -6.93 -45.62 -2.88
CA TYR C 566 -8.27 -46.06 -3.30
C TYR C 566 -8.21 -46.82 -4.62
N ASN C 567 -7.28 -46.45 -5.51
CA ASN C 567 -7.09 -47.20 -6.75
C ASN C 567 -6.47 -48.57 -6.49
N ALA C 568 -5.59 -48.67 -5.49
CA ALA C 568 -5.04 -49.96 -5.11
C ALA C 568 -6.11 -50.86 -4.50
N LEU C 569 -7.00 -50.29 -3.68
CA LEU C 569 -8.13 -51.03 -3.13
C LEU C 569 -9.10 -51.48 -4.22
N PHE C 570 -9.36 -50.61 -5.20
CA PHE C 570 -10.24 -50.94 -6.32
C PHE C 570 -9.66 -52.01 -7.22
N LYS C 571 -8.36 -51.94 -7.49
CA LYS C 571 -7.73 -52.90 -8.40
C LYS C 571 -7.54 -54.27 -7.75
N LYS C 572 -7.07 -54.32 -6.51
CA LYS C 572 -6.68 -55.60 -5.93
C LYS C 572 -7.61 -56.09 -4.82
N TYR C 573 -8.22 -55.20 -4.04
CA TYR C 573 -8.96 -55.60 -2.85
C TYR C 573 -10.37 -55.02 -2.89
N ASP C 574 -11.05 -55.25 -4.03
CA ASP C 574 -12.41 -54.75 -4.24
C ASP C 574 -13.45 -55.43 -3.35
N HIS C 575 -13.15 -56.63 -2.84
CA HIS C 575 -14.06 -57.36 -1.98
C HIS C 575 -13.94 -56.95 -0.51
N MET C 576 -13.02 -56.04 -0.17
CA MET C 576 -12.74 -55.69 1.21
C MET C 576 -13.26 -54.29 1.56
N ARG C 577 -13.76 -53.56 0.56
CA ARG C 577 -14.15 -52.15 0.70
C ARG C 577 -15.36 -51.94 1.60
N SER C 578 -16.27 -52.92 1.65
CA SER C 578 -17.42 -52.82 2.55
C SER C 578 -17.03 -53.02 4.01
N ALA C 579 -15.92 -53.70 4.27
CA ALA C 579 -15.48 -53.90 5.64
C ALA C 579 -14.84 -52.65 6.23
N LEU C 580 -14.31 -51.76 5.38
CA LEU C 580 -13.63 -50.56 5.86
C LEU C 580 -14.29 -49.26 5.43
N LEU C 581 -15.40 -49.33 4.69
CA LEU C 581 -16.12 -48.14 4.26
C LEU C 581 -17.54 -48.11 4.80
N GLU C 582 -17.74 -48.67 6.00
CA GLU C 582 -19.06 -48.70 6.62
C GLU C 582 -19.26 -47.46 7.49
N ARG C 583 -20.50 -47.28 7.93
CA ARG C 583 -20.83 -46.17 8.80
C ARG C 583 -20.32 -46.42 10.21
N MET C 584 -20.07 -45.33 10.93
CA MET C 584 -19.55 -45.40 12.30
C MET C 584 -20.64 -45.03 13.30
N PRO C 585 -20.56 -45.53 14.53
CA PRO C 585 -21.40 -44.98 15.60
C PRO C 585 -20.96 -43.57 15.96
N VAL C 586 -21.91 -42.83 16.54
CA VAL C 586 -21.73 -41.41 16.81
C VAL C 586 -20.81 -41.20 18.01
N MET C 587 -20.35 -39.96 18.20
CA MET C 587 -19.47 -39.60 19.29
C MET C 587 -20.03 -38.37 20.00
N GLU C 588 -19.54 -38.13 21.22
CA GLU C 588 -19.99 -36.97 21.99
C GLU C 588 -18.81 -36.23 22.59
N GLU D 1 43.21 9.45 30.08
CA GLU D 1 42.49 9.34 28.82
C GLU D 1 42.47 7.89 28.35
N MET D 2 42.11 6.99 29.27
CA MET D 2 41.99 5.57 28.96
C MET D 2 40.58 5.09 29.27
N ARG D 3 40.05 4.26 28.38
CA ARG D 3 38.84 3.50 28.67
C ARG D 3 39.25 2.13 29.16
N ILE D 4 38.94 1.82 30.42
CA ILE D 4 39.36 0.61 31.09
C ILE D 4 38.13 -0.25 31.35
N LEU D 5 38.20 -1.52 30.95
CA LEU D 5 37.13 -2.47 31.20
C LEU D 5 37.57 -3.45 32.28
N MET D 6 36.86 -3.46 33.41
CA MET D 6 37.07 -4.47 34.44
C MET D 6 36.10 -5.62 34.21
N VAL D 7 36.63 -6.81 34.03
CA VAL D 7 35.86 -8.03 33.86
C VAL D 7 36.49 -9.14 34.69
N GLY D 8 35.84 -10.27 34.70
CA GLY D 8 36.22 -11.38 35.56
C GLY D 8 34.98 -12.04 36.10
N LEU D 9 35.19 -13.14 36.83
CA LEU D 9 34.09 -13.96 37.29
C LEU D 9 33.34 -13.29 38.46
N ASP D 10 32.26 -13.92 38.90
CA ASP D 10 31.50 -13.38 40.02
C ASP D 10 32.23 -13.64 41.33
N ALA D 11 31.90 -12.82 42.33
CA ALA D 11 32.45 -12.83 43.70
C ALA D 11 33.98 -12.67 43.70
N ALA D 12 34.45 -11.54 43.14
CA ALA D 12 35.88 -11.61 42.78
C ALA D 12 36.73 -10.46 43.28
N GLY D 13 36.24 -9.23 43.21
CA GLY D 13 37.05 -8.11 43.66
C GLY D 13 36.91 -6.86 42.83
N LYS D 14 36.10 -6.90 41.77
CA LYS D 14 36.10 -5.83 40.76
C LYS D 14 35.48 -4.54 41.27
N THR D 15 34.31 -4.64 41.92
CA THR D 15 33.64 -3.46 42.46
C THR D 15 34.40 -2.88 43.66
N THR D 16 35.02 -3.76 44.46
CA THR D 16 35.85 -3.33 45.59
C THR D 16 37.10 -2.62 45.10
N ILE D 17 37.70 -3.10 44.01
CA ILE D 17 38.87 -2.47 43.41
C ILE D 17 38.50 -1.11 42.82
N LEU D 18 37.33 -1.03 42.17
CA LEU D 18 36.85 0.23 41.58
C LEU D 18 36.57 1.30 42.62
N TYR D 19 35.88 0.95 43.72
CA TYR D 19 35.67 1.95 44.76
C TYR D 19 36.83 2.08 45.73
N LYS D 20 37.86 1.24 45.65
CA LYS D 20 39.11 1.57 46.31
C LYS D 20 39.93 2.55 45.49
N LEU D 21 39.89 2.44 44.15
CA LEU D 21 40.61 3.39 43.31
C LEU D 21 39.90 4.74 43.24
N LYS D 22 38.56 4.73 43.31
CA LYS D 22 37.80 5.96 43.19
C LYS D 22 37.73 6.70 44.53
N LEU D 23 37.12 6.08 45.53
CA LEU D 23 36.91 6.74 46.82
C LEU D 23 38.10 6.53 47.75
N GLY D 24 38.41 5.28 48.07
CA GLY D 24 39.56 4.97 48.90
C GLY D 24 39.30 4.11 50.12
N GLU D 25 38.07 3.68 50.38
CA GLU D 25 37.79 2.78 51.48
C GLU D 25 36.98 1.58 50.99
N ILE D 26 36.73 0.66 51.90
CA ILE D 26 36.01 -0.57 51.59
C ILE D 26 34.52 -0.31 51.75
N VAL D 27 33.76 -0.56 50.69
CA VAL D 27 32.32 -0.39 50.72
C VAL D 27 31.69 -1.78 50.61
N THR D 28 30.44 -1.88 51.07
CA THR D 28 29.70 -3.12 50.96
C THR D 28 29.18 -3.26 49.54
N THR D 29 29.63 -4.31 48.85
CA THR D 29 29.33 -4.50 47.44
C THR D 29 28.44 -5.72 47.26
N ILE D 30 27.28 -5.49 46.64
CA ILE D 30 26.38 -6.55 46.19
C ILE D 30 26.91 -7.05 44.85
N PRO D 31 26.56 -8.27 44.40
CA PRO D 31 26.89 -8.67 43.02
C PRO D 31 26.16 -7.83 41.98
N THR D 32 26.92 -7.08 41.19
CA THR D 32 26.35 -6.10 40.28
C THR D 32 25.80 -6.79 39.04
N ILE D 33 24.47 -6.75 38.90
CA ILE D 33 23.82 -7.29 37.72
C ILE D 33 24.08 -6.40 36.51
N GLY D 34 24.13 -5.08 36.70
CA GLY D 34 24.44 -4.18 35.63
C GLY D 34 25.91 -3.85 35.52
N PHE D 35 26.24 -2.59 35.76
CA PHE D 35 27.62 -2.13 35.64
C PHE D 35 27.83 -0.91 36.52
N ASN D 36 29.11 -0.62 36.78
CA ASN D 36 29.52 0.59 37.48
C ASN D 36 30.64 1.25 36.69
N VAL D 37 30.58 2.58 36.57
CA VAL D 37 31.62 3.34 35.88
C VAL D 37 32.05 4.50 36.77
N GLU D 38 33.34 4.56 37.10
CA GLU D 38 33.93 5.68 37.81
C GLU D 38 35.20 6.12 37.09
N THR D 39 35.48 7.42 37.14
CA THR D 39 36.66 8.00 36.52
C THR D 39 37.64 8.41 37.60
N VAL D 40 38.84 7.82 37.59
CA VAL D 40 39.88 8.15 38.55
C VAL D 40 40.99 8.90 37.82
N GLU D 41 41.80 9.62 38.60
CA GLU D 41 42.89 10.43 38.07
C GLU D 41 44.15 10.18 38.87
N TYR D 42 45.20 9.70 38.21
CA TYR D 42 46.47 9.38 38.86
C TYR D 42 47.56 9.44 37.80
N LYS D 43 48.61 10.24 38.07
CA LYS D 43 49.43 10.97 37.10
C LYS D 43 48.60 11.54 35.94
N ASN D 44 47.71 12.48 36.31
CA ASN D 44 46.91 13.45 35.55
C ASN D 44 46.34 12.97 34.21
N ILE D 45 45.95 11.70 34.15
CA ILE D 45 45.14 11.17 33.06
C ILE D 45 43.88 10.57 33.69
N SER D 46 42.81 10.55 32.93
CA SER D 46 41.52 10.09 33.41
C SER D 46 41.33 8.63 33.01
N PHE D 47 41.32 7.76 34.02
CA PHE D 47 41.03 6.34 33.81
C PHE D 47 39.52 6.16 33.95
N THR D 48 38.82 6.11 32.82
CA THR D 48 37.39 5.83 32.84
C THR D 48 37.21 4.32 32.93
N VAL D 49 37.02 3.82 34.14
CA VAL D 49 37.05 2.39 34.41
C VAL D 49 35.63 1.85 34.41
N TRP D 50 35.39 0.82 33.60
CA TRP D 50 34.07 0.23 33.43
C TRP D 50 34.05 -1.14 34.10
N ASP D 51 33.50 -1.18 35.32
CA ASP D 51 33.31 -2.44 36.03
C ASP D 51 31.97 -3.03 35.59
N VAL D 52 32.02 -4.17 34.91
CA VAL D 52 30.84 -4.93 34.52
C VAL D 52 30.84 -6.22 35.33
N GLY D 53 29.66 -6.61 35.83
CA GLY D 53 29.56 -7.76 36.70
C GLY D 53 29.78 -9.07 35.97
N GLY D 54 30.12 -10.10 36.74
CA GLY D 54 30.56 -11.35 36.16
C GLY D 54 29.70 -12.56 36.47
N LEU D 55 28.38 -12.39 36.47
CA LEU D 55 27.49 -13.53 36.57
C LEU D 55 27.28 -14.14 35.19
N ASP D 56 26.50 -15.21 35.12
CA ASP D 56 26.34 -15.94 33.87
C ASP D 56 25.45 -15.23 32.87
N LYS D 57 24.61 -14.29 33.32
CA LYS D 57 23.74 -13.54 32.42
C LYS D 57 24.36 -12.22 31.95
N ILE D 58 25.55 -11.87 32.46
CA ILE D 58 26.23 -10.64 32.06
C ILE D 58 27.42 -10.93 31.15
N ARG D 59 27.98 -12.14 31.21
CA ARG D 59 29.08 -12.51 30.32
C ARG D 59 28.77 -12.55 28.82
N PRO D 60 27.55 -12.87 28.33
CA PRO D 60 27.25 -12.49 26.94
C PRO D 60 27.15 -11.00 26.71
N LEU D 61 26.88 -10.20 27.74
CA LEU D 61 26.74 -8.76 27.59
C LEU D 61 28.02 -8.01 27.86
N TRP D 62 29.14 -8.72 28.06
CA TRP D 62 30.44 -8.07 28.17
C TRP D 62 30.89 -7.45 26.85
N ARG D 63 30.42 -7.98 25.72
CA ARG D 63 30.89 -7.55 24.40
C ARG D 63 30.34 -6.20 23.97
N HIS D 64 29.40 -5.62 24.71
CA HIS D 64 28.93 -4.27 24.45
C HIS D 64 29.79 -3.21 25.08
N TYR D 65 30.88 -3.60 25.76
CA TYR D 65 31.83 -2.66 26.34
C TYR D 65 33.21 -2.88 25.77
N PHE D 66 33.33 -3.71 24.72
CA PHE D 66 34.63 -4.01 24.14
C PHE D 66 35.13 -2.86 23.27
N GLN D 67 34.21 -2.07 22.70
CA GLN D 67 34.57 -1.02 21.76
C GLN D 67 35.24 0.14 22.47
N ASN D 68 36.27 0.69 21.81
CA ASN D 68 37.10 1.83 22.24
C ASN D 68 37.83 1.58 23.56
N THR D 69 38.04 0.34 23.96
CA THR D 69 38.69 0.01 25.22
C THR D 69 40.19 -0.11 24.97
N GLN D 70 40.96 0.77 25.61
CA GLN D 70 42.40 0.79 25.44
C GLN D 70 43.13 -0.12 26.41
N GLY D 71 42.43 -0.71 27.37
CA GLY D 71 43.07 -1.58 28.34
C GLY D 71 42.10 -2.45 29.10
N LEU D 72 42.40 -3.75 29.15
CA LEU D 72 41.57 -4.70 29.89
C LEU D 72 42.14 -4.90 31.29
N ILE D 73 41.25 -4.97 32.27
CA ILE D 73 41.60 -5.48 33.59
C ILE D 73 40.77 -6.73 33.84
N PHE D 74 41.44 -7.86 34.02
CA PHE D 74 40.77 -9.13 34.28
C PHE D 74 41.08 -9.52 35.72
N VAL D 75 40.18 -9.18 36.63
CA VAL D 75 40.34 -9.53 38.04
C VAL D 75 39.98 -11.00 38.22
N VAL D 76 40.92 -11.76 38.79
CA VAL D 76 40.71 -13.19 39.01
C VAL D 76 40.70 -13.42 40.51
N ASP D 77 40.09 -14.53 40.91
CA ASP D 77 39.97 -14.91 42.31
C ASP D 77 40.94 -16.03 42.60
N SER D 78 41.87 -15.78 43.52
CA SER D 78 42.89 -16.77 43.87
C SER D 78 42.43 -17.75 44.94
N ASN D 79 41.29 -17.50 45.58
CA ASN D 79 40.85 -18.36 46.68
C ASN D 79 40.26 -19.68 46.19
N ASP D 80 39.56 -19.67 45.06
CA ASP D 80 38.93 -20.87 44.55
C ASP D 80 39.80 -21.50 43.47
N ARG D 81 39.78 -22.84 43.43
CA ARG D 81 40.61 -23.60 42.50
C ARG D 81 39.84 -24.14 41.31
N GLU D 82 38.53 -24.35 41.45
CA GLU D 82 37.71 -24.93 40.41
C GLU D 82 37.13 -23.90 39.44
N ARG D 83 37.33 -22.61 39.71
CA ARG D 83 36.81 -21.56 38.84
C ARG D 83 37.88 -20.85 38.05
N VAL D 84 39.17 -21.15 38.28
CA VAL D 84 40.23 -20.54 37.49
C VAL D 84 40.26 -21.11 36.07
N ASN D 85 39.76 -22.33 35.87
CA ASN D 85 39.62 -22.87 34.52
C ASN D 85 38.47 -22.19 33.78
N GLU D 86 37.39 -21.87 34.50
CA GLU D 86 36.28 -21.13 33.91
C GLU D 86 36.69 -19.69 33.56
N ALA D 87 37.54 -19.10 34.41
CA ALA D 87 38.13 -17.80 34.10
C ALA D 87 39.08 -17.88 32.91
N ARG D 88 39.77 -19.02 32.74
CA ARG D 88 40.62 -19.23 31.57
C ARG D 88 39.81 -19.30 30.28
N GLU D 89 38.70 -20.06 30.27
CA GLU D 89 37.85 -20.10 29.08
C GLU D 89 37.16 -18.76 28.82
N GLU D 90 36.80 -18.02 29.87
CA GLU D 90 36.21 -16.70 29.69
C GLU D 90 37.21 -15.70 29.11
N LEU D 91 38.47 -15.75 29.58
CA LEU D 91 39.50 -14.87 29.05
C LEU D 91 39.89 -15.23 27.62
N MET D 92 39.96 -16.52 27.29
CA MET D 92 40.29 -16.90 25.91
C MET D 92 39.12 -16.69 24.97
N ARG D 93 37.88 -16.72 25.46
CA ARG D 93 36.74 -16.36 24.63
C ARG D 93 36.71 -14.86 24.39
N MET D 94 37.07 -14.07 25.42
CA MET D 94 37.03 -12.62 25.33
C MET D 94 38.15 -12.06 24.46
N LEU D 95 39.37 -12.58 24.61
CA LEU D 95 40.53 -12.03 23.90
C LEU D 95 40.59 -12.44 22.44
N ALA D 96 39.74 -13.36 21.99
CA ALA D 96 39.74 -13.82 20.60
C ALA D 96 38.79 -13.02 19.71
N GLU D 97 38.17 -11.98 20.24
CA GLU D 97 37.23 -11.17 19.48
C GLU D 97 37.95 -10.06 18.73
N ASP D 98 37.40 -9.68 17.58
CA ASP D 98 37.99 -8.63 16.76
C ASP D 98 37.80 -7.26 17.40
N GLU D 99 36.63 -7.02 17.97
CA GLU D 99 36.49 -5.94 18.94
C GLU D 99 37.35 -6.28 20.15
N LEU D 100 38.04 -5.25 20.69
CA LEU D 100 39.05 -5.34 21.74
C LEU D 100 40.19 -6.27 21.30
N ARG D 101 40.90 -5.81 20.26
CA ARG D 101 42.07 -6.50 19.74
C ARG D 101 43.37 -5.73 19.92
N ASP D 102 43.29 -4.43 20.19
CA ASP D 102 44.47 -3.63 20.49
C ASP D 102 44.52 -3.25 21.96
N ALA D 103 43.61 -3.79 22.77
CA ALA D 103 43.59 -3.52 24.19
C ALA D 103 44.68 -4.31 24.89
N VAL D 104 45.41 -3.65 25.78
CA VAL D 104 46.38 -4.34 26.61
C VAL D 104 45.66 -5.08 27.73
N LEU D 105 46.33 -6.06 28.31
CA LEU D 105 45.74 -6.93 29.31
C LEU D 105 46.40 -6.68 30.66
N LEU D 106 45.59 -6.51 31.69
CA LEU D 106 46.06 -6.49 33.07
C LEU D 106 45.30 -7.57 33.82
N VAL D 107 46.02 -8.42 34.54
CA VAL D 107 45.38 -9.46 35.34
C VAL D 107 45.68 -9.17 36.80
N PHE D 108 44.62 -9.02 37.59
CA PHE D 108 44.74 -8.83 39.02
C PHE D 108 44.50 -10.16 39.70
N ALA D 109 45.52 -10.68 40.37
CA ALA D 109 45.40 -11.91 41.16
C ALA D 109 44.91 -11.51 42.55
N ASN D 110 43.60 -11.25 42.63
CA ASN D 110 42.99 -10.69 43.82
C ASN D 110 42.78 -11.75 44.89
N LYS D 111 42.39 -11.28 46.07
CA LYS D 111 41.99 -12.07 47.25
C LYS D 111 43.13 -12.99 47.73
N GLN D 112 44.23 -12.36 48.14
CA GLN D 112 45.40 -13.07 48.65
C GLN D 112 45.61 -12.62 50.09
N ASP D 113 44.98 -13.32 51.03
CA ASP D 113 45.04 -12.95 52.44
C ASP D 113 45.43 -14.14 53.30
N LEU D 114 45.05 -15.34 52.86
CA LEU D 114 45.30 -16.59 53.56
C LEU D 114 46.02 -17.54 52.62
N PRO D 115 46.93 -18.39 53.13
CA PRO D 115 47.90 -19.06 52.23
C PRO D 115 47.36 -20.17 51.36
N ASN D 116 46.05 -20.47 51.36
CA ASN D 116 45.51 -21.32 50.31
C ASN D 116 45.27 -20.55 49.01
N ALA D 117 45.28 -19.22 49.07
CA ALA D 117 45.21 -18.42 47.86
C ALA D 117 46.54 -18.49 47.11
N MET D 118 46.45 -18.70 45.80
CA MET D 118 47.64 -18.98 45.02
C MET D 118 48.35 -17.69 44.62
N ASN D 119 49.56 -17.85 44.09
CA ASN D 119 50.44 -16.75 43.75
C ASN D 119 50.34 -16.40 42.28
N ALA D 120 51.01 -15.31 41.91
CA ALA D 120 50.84 -14.68 40.60
C ALA D 120 51.46 -15.51 39.48
N ALA D 121 52.63 -16.13 39.74
CA ALA D 121 53.30 -16.92 38.71
C ALA D 121 52.57 -18.22 38.42
N GLU D 122 52.08 -18.90 39.46
CA GLU D 122 51.42 -20.17 39.21
C GLU D 122 49.99 -19.95 38.73
N ILE D 123 49.36 -18.81 39.09
CA ILE D 123 48.09 -18.48 38.46
C ILE D 123 48.29 -17.98 37.02
N THR D 124 49.50 -17.50 36.67
CA THR D 124 49.81 -17.22 35.27
C THR D 124 49.92 -18.52 34.47
N ASP D 125 50.53 -19.55 35.06
CA ASP D 125 50.57 -20.85 34.38
C ASP D 125 49.18 -21.51 34.31
N LYS D 126 48.30 -21.28 35.29
CA LYS D 126 46.93 -21.78 35.11
C LYS D 126 46.11 -20.96 34.11
N LEU D 127 46.34 -19.64 34.02
CA LEU D 127 45.57 -18.84 33.08
C LEU D 127 46.09 -18.91 31.66
N GLY D 128 47.33 -19.37 31.47
CA GLY D 128 47.87 -19.50 30.13
C GLY D 128 48.22 -18.19 29.46
N LEU D 129 48.74 -17.22 30.21
CA LEU D 129 49.09 -15.93 29.64
C LEU D 129 50.37 -15.99 28.80
N HIS D 130 51.22 -17.01 29.02
CA HIS D 130 52.42 -17.16 28.22
C HIS D 130 52.13 -17.67 26.82
N SER D 131 50.97 -18.26 26.60
CA SER D 131 50.54 -18.71 25.28
C SER D 131 49.70 -17.66 24.56
N LEU D 132 49.84 -16.39 24.91
CA LEU D 132 49.13 -15.30 24.26
C LEU D 132 50.04 -14.67 23.23
N ARG D 133 49.58 -14.64 21.98
CA ARG D 133 50.35 -14.11 20.87
C ARG D 133 49.81 -12.76 20.46
N HIS D 134 50.73 -11.80 20.24
CA HIS D 134 50.47 -10.41 19.84
C HIS D 134 49.55 -9.69 20.84
N ARG D 135 49.76 -9.96 22.13
CA ARG D 135 49.00 -9.35 23.21
C ARG D 135 49.96 -8.85 24.27
N ASN D 136 49.85 -7.58 24.64
CA ASN D 136 50.66 -7.00 25.69
C ASN D 136 49.94 -7.23 27.01
N TRP D 137 50.51 -8.07 27.87
CA TRP D 137 49.85 -8.48 29.10
C TRP D 137 50.79 -8.34 30.29
N TYR D 138 50.18 -8.20 31.47
CA TYR D 138 50.91 -8.09 32.73
C TYR D 138 50.01 -8.64 33.83
N ILE D 139 50.64 -9.30 34.80
CA ILE D 139 49.92 -9.90 35.91
C ILE D 139 50.67 -9.59 37.20
N GLN D 140 49.95 -9.12 38.22
CA GLN D 140 50.55 -8.93 39.53
C GLN D 140 49.54 -9.32 40.60
N ALA D 141 50.08 -9.63 41.78
CA ALA D 141 49.28 -10.09 42.90
C ALA D 141 48.76 -8.90 43.69
N THR D 142 47.44 -8.82 43.84
CA THR D 142 46.80 -7.71 44.53
C THR D 142 45.90 -8.23 45.64
N CYS D 143 45.59 -7.34 46.58
CA CYS D 143 44.48 -7.53 47.49
C CYS D 143 43.66 -6.25 47.49
N ALA D 144 42.35 -6.40 47.42
CA ALA D 144 41.47 -5.25 47.34
C ALA D 144 41.11 -4.68 48.71
N THR D 145 41.38 -5.43 49.79
CA THR D 145 41.05 -4.95 51.12
C THR D 145 42.00 -3.82 51.56
N SER D 146 43.30 -4.02 51.36
CA SER D 146 44.29 -3.00 51.68
C SER D 146 44.70 -2.18 50.48
N GLY D 147 44.32 -2.58 49.27
CA GLY D 147 44.63 -1.83 48.07
C GLY D 147 46.09 -1.81 47.66
N ASP D 148 46.80 -2.93 47.80
CA ASP D 148 48.18 -3.04 47.35
C ASP D 148 48.24 -3.66 45.96
N GLY D 149 49.10 -3.10 45.11
CA GLY D 149 49.24 -3.55 43.75
C GLY D 149 48.33 -2.89 42.75
N LEU D 150 47.26 -2.22 43.22
CA LEU D 150 46.28 -1.61 42.34
C LEU D 150 46.86 -0.38 41.64
N TYR D 151 47.61 0.43 42.37
CA TYR D 151 48.22 1.61 41.79
C TYR D 151 49.42 1.25 40.94
N GLU D 152 50.09 0.12 41.21
CA GLU D 152 51.13 -0.38 40.33
C GLU D 152 50.56 -0.93 39.03
N GLY D 153 49.37 -1.55 39.08
CA GLY D 153 48.68 -1.91 37.86
C GLY D 153 48.21 -0.69 37.07
N LEU D 154 47.80 0.36 37.80
CA LEU D 154 47.38 1.61 37.16
C LEU D 154 48.56 2.34 36.51
N ASP D 155 49.74 2.33 37.13
CA ASP D 155 50.85 2.99 36.47
C ASP D 155 51.54 2.12 35.43
N TRP D 156 51.34 0.79 35.45
CA TRP D 156 51.68 0.01 34.27
C TRP D 156 50.76 0.36 33.10
N LEU D 157 49.47 0.56 33.39
CA LEU D 157 48.51 0.96 32.36
C LEU D 157 48.80 2.36 31.84
N SER D 158 49.28 3.26 32.71
CA SER D 158 49.69 4.59 32.29
C SER D 158 51.02 4.57 31.56
N ASN D 159 51.91 3.65 31.91
CA ASN D 159 53.19 3.50 31.22
C ASN D 159 52.99 2.94 29.81
N GLN D 160 51.96 2.12 29.62
CA GLN D 160 51.67 1.54 28.31
C GLN D 160 50.85 2.45 27.40
N LEU D 161 50.77 3.75 27.70
CA LEU D 161 50.25 4.72 26.74
C LEU D 161 51.23 4.98 25.61
N ARG D 162 52.53 4.94 25.91
CA ARG D 162 53.55 5.38 24.98
C ARG D 162 53.86 4.29 23.98
N ASN D 163 53.77 4.62 22.69
CA ASN D 163 54.01 3.65 21.62
C ASN D 163 55.01 4.20 20.61
N GLN E 1 -5.93 23.02 12.22
CA GLN E 1 -4.53 23.27 11.89
C GLN E 1 -3.74 23.28 13.21
N GLU E 2 -2.43 23.02 13.14
CA GLU E 2 -1.60 22.64 14.27
C GLU E 2 -1.42 23.69 15.39
N PRO E 3 -1.18 25.03 15.13
CA PRO E 3 -1.23 25.97 16.27
C PRO E 3 -2.65 26.33 16.66
N GLU E 4 -3.32 25.41 17.34
CA GLU E 4 -4.68 25.63 17.84
C GLU E 4 -4.76 24.93 19.17
N LEU E 5 -5.49 25.50 20.13
CA LEU E 5 -5.52 25.06 21.52
C LEU E 5 -6.17 23.69 21.65
N LEU E 6 -5.55 22.81 22.43
CA LEU E 6 -6.01 21.44 22.57
C LEU E 6 -7.32 21.35 23.34
N ILE E 7 -7.45 22.09 24.44
CA ILE E 7 -8.70 22.06 25.19
C ILE E 7 -9.76 22.87 24.44
N GLY E 9 -11.93 25.43 24.39
CA GLY E 9 -12.34 26.71 24.94
C GLY E 9 -11.50 27.86 24.42
N SER F 2 -7.24 3.61 -24.77
CA SER F 2 -8.05 4.82 -24.69
C SER F 2 -8.27 5.26 -23.25
N ALA F 3 -7.58 6.33 -22.85
CA ALA F 3 -7.71 6.84 -21.50
C ALA F 3 -9.02 7.60 -21.36
N SER F 4 -9.79 7.25 -20.33
CA SER F 4 -11.07 7.93 -20.10
C SER F 4 -10.87 9.31 -19.52
N ALA F 5 -9.89 9.47 -18.64
CA ALA F 5 -9.61 10.74 -17.99
C ALA F 5 -8.17 10.73 -17.55
N VAL F 6 -7.48 11.87 -17.74
CA VAL F 6 -6.08 12.02 -17.36
C VAL F 6 -6.02 12.99 -16.19
N TYR F 7 -5.44 12.54 -15.08
CA TYR F 7 -5.30 13.35 -13.88
C TYR F 7 -3.84 13.63 -13.60
N VAL F 8 -3.60 14.79 -12.99
CA VAL F 8 -2.32 15.14 -12.38
C VAL F 8 -2.56 15.27 -10.90
N LEU F 9 -1.82 14.50 -10.10
CA LEU F 9 -2.00 14.50 -8.66
C LEU F 9 -0.71 14.90 -7.97
N ASP F 10 -0.70 14.80 -6.64
CA ASP F 10 0.46 15.04 -5.81
C ASP F 10 0.72 13.78 -4.98
N LEU F 11 1.63 13.91 -4.00
CA LEU F 11 1.97 12.78 -3.15
C LEU F 11 0.81 12.41 -2.22
N LYS F 12 0.03 13.40 -1.79
CA LYS F 12 -1.18 13.11 -1.03
C LYS F 12 -2.28 12.51 -1.91
N GLY F 13 -2.25 12.80 -3.21
CA GLY F 13 -3.20 12.23 -4.13
C GLY F 13 -4.42 13.07 -4.44
N LYS F 14 -4.45 14.31 -3.99
CA LYS F 14 -5.52 15.21 -4.39
C LYS F 14 -5.33 15.64 -5.84
N VAL F 15 -6.43 16.05 -6.47
CA VAL F 15 -6.39 16.36 -7.89
C VAL F 15 -5.84 17.76 -8.08
N LEU F 16 -4.71 17.86 -8.78
CA LEU F 16 -4.13 19.17 -9.06
C LEU F 16 -4.80 19.80 -10.27
N ILE F 17 -4.94 19.03 -11.36
CA ILE F 17 -5.69 19.48 -12.53
C ILE F 17 -6.33 18.23 -13.12
N CYS F 18 -7.48 18.42 -13.78
CA CYS F 18 -8.40 17.34 -14.08
C CYS F 18 -8.87 17.48 -15.52
N ARG F 19 -9.01 16.37 -16.23
CA ARG F 19 -9.46 16.45 -17.61
C ARG F 19 -10.25 15.20 -17.98
N ASN F 20 -11.45 15.40 -18.53
CA ASN F 20 -12.34 14.33 -18.93
C ASN F 20 -12.37 14.19 -20.44
N TYR F 21 -12.25 12.96 -20.93
CA TYR F 21 -12.24 12.70 -22.36
C TYR F 21 -13.45 11.91 -22.82
N ARG F 22 -13.79 10.83 -22.13
CA ARG F 22 -14.89 9.98 -22.55
C ARG F 22 -16.09 10.00 -21.59
N GLY F 23 -15.85 10.13 -20.30
CA GLY F 23 -16.93 10.21 -19.34
C GLY F 23 -17.55 8.90 -18.92
N ASP F 24 -17.03 7.76 -19.40
CA ASP F 24 -17.56 6.47 -18.98
C ASP F 24 -17.07 6.05 -17.60
N VAL F 25 -16.00 6.66 -17.10
CA VAL F 25 -15.57 6.51 -15.71
C VAL F 25 -16.13 7.71 -14.95
N ASP F 26 -16.74 7.44 -13.79
CA ASP F 26 -17.19 8.49 -12.89
C ASP F 26 -16.01 9.32 -12.40
N MET F 27 -16.19 10.64 -12.40
CA MET F 27 -15.07 11.56 -12.23
C MET F 27 -14.59 11.65 -10.79
N SER F 28 -15.37 11.17 -9.83
CA SER F 28 -15.03 11.24 -8.41
C SER F 28 -14.37 9.97 -7.91
N GLU F 29 -13.83 9.14 -8.80
CA GLU F 29 -13.16 7.91 -8.42
C GLU F 29 -11.67 8.10 -8.20
N VAL F 30 -11.19 9.34 -8.20
CA VAL F 30 -9.76 9.60 -8.07
C VAL F 30 -9.32 9.44 -6.62
N GLU F 31 -10.25 9.62 -5.67
CA GLU F 31 -9.94 9.44 -4.26
C GLU F 31 -9.78 7.98 -3.85
N HIS F 32 -10.19 7.04 -4.70
CA HIS F 32 -9.94 5.63 -4.50
C HIS F 32 -8.58 5.18 -5.01
N PHE F 33 -7.85 6.04 -5.72
CA PHE F 33 -6.55 5.69 -6.28
C PHE F 33 -5.48 5.60 -5.20
N MET F 34 -5.47 6.54 -4.26
CA MET F 34 -4.46 6.54 -3.20
C MET F 34 -4.52 5.38 -2.21
N PRO F 35 -5.67 5.00 -1.59
CA PRO F 35 -5.59 3.87 -0.63
C PRO F 35 -5.40 2.52 -1.30
N ILE F 36 -5.79 2.40 -2.57
CA ILE F 36 -5.44 1.23 -3.38
C ILE F 36 -3.92 1.18 -3.59
N LEU F 37 -3.30 2.35 -3.76
CA LEU F 37 -1.85 2.41 -3.93
C LEU F 37 -1.10 2.04 -2.65
N MET F 38 -1.57 2.51 -1.48
CA MET F 38 -0.90 2.08 -0.24
C MET F 38 -1.18 0.62 0.09
N GLU F 39 -2.38 0.11 -0.20
CA GLU F 39 -2.64 -1.29 0.12
C GLU F 39 -1.97 -2.24 -0.88
N LYS F 40 -1.63 -1.75 -2.08
CA LYS F 40 -0.82 -2.57 -2.98
C LYS F 40 0.66 -2.43 -2.69
N GLU F 41 1.09 -1.29 -2.13
CA GLU F 41 2.47 -1.16 -1.67
C GLU F 41 2.72 -1.93 -0.37
N GLU F 42 1.67 -2.22 0.41
CA GLU F 42 1.86 -2.95 1.66
C GLU F 42 2.15 -4.42 1.41
N GLU F 43 1.43 -5.05 0.48
CA GLU F 43 1.64 -6.48 0.22
C GLU F 43 2.81 -6.75 -0.73
N GLY F 44 3.45 -5.72 -1.27
CA GLY F 44 4.45 -5.94 -2.29
C GLY F 44 3.88 -6.22 -3.66
N MET F 45 2.58 -6.00 -3.87
CA MET F 45 1.91 -6.21 -5.14
C MET F 45 1.66 -4.87 -5.85
N LEU F 46 2.61 -3.95 -5.73
CA LEU F 46 2.52 -2.67 -6.43
C LEU F 46 2.69 -2.89 -7.93
N SER F 47 1.79 -2.28 -8.71
CA SER F 47 1.73 -2.48 -10.14
C SER F 47 1.45 -1.11 -10.78
N PRO F 48 1.89 -0.90 -12.02
CA PRO F 48 1.49 0.33 -12.72
C PRO F 48 0.02 0.38 -13.10
N ILE F 49 -0.68 -0.75 -13.11
CA ILE F 49 -2.09 -0.81 -13.46
C ILE F 49 -2.84 -1.30 -12.23
N LEU F 50 -3.50 -0.39 -11.53
CA LEU F 50 -4.35 -0.75 -10.41
C LEU F 50 -5.80 -0.80 -10.84
N ALA F 51 -6.57 -1.64 -10.17
CA ALA F 51 -7.96 -1.88 -10.55
C ALA F 51 -8.89 -1.58 -9.38
N HIS F 52 -10.02 -0.94 -9.68
CA HIS F 52 -11.09 -0.70 -8.72
C HIS F 52 -12.39 -1.17 -9.37
N GLY F 53 -12.67 -2.46 -9.26
CA GLY F 53 -13.84 -3.02 -9.92
C GLY F 53 -13.66 -3.08 -11.42
N GLY F 54 -14.39 -2.22 -12.14
CA GLY F 54 -14.26 -2.10 -13.57
C GLY F 54 -13.41 -0.94 -14.03
N VAL F 55 -12.93 -0.10 -13.12
CA VAL F 55 -12.13 1.07 -13.45
C VAL F 55 -10.67 0.72 -13.21
N ARG F 56 -9.84 0.85 -14.24
CA ARG F 56 -8.44 0.54 -14.17
C ARG F 56 -7.62 1.82 -14.11
N PHE F 57 -6.72 1.91 -13.14
CA PHE F 57 -5.89 3.09 -12.93
C PHE F 57 -4.49 2.81 -13.48
N MET F 58 -4.19 3.40 -14.64
CA MET F 58 -2.87 3.32 -15.24
C MET F 58 -2.14 4.62 -14.90
N TRP F 59 -1.09 4.52 -14.09
CA TRP F 59 -0.43 5.68 -13.53
C TRP F 59 1.06 5.61 -13.76
N ILE F 60 1.67 6.77 -13.94
CA ILE F 60 3.12 6.92 -13.88
C ILE F 60 3.43 7.93 -12.78
N LYS F 61 4.69 7.92 -12.36
CA LYS F 61 5.14 8.76 -11.25
C LYS F 61 6.31 9.60 -11.72
N HIS F 62 6.17 10.91 -11.63
CA HIS F 62 7.25 11.83 -11.96
C HIS F 62 8.05 12.11 -10.68
N ASN F 63 8.90 13.16 -10.70
CA ASN F 63 9.70 13.47 -9.52
C ASN F 63 8.88 14.05 -8.38
N ASN F 64 7.73 14.63 -8.71
CA ASN F 64 6.88 15.25 -7.70
C ASN F 64 5.41 14.86 -7.82
N LEU F 65 4.94 14.41 -8.98
CA LEU F 65 3.52 14.28 -9.27
C LEU F 65 3.17 12.85 -9.66
N TYR F 66 1.88 12.57 -9.64
CA TYR F 66 1.32 11.34 -10.17
C TYR F 66 0.48 11.67 -11.40
N LEU F 67 0.73 10.99 -12.51
CA LEU F 67 -0.04 11.18 -13.74
C LEU F 67 -0.82 9.90 -13.99
N VAL F 68 -2.11 9.95 -13.68
CA VAL F 68 -2.98 8.77 -13.69
C VAL F 68 -3.93 8.87 -14.86
N ALA F 69 -4.12 7.75 -15.58
CA ALA F 69 -5.13 7.63 -16.61
C ALA F 69 -6.09 6.52 -16.25
N THR F 70 -7.38 6.75 -16.48
CA THR F 70 -8.43 5.79 -16.17
C THR F 70 -9.02 5.22 -17.44
N SER F 71 -9.64 4.04 -17.30
CA SER F 71 -10.36 3.42 -18.40
C SER F 71 -11.40 2.46 -17.82
N LYS F 72 -12.51 2.32 -18.54
CA LYS F 72 -13.53 1.33 -18.20
C LYS F 72 -13.43 0.07 -19.03
N LYS F 73 -12.71 0.10 -20.13
CA LYS F 73 -12.65 -1.01 -21.07
C LYS F 73 -11.21 -1.49 -21.22
N ASN F 74 -11.01 -2.40 -22.17
CA ASN F 74 -9.69 -2.98 -22.46
C ASN F 74 -8.88 -1.94 -23.23
N ALA F 75 -8.21 -1.06 -22.49
CA ALA F 75 -7.49 0.05 -23.10
C ALA F 75 -6.11 -0.39 -23.57
N CYS F 76 -5.62 0.27 -24.61
CA CYS F 76 -4.26 0.07 -25.10
C CYS F 76 -3.31 0.70 -24.09
N VAL F 77 -2.79 -0.14 -23.20
CA VAL F 77 -2.08 0.35 -22.02
C VAL F 77 -0.66 0.82 -22.39
N SER F 78 -0.08 0.27 -23.47
CA SER F 78 1.19 0.77 -23.97
C SER F 78 1.04 2.16 -24.59
N LEU F 79 -0.09 2.38 -25.30
CA LEU F 79 -0.43 3.69 -25.83
C LEU F 79 -0.69 4.69 -24.70
N VAL F 80 -1.33 4.24 -23.62
CA VAL F 80 -1.64 5.08 -22.47
C VAL F 80 -0.36 5.51 -21.75
N PHE F 81 0.56 4.58 -21.51
CA PHE F 81 1.81 4.90 -20.83
C PHE F 81 2.75 5.74 -21.70
N SER F 82 2.75 5.48 -23.02
CA SER F 82 3.50 6.31 -23.95
C SER F 82 2.94 7.73 -24.00
N PHE F 83 1.61 7.86 -23.92
CA PHE F 83 0.97 9.18 -23.84
C PHE F 83 1.33 9.90 -22.55
N LEU F 84 1.36 9.18 -21.43
CA LEU F 84 1.65 9.80 -20.14
C LEU F 84 3.08 10.31 -20.07
N TYR F 85 4.03 9.52 -20.58
CA TYR F 85 5.41 10.00 -20.65
C TYR F 85 5.58 11.09 -21.70
N LYS F 86 4.75 11.08 -22.74
CA LYS F 86 4.83 12.12 -23.76
C LYS F 86 4.32 13.45 -23.26
N VAL F 87 3.23 13.47 -22.47
CA VAL F 87 2.81 14.75 -21.89
C VAL F 87 3.65 15.16 -20.69
N VAL F 88 4.37 14.22 -20.06
CA VAL F 88 5.42 14.62 -19.12
C VAL F 88 6.53 15.37 -19.85
N GLN F 89 6.90 14.87 -21.04
CA GLN F 89 7.88 15.55 -21.89
C GLN F 89 7.37 16.89 -22.42
N VAL F 90 6.07 16.95 -22.77
CA VAL F 90 5.45 18.16 -23.31
C VAL F 90 5.37 19.25 -22.24
N PHE F 91 4.99 18.89 -21.01
CA PHE F 91 4.99 19.84 -19.91
C PHE F 91 6.40 20.23 -19.50
N SER F 92 7.37 19.33 -19.66
CA SER F 92 8.76 19.63 -19.34
C SER F 92 9.41 20.56 -20.37
N GLU F 93 8.93 20.58 -21.62
CA GLU F 93 9.41 21.62 -22.52
C GLU F 93 8.56 22.89 -22.47
N TYR F 94 7.31 22.80 -22.03
CA TYR F 94 6.49 24.00 -21.91
C TYR F 94 6.90 24.84 -20.71
N PHE F 95 7.29 24.20 -19.62
CA PHE F 95 7.74 24.91 -18.43
C PHE F 95 9.20 24.58 -18.19
N LYS F 96 9.76 25.14 -17.11
CA LYS F 96 11.14 24.84 -16.77
C LYS F 96 11.27 23.43 -16.22
N GLU F 97 10.36 23.06 -15.33
CA GLU F 97 10.34 21.77 -14.66
C GLU F 97 8.92 21.57 -14.18
N LEU F 98 8.42 20.34 -14.25
CA LEU F 98 7.05 20.03 -13.85
C LEU F 98 7.03 19.68 -12.37
N GLU F 99 6.52 20.59 -11.52
CA GLU F 99 6.35 20.24 -10.11
C GLU F 99 4.90 20.46 -9.67
N GLU F 100 4.70 20.42 -8.35
CA GLU F 100 3.39 20.73 -7.76
C GLU F 100 3.04 22.20 -7.92
N GLU F 101 4.04 23.09 -7.90
CA GLU F 101 3.76 24.52 -7.94
C GLU F 101 3.38 24.98 -9.35
N SER F 102 4.00 24.40 -10.37
CA SER F 102 3.85 24.87 -11.75
C SER F 102 2.48 24.54 -12.36
N ILE F 103 1.71 23.65 -11.74
CA ILE F 103 0.34 23.38 -12.19
C ILE F 103 -0.55 24.58 -11.89
N ARG F 104 -0.34 25.24 -10.75
CA ARG F 104 -1.29 26.21 -10.22
C ARG F 104 -1.25 27.55 -10.96
N ASP F 105 -0.07 28.04 -11.35
CA ASP F 105 -0.02 29.31 -12.04
C ASP F 105 -0.17 29.15 -13.55
N ASN F 106 -0.02 27.94 -14.07
CA ASN F 106 -0.11 27.67 -15.50
C ASN F 106 -1.31 26.80 -15.83
N PHE F 107 -2.39 26.93 -15.04
CA PHE F 107 -3.52 26.02 -15.14
C PHE F 107 -4.32 26.25 -16.42
N VAL F 108 -4.36 27.49 -16.91
CA VAL F 108 -5.09 27.81 -18.15
C VAL F 108 -4.42 27.17 -19.35
N ILE F 109 -3.09 27.29 -19.45
CA ILE F 109 -2.38 26.67 -20.56
C ILE F 109 -2.25 25.16 -20.38
N ILE F 110 -2.33 24.63 -19.14
CA ILE F 110 -2.36 23.18 -18.97
C ILE F 110 -3.72 22.62 -19.40
N TYR F 111 -4.80 23.37 -19.16
CA TYR F 111 -6.13 23.00 -19.64
C TYR F 111 -6.22 23.05 -21.16
N GLU F 112 -5.62 24.07 -21.78
CA GLU F 112 -5.57 24.17 -23.23
C GLU F 112 -4.71 23.06 -23.85
N LEU F 113 -3.59 22.73 -23.20
CA LEU F 113 -2.74 21.64 -23.64
C LEU F 113 -3.44 20.29 -23.51
N LEU F 114 -4.15 20.07 -22.40
CA LEU F 114 -4.83 18.79 -22.19
C LEU F 114 -6.05 18.64 -23.10
N ASP F 115 -6.65 19.75 -23.52
CA ASP F 115 -7.66 19.68 -24.58
C ASP F 115 -7.02 19.37 -25.92
N GLU F 116 -5.83 19.91 -26.18
CA GLU F 116 -5.19 19.72 -27.48
C GLU F 116 -4.53 18.36 -27.66
N LEU F 117 -3.98 17.78 -26.58
CA LEU F 117 -3.10 16.61 -26.71
C LEU F 117 -3.89 15.33 -26.96
N MET F 118 -5.05 15.19 -26.33
CA MET F 118 -5.90 14.01 -26.43
C MET F 118 -7.34 14.40 -26.74
N ASP F 119 -7.97 13.64 -27.63
CA ASP F 119 -9.38 13.78 -27.96
C ASP F 119 -10.03 12.42 -27.90
N PHE F 120 -10.92 12.23 -26.89
CA PHE F 120 -11.75 11.02 -26.68
C PHE F 120 -10.90 9.75 -26.53
N GLY F 121 -9.88 9.85 -25.68
CA GLY F 121 -8.99 8.72 -25.47
C GLY F 121 -7.90 8.55 -26.49
N TYR F 122 -7.82 9.43 -27.49
CA TYR F 122 -6.90 9.26 -28.61
C TYR F 122 -5.94 10.44 -28.65
N PRO F 123 -4.63 10.20 -28.61
CA PRO F 123 -3.67 11.30 -28.70
C PRO F 123 -3.63 11.89 -30.10
N GLN F 124 -3.61 13.22 -30.18
CA GLN F 124 -3.74 13.91 -31.45
C GLN F 124 -2.49 14.68 -31.84
N THR F 125 -2.06 15.65 -31.03
CA THR F 125 -0.94 16.52 -31.37
C THR F 125 -0.04 16.61 -30.16
N THR F 126 1.15 16.03 -30.27
CA THR F 126 2.02 15.84 -29.12
C THR F 126 3.41 16.44 -29.30
N ASP F 127 3.64 17.21 -30.35
CA ASP F 127 4.92 17.86 -30.57
C ASP F 127 4.87 19.25 -29.94
N SER F 128 5.81 19.53 -29.03
CA SER F 128 5.77 20.78 -28.29
C SER F 128 6.22 21.97 -29.14
N LYS F 129 7.10 21.73 -30.11
CA LYS F 129 7.65 22.81 -30.94
C LYS F 129 6.60 23.38 -31.89
N ILE F 130 5.75 22.51 -32.44
CA ILE F 130 4.63 23.00 -33.25
C ILE F 130 3.38 23.19 -32.41
N LEU F 131 3.36 22.69 -31.17
CA LEU F 131 2.27 22.96 -30.24
C LEU F 131 2.35 24.35 -29.68
N GLN F 132 3.57 24.91 -29.58
CA GLN F 132 3.77 26.27 -29.11
C GLN F 132 3.46 27.33 -30.16
N GLU F 133 3.17 26.94 -31.39
CA GLU F 133 2.90 27.89 -32.46
C GLU F 133 1.52 28.52 -32.33
N TYR F 134 0.55 27.82 -31.75
CA TYR F 134 -0.83 28.30 -31.78
C TYR F 134 -1.53 28.31 -30.43
N ILE F 135 -1.00 27.65 -29.41
CA ILE F 135 -1.41 27.93 -28.03
C ILE F 135 -0.17 28.37 -27.26
N THR F 136 -0.27 29.54 -26.61
CA THR F 136 0.83 30.18 -25.91
C THR F 136 0.32 30.68 -24.56
N GLN F 137 1.27 31.00 -23.68
CA GLN F 137 0.94 31.58 -22.38
C GLN F 137 0.81 33.10 -22.43
N GLU F 138 1.15 33.72 -23.55
CA GLU F 138 1.06 35.17 -23.68
C GLU F 138 -0.27 35.58 -24.32
N ALA F 146 -5.42 33.49 -30.07
CA ALA F 146 -4.81 32.35 -30.74
C ALA F 146 -5.10 32.38 -32.25
N PRO F 147 -4.09 32.10 -33.07
CA PRO F 147 -4.27 32.21 -34.53
C PRO F 147 -4.90 30.98 -35.17
N ARG F 148 -4.87 30.95 -36.50
CA ARG F 148 -5.26 29.78 -37.28
C ARG F 148 -4.35 28.60 -36.96
N PRO F 149 -4.84 27.36 -37.09
CA PRO F 149 -3.95 26.21 -36.92
C PRO F 149 -2.95 26.13 -38.06
N PRO F 150 -1.72 25.73 -37.78
CA PRO F 150 -0.72 25.59 -38.85
C PRO F 150 -0.99 24.34 -39.67
N ALA F 151 -0.38 24.30 -40.85
CA ALA F 151 -0.52 23.14 -41.72
C ALA F 151 0.21 21.93 -41.17
N THR F 152 1.27 22.15 -40.38
CA THR F 152 2.11 21.07 -39.86
C THR F 152 1.46 20.27 -38.75
N VAL F 153 0.31 20.70 -38.22
CA VAL F 153 -0.47 19.83 -37.34
C VAL F 153 -1.03 18.66 -38.13
N THR F 154 -1.42 18.90 -39.38
CA THR F 154 -2.07 17.90 -40.20
C THR F 154 -1.28 17.49 -41.43
N ASN F 155 -0.08 18.03 -41.62
CA ASN F 155 0.76 17.68 -42.77
C ASN F 155 1.43 16.33 -42.56
N ALA F 156 2.06 15.82 -43.63
CA ALA F 156 2.85 14.60 -43.52
C ALA F 156 4.10 14.81 -42.69
N VAL F 157 4.73 15.99 -42.83
CA VAL F 157 5.80 16.42 -41.94
C VAL F 157 5.15 17.09 -40.74
N SER F 158 4.95 16.34 -39.66
CA SER F 158 4.23 16.82 -38.49
C SER F 158 5.15 17.36 -37.41
N TRP F 159 6.46 17.39 -37.65
CA TRP F 159 7.44 17.73 -36.64
C TRP F 159 8.19 19.02 -36.95
N ARG F 160 8.13 19.48 -38.20
CA ARG F 160 8.94 20.59 -38.67
C ARG F 160 8.04 21.59 -39.40
N SER F 161 8.19 22.86 -39.08
CA SER F 161 7.35 23.91 -39.61
C SER F 161 8.03 24.61 -40.78
N GLU F 162 7.21 25.09 -41.71
CA GLU F 162 7.71 25.87 -42.84
C GLU F 162 7.84 27.34 -42.46
N GLY F 163 8.81 28.01 -43.06
CA GLY F 163 8.98 29.43 -42.87
C GLY F 163 9.95 29.85 -41.80
N ILE F 164 10.70 28.92 -41.22
CA ILE F 164 11.70 29.27 -40.22
C ILE F 164 13.05 29.46 -40.91
N LYS F 165 13.77 30.49 -40.50
CA LYS F 165 15.02 30.88 -41.14
C LYS F 165 16.11 31.04 -40.08
N TYR F 166 17.35 30.82 -40.50
CA TYR F 166 18.51 31.01 -39.67
C TYR F 166 19.58 31.75 -40.46
N ARG F 167 20.28 32.67 -39.79
CA ARG F 167 21.39 33.36 -40.44
C ARG F 167 22.57 32.42 -40.64
N LYS F 168 22.89 31.61 -39.64
CA LYS F 168 23.92 30.59 -39.74
C LYS F 168 23.28 29.23 -39.63
N ASN F 169 23.52 28.38 -40.63
CA ASN F 169 22.91 27.06 -40.72
C ASN F 169 23.87 26.02 -40.17
N GLU F 170 23.54 25.47 -38.99
CA GLU F 170 24.41 24.56 -38.28
C GLU F 170 23.61 23.36 -37.79
N VAL F 171 24.22 22.17 -37.88
CA VAL F 171 23.71 20.95 -37.27
C VAL F 171 24.75 20.46 -36.27
N PHE F 172 24.33 20.21 -35.03
CA PHE F 172 25.19 19.68 -33.99
C PHE F 172 24.78 18.25 -33.68
N LEU F 173 25.73 17.32 -33.75
CA LEU F 173 25.48 15.92 -33.51
C LEU F 173 26.18 15.48 -32.23
N ASP F 174 25.44 14.80 -31.35
CA ASP F 174 25.98 14.28 -30.11
C ASP F 174 25.76 12.77 -30.10
N VAL F 175 26.79 12.01 -30.47
CA VAL F 175 26.74 10.55 -30.43
C VAL F 175 27.10 10.14 -29.00
N ILE F 176 26.10 9.83 -28.18
CA ILE F 176 26.28 9.57 -26.77
C ILE F 176 26.14 8.06 -26.54
N GLU F 177 27.19 7.45 -26.01
CA GLU F 177 27.18 6.05 -25.65
C GLU F 177 26.92 5.90 -24.16
N ALA F 178 26.14 4.88 -23.80
CA ALA F 178 25.87 4.58 -22.39
C ALA F 178 26.22 3.11 -22.19
N VAL F 179 27.31 2.85 -21.48
CA VAL F 179 27.78 1.50 -21.24
C VAL F 179 27.01 0.92 -20.06
N ASN F 180 26.28 -0.16 -20.29
CA ASN F 180 25.58 -0.89 -19.25
C ASN F 180 26.39 -2.14 -18.90
N LEU F 181 26.68 -2.31 -17.62
CA LEU F 181 27.48 -3.45 -17.19
C LEU F 181 26.88 -4.05 -15.93
N LEU F 182 26.76 -5.38 -15.91
CA LEU F 182 26.37 -6.12 -14.72
C LEU F 182 27.30 -7.31 -14.58
N VAL F 183 28.11 -7.32 -13.53
CA VAL F 183 28.97 -8.45 -13.23
C VAL F 183 28.43 -9.14 -11.98
N SER F 184 28.86 -10.37 -11.77
CA SER F 184 28.44 -11.15 -10.62
C SER F 184 29.29 -10.80 -9.40
N ALA F 185 29.00 -11.45 -8.28
CA ALA F 185 29.83 -11.30 -7.09
C ALA F 185 31.16 -12.01 -7.26
N ASN F 186 31.21 -13.06 -8.08
CA ASN F 186 32.45 -13.78 -8.32
C ASN F 186 33.41 -13.01 -9.23
N GLY F 187 32.91 -12.02 -9.96
CA GLY F 187 33.75 -11.22 -10.82
C GLY F 187 33.66 -11.52 -12.30
N ASN F 188 32.67 -12.28 -12.73
CA ASN F 188 32.48 -12.59 -14.14
C ASN F 188 31.36 -11.74 -14.72
N VAL F 189 31.58 -11.23 -15.93
CA VAL F 189 30.63 -10.33 -16.57
C VAL F 189 29.49 -11.16 -17.14
N LEU F 190 28.27 -10.87 -16.69
CA LEU F 190 27.08 -11.55 -17.20
C LEU F 190 26.23 -10.66 -18.09
N ARG F 191 26.46 -9.35 -18.10
CA ARG F 191 25.72 -8.46 -18.98
C ARG F 191 26.61 -7.27 -19.30
N SER F 192 26.86 -7.04 -20.58
CA SER F 192 27.70 -5.93 -21.02
C SER F 192 27.17 -5.45 -22.37
N GLU F 193 26.44 -4.35 -22.35
CA GLU F 193 25.82 -3.83 -23.57
C GLU F 193 26.08 -2.33 -23.66
N ILE F 194 25.94 -1.81 -24.87
CA ILE F 194 26.02 -0.39 -25.14
C ILE F 194 24.68 0.06 -25.70
N VAL F 195 24.04 0.99 -25.02
CA VAL F 195 22.89 1.70 -25.57
C VAL F 195 23.36 3.09 -26.00
N GLY F 196 23.17 3.39 -27.28
CA GLY F 196 23.64 4.63 -27.85
C GLY F 196 22.50 5.61 -28.05
N SER F 197 22.87 6.84 -28.38
CA SER F 197 21.91 7.91 -28.59
C SER F 197 22.57 8.97 -29.46
N ILE F 198 21.97 9.28 -30.59
CA ILE F 198 22.41 10.40 -31.42
C ILE F 198 21.41 11.53 -31.16
N LYS F 199 21.81 12.47 -30.30
CA LYS F 199 21.02 13.67 -30.03
C LYS F 199 21.45 14.74 -31.00
N MET F 200 20.50 15.26 -31.77
CA MET F 200 20.81 16.21 -32.83
C MET F 200 20.21 17.56 -32.51
N ARG F 201 21.00 18.62 -32.69
CA ARG F 201 20.57 19.99 -32.48
C ARG F 201 20.57 20.68 -33.84
N VAL F 202 19.38 20.95 -34.38
CA VAL F 202 19.22 21.36 -35.76
C VAL F 202 18.89 22.84 -35.80
N PHE F 203 19.72 23.62 -36.50
CA PHE F 203 19.45 25.02 -36.78
C PHE F 203 19.55 25.18 -38.29
N LEU F 204 18.46 24.90 -38.99
CA LEU F 204 18.43 24.90 -40.44
C LEU F 204 17.21 25.64 -40.94
N SER F 205 17.31 26.14 -42.16
CA SER F 205 16.28 26.96 -42.77
C SER F 205 15.55 26.17 -43.85
N GLY F 206 14.22 26.31 -43.88
CA GLY F 206 13.42 25.72 -44.94
C GLY F 206 12.97 24.30 -44.67
N MET F 207 13.07 23.44 -45.68
CA MET F 207 12.67 22.04 -45.60
C MET F 207 13.87 21.16 -45.97
N PRO F 208 14.82 20.97 -45.07
CA PRO F 208 16.02 20.21 -45.43
C PRO F 208 15.80 18.71 -45.37
N GLU F 209 16.42 18.01 -46.31
CA GLU F 209 16.39 16.55 -46.36
C GLU F 209 17.77 16.06 -45.94
N LEU F 210 17.84 15.38 -44.81
CA LEU F 210 19.11 15.01 -44.20
C LEU F 210 19.36 13.52 -44.36
N ARG F 211 20.61 13.16 -44.67
CA ARG F 211 21.02 11.78 -44.87
C ARG F 211 22.18 11.48 -43.94
N LEU F 212 21.94 10.67 -42.91
CA LEU F 212 22.97 10.30 -41.96
C LEU F 212 23.71 9.06 -42.45
N GLY F 213 25.03 9.14 -42.50
CA GLY F 213 25.88 8.04 -42.93
C GLY F 213 26.69 7.50 -41.76
N LEU F 214 26.50 6.21 -41.50
CA LEU F 214 27.18 5.52 -40.41
C LEU F 214 27.87 4.28 -40.93
N ASN F 215 28.76 3.73 -40.12
CA ASN F 215 29.46 2.50 -40.49
C ASN F 215 28.68 1.28 -39.99
N ASP F 216 27.50 1.09 -40.59
CA ASP F 216 26.66 -0.04 -40.26
C ASP F 216 27.22 -1.31 -40.88
N LYS F 217 27.17 -2.40 -40.10
CA LYS F 217 27.64 -3.71 -40.56
C LYS F 217 26.75 -4.25 -41.68
N VAL F 218 25.43 -4.08 -41.55
CA VAL F 218 24.49 -4.56 -42.54
C VAL F 218 24.59 -3.75 -43.84
N LEU F 219 24.75 -2.44 -43.71
CA LEU F 219 24.94 -1.57 -44.87
C LEU F 219 26.26 -1.84 -45.57
N PHE F 220 27.32 -2.10 -44.80
CA PHE F 220 28.63 -2.37 -45.38
C PHE F 220 28.67 -3.73 -46.06
N ASP F 221 27.97 -4.72 -45.49
CA ASP F 221 27.88 -6.03 -46.13
C ASP F 221 26.98 -6.01 -47.35
N ASN F 222 25.94 -5.17 -47.35
CA ASN F 222 25.09 -5.05 -48.53
C ASN F 222 25.79 -4.29 -49.65
N THR F 223 26.60 -3.29 -49.31
CA THR F 223 27.35 -2.55 -50.31
C THR F 223 28.49 -3.39 -50.88
N GLY F 224 29.23 -4.07 -50.02
CA GLY F 224 30.39 -4.82 -50.43
C GLY F 224 31.70 -4.28 -49.89
N ARG F 225 31.66 -3.26 -49.04
CA ARG F 225 32.85 -2.70 -48.42
C ARG F 225 33.07 -3.24 -47.01
N GLY F 226 32.41 -4.33 -46.64
CA GLY F 226 32.49 -4.87 -45.30
C GLY F 226 33.77 -5.59 -44.97
N LYS F 227 34.87 -4.84 -44.92
CA LYS F 227 36.17 -5.34 -44.50
C LYS F 227 36.76 -4.33 -43.53
N SER F 228 36.25 -3.10 -43.60
CA SER F 228 36.72 -2.01 -42.76
C SER F 228 36.00 -2.05 -41.41
N LYS F 229 36.24 -1.03 -40.57
CA LYS F 229 35.67 -0.98 -39.24
C LYS F 229 34.20 -0.61 -39.29
N SER F 230 33.36 -1.42 -38.67
CA SER F 230 31.93 -1.19 -38.67
C SER F 230 31.34 -1.68 -37.36
N VAL F 231 30.17 -1.16 -37.02
CA VAL F 231 29.44 -1.56 -35.82
C VAL F 231 28.25 -2.43 -36.22
N GLU F 232 28.01 -3.48 -35.45
CA GLU F 232 26.89 -4.39 -35.66
C GLU F 232 25.83 -4.07 -34.61
N LEU F 233 24.92 -3.16 -34.97
CA LEU F 233 23.84 -2.78 -34.08
C LEU F 233 22.80 -3.89 -34.06
N GLU F 234 22.45 -4.36 -32.86
CA GLU F 234 21.45 -5.41 -32.74
C GLU F 234 20.04 -4.87 -33.02
N ASP F 235 19.72 -3.71 -32.47
CA ASP F 235 18.48 -3.05 -32.80
C ASP F 235 18.68 -1.55 -32.91
N VAL F 236 17.92 -0.94 -33.81
CA VAL F 236 17.90 0.49 -34.05
C VAL F 236 16.51 1.03 -33.77
N LYS F 237 16.44 2.11 -33.00
CA LYS F 237 15.19 2.84 -32.77
C LYS F 237 15.33 4.22 -33.39
N PHE F 238 14.33 4.64 -34.14
CA PHE F 238 14.38 5.89 -34.87
C PHE F 238 13.25 6.82 -34.45
N HIS F 239 13.47 8.11 -34.69
CA HIS F 239 12.49 9.16 -34.52
C HIS F 239 11.36 9.02 -35.54
N GLN F 240 10.30 9.83 -35.33
CA GLN F 240 9.17 9.88 -36.24
C GLN F 240 9.57 10.45 -37.61
N CYS F 241 10.60 11.31 -37.64
CA CYS F 241 11.04 11.93 -38.89
C CYS F 241 11.76 10.97 -39.83
N VAL F 242 12.26 9.85 -39.34
CA VAL F 242 13.10 8.98 -40.16
C VAL F 242 12.21 8.08 -41.02
N ARG F 243 12.58 7.96 -42.30
CA ARG F 243 11.85 7.11 -43.24
C ARG F 243 12.23 5.65 -43.00
N LEU F 244 11.37 4.97 -42.24
CA LEU F 244 11.65 3.61 -41.77
C LEU F 244 11.58 2.59 -42.90
N SER F 245 10.71 2.82 -43.89
CA SER F 245 10.57 1.90 -45.02
C SER F 245 11.81 1.89 -45.89
N ARG F 246 12.38 3.08 -46.16
CA ARG F 246 13.62 3.10 -46.92
C ARG F 246 14.83 2.76 -46.07
N PHE F 247 14.74 2.90 -44.74
CA PHE F 247 15.79 2.34 -43.87
C PHE F 247 15.82 0.82 -43.94
N GLU F 248 14.64 0.19 -43.95
CA GLU F 248 14.55 -1.25 -44.15
C GLU F 248 14.96 -1.65 -45.56
N ASN F 249 14.66 -0.82 -46.55
CA ASN F 249 14.98 -1.15 -47.94
C ASN F 249 16.48 -1.11 -48.22
N ASP F 250 17.16 -0.01 -47.85
CA ASP F 250 18.57 0.07 -48.22
C ASP F 250 19.44 0.70 -47.13
N ARG F 251 19.06 0.51 -45.85
CA ARG F 251 19.78 0.97 -44.65
C ARG F 251 20.04 2.47 -44.65
N THR F 252 19.05 3.24 -45.11
CA THR F 252 19.21 4.66 -45.34
C THR F 252 18.54 5.44 -44.22
N ILE F 253 19.32 6.27 -43.52
CA ILE F 253 18.78 7.14 -42.48
C ILE F 253 18.48 8.47 -43.18
N SER F 254 17.26 8.58 -43.71
CA SER F 254 16.81 9.77 -44.41
C SER F 254 15.65 10.38 -43.64
N PHE F 255 15.72 11.69 -43.42
CA PHE F 255 14.77 12.35 -42.53
C PHE F 255 14.77 13.84 -42.81
N ILE F 256 13.61 14.47 -42.63
CA ILE F 256 13.50 15.92 -42.51
C ILE F 256 13.48 16.25 -41.02
N PRO F 257 14.49 16.92 -40.48
CA PRO F 257 14.65 16.98 -39.03
C PRO F 257 13.74 18.03 -38.40
N PRO F 258 13.33 17.82 -37.16
CA PRO F 258 12.64 18.89 -36.42
C PRO F 258 13.59 20.02 -36.08
N ASP F 259 13.01 21.19 -35.85
CA ASP F 259 13.78 22.36 -35.46
C ASP F 259 14.19 22.26 -34.00
N GLY F 260 15.47 22.46 -33.72
CA GLY F 260 15.95 22.46 -32.35
C GLY F 260 16.56 21.15 -31.90
N GLU F 261 16.40 20.83 -30.62
CA GLU F 261 17.01 19.66 -30.01
C GLU F 261 16.04 18.49 -30.06
N PHE F 262 16.52 17.35 -30.58
CA PHE F 262 15.74 16.12 -30.62
C PHE F 262 16.69 14.93 -30.66
N GLU F 263 16.17 13.77 -30.28
CA GLU F 263 16.92 12.53 -30.35
C GLU F 263 16.56 11.81 -31.64
N LEU F 264 17.53 11.69 -32.54
CA LEU F 264 17.29 11.04 -33.82
C LEU F 264 17.33 9.52 -33.70
N MET F 265 18.35 9.01 -33.03
CA MET F 265 18.66 7.59 -33.02
C MET F 265 18.84 7.12 -31.60
N SER F 266 18.48 5.86 -31.36
CA SER F 266 18.87 5.16 -30.13
C SER F 266 19.13 3.71 -30.54
N TYR F 267 20.41 3.37 -30.68
CA TYR F 267 20.84 2.05 -31.09
C TYR F 267 21.26 1.22 -29.88
N ARG F 268 21.54 -0.05 -30.13
CA ARG F 268 21.83 -1.00 -29.06
C ARG F 268 22.71 -2.10 -29.61
N LEU F 269 23.79 -2.42 -28.89
CA LEU F 269 24.66 -3.50 -29.32
C LEU F 269 25.34 -4.11 -28.10
N ASN F 270 25.77 -5.35 -28.26
CA ASN F 270 26.47 -6.11 -27.22
C ASN F 270 27.94 -6.22 -27.62
N THR F 271 28.84 -5.95 -26.68
CA THR F 271 30.26 -6.00 -26.93
C THR F 271 30.95 -7.02 -26.04
N HIS F 272 31.88 -7.75 -26.64
CA HIS F 272 32.68 -8.75 -25.94
C HIS F 272 33.99 -8.17 -25.41
N VAL F 273 34.20 -6.86 -25.57
CA VAL F 273 35.39 -6.21 -25.06
C VAL F 273 35.30 -6.10 -23.53
N LYS F 274 36.45 -5.87 -22.90
CA LYS F 274 36.52 -5.76 -21.45
C LYS F 274 35.86 -4.46 -20.99
N PRO F 275 35.31 -4.44 -19.77
CA PRO F 275 34.67 -3.22 -19.25
C PRO F 275 35.65 -2.07 -19.06
N LEU F 276 35.13 -0.85 -19.17
CA LEU F 276 35.97 0.33 -19.23
C LEU F 276 36.59 0.66 -17.88
N ILE F 277 35.82 0.54 -16.80
CA ILE F 277 36.33 0.72 -15.45
C ILE F 277 35.98 -0.53 -14.66
N TRP F 278 37.00 -1.21 -14.13
CA TRP F 278 36.84 -2.45 -13.40
C TRP F 278 37.04 -2.22 -11.91
N ILE F 279 36.09 -2.69 -11.11
CA ILE F 279 36.12 -2.52 -9.67
C ILE F 279 36.31 -3.88 -9.01
N GLU F 280 37.31 -3.98 -8.15
CA GLU F 280 37.50 -5.14 -7.28
C GLU F 280 37.41 -4.65 -5.84
N SER F 281 36.37 -5.05 -5.13
CA SER F 281 36.19 -4.70 -3.72
C SER F 281 36.09 -5.98 -2.91
N VAL F 282 36.98 -6.12 -1.93
CA VAL F 282 36.94 -7.22 -0.98
C VAL F 282 36.55 -6.64 0.39
N ILE F 283 35.53 -7.23 0.99
CA ILE F 283 34.91 -6.70 2.19
C ILE F 283 35.42 -7.51 3.38
N GLU F 284 36.13 -6.87 4.29
CA GLU F 284 36.59 -7.52 5.52
C GLU F 284 35.65 -7.11 6.64
N LYS F 285 34.48 -7.74 6.66
CA LYS F 285 33.43 -7.44 7.61
C LYS F 285 33.64 -8.24 8.89
N HIS F 286 33.66 -7.55 10.02
CA HIS F 286 33.72 -8.18 11.33
C HIS F 286 32.41 -7.91 12.05
N SER F 287 31.86 -8.94 12.68
CA SER F 287 30.58 -8.82 13.37
C SER F 287 30.76 -8.02 14.65
N HIS F 288 29.90 -7.00 14.82
CA HIS F 288 29.76 -6.06 15.94
C HIS F 288 30.96 -5.15 16.17
N SER F 289 32.00 -5.19 15.32
CA SER F 289 33.19 -4.40 15.57
C SER F 289 33.44 -3.35 14.48
N ARG F 290 33.62 -3.77 13.23
CA ARG F 290 34.07 -2.89 12.17
C ARG F 290 33.80 -3.56 10.83
N ILE F 291 33.82 -2.76 9.78
CA ILE F 291 33.80 -3.26 8.40
C ILE F 291 34.89 -2.53 7.63
N GLU F 292 35.61 -3.27 6.79
CA GLU F 292 36.75 -2.74 6.08
C GLU F 292 36.52 -2.90 4.58
N TYR F 293 36.91 -1.89 3.82
CA TYR F 293 36.74 -1.87 2.38
C TYR F 293 38.09 -1.71 1.73
N MET F 294 38.38 -2.55 0.74
CA MET F 294 39.65 -2.54 0.02
C MET F 294 39.22 -2.54 -1.44
N VAL F 295 39.17 -1.35 -2.04
CA VAL F 295 38.60 -1.16 -3.37
C VAL F 295 39.73 -0.72 -4.30
N LYS F 296 39.95 -1.48 -5.37
CA LYS F 296 40.87 -1.09 -6.43
C LYS F 296 40.08 -0.86 -7.71
N ALA F 297 40.36 0.26 -8.36
CA ALA F 297 39.68 0.63 -9.60
C ALA F 297 40.73 0.80 -10.70
N LYS F 298 40.55 0.09 -11.80
CA LYS F 298 41.44 0.19 -12.94
C LYS F 298 40.64 0.59 -14.18
N SER F 299 41.25 1.42 -15.00
CA SER F 299 40.66 1.84 -16.27
C SER F 299 41.26 1.00 -17.39
N GLN F 300 40.41 0.31 -18.13
CA GLN F 300 40.86 -0.64 -19.13
C GLN F 300 40.66 -0.14 -20.56
N PHE F 301 40.53 1.17 -20.74
CA PHE F 301 40.52 1.75 -22.06
C PHE F 301 41.93 2.24 -22.39
N LYS F 302 42.07 2.96 -23.49
CA LYS F 302 43.38 3.39 -23.96
C LYS F 302 43.93 4.53 -23.10
N ARG F 303 45.26 4.64 -23.08
CA ARG F 303 45.95 5.58 -22.20
C ARG F 303 45.78 7.03 -22.65
N ARG F 304 45.50 7.27 -23.93
CA ARG F 304 45.27 8.63 -24.40
C ARG F 304 43.91 9.16 -23.98
N SER F 305 42.94 8.28 -23.71
CA SER F 305 41.65 8.71 -23.23
C SER F 305 41.70 8.98 -21.72
N THR F 306 40.70 9.73 -21.24
CA THR F 306 40.62 10.07 -19.84
C THR F 306 39.15 10.15 -19.45
N ALA F 307 38.75 9.34 -18.48
CA ALA F 307 37.39 9.44 -17.93
C ALA F 307 37.35 10.57 -16.92
N ASN F 308 36.34 11.42 -17.03
CA ASN F 308 36.18 12.57 -16.14
C ASN F 308 34.97 12.40 -15.24
N ASN F 309 35.13 12.84 -13.99
CA ASN F 309 34.11 12.84 -12.93
C ASN F 309 33.52 11.46 -12.68
N VAL F 310 34.40 10.47 -12.54
CA VAL F 310 33.94 9.13 -12.18
C VAL F 310 33.63 9.12 -10.70
N GLU F 311 32.54 8.45 -10.34
CA GLU F 311 32.06 8.39 -8.96
C GLU F 311 31.70 6.94 -8.67
N ILE F 312 32.51 6.27 -7.87
CA ILE F 312 32.35 4.85 -7.60
C ILE F 312 31.53 4.72 -6.31
N HIS F 313 30.23 4.48 -6.47
CA HIS F 313 29.30 4.39 -5.35
C HIS F 313 29.38 3.00 -4.74
N ILE F 314 29.92 2.90 -3.54
CA ILE F 314 30.09 1.63 -2.84
C ILE F 314 29.18 1.66 -1.61
N PRO F 315 28.25 0.71 -1.47
CA PRO F 315 27.31 0.75 -0.34
C PRO F 315 27.95 0.32 0.97
N VAL F 316 27.59 1.01 2.04
CA VAL F 316 28.07 0.73 3.39
C VAL F 316 26.86 0.33 4.22
N PRO F 317 27.07 -0.31 5.38
CA PRO F 317 25.95 -0.52 6.32
C PRO F 317 25.32 0.76 6.82
N ASN F 318 24.02 0.70 7.08
CA ASN F 318 23.25 1.87 7.50
C ASN F 318 23.56 2.30 8.93
N ASP F 319 24.02 1.39 9.77
CA ASP F 319 24.38 1.70 11.15
C ASP F 319 25.87 1.89 11.34
N ALA F 320 26.63 2.02 10.24
CA ALA F 320 28.06 2.22 10.34
C ALA F 320 28.38 3.62 10.81
N ASP F 321 29.60 3.80 11.31
CA ASP F 321 30.01 5.09 11.87
C ASP F 321 31.51 5.24 11.79
N SER F 322 31.96 6.50 11.95
CA SER F 322 33.33 6.99 12.06
C SER F 322 34.23 6.53 10.92
N PRO F 323 34.06 7.06 9.70
CA PRO F 323 34.82 6.53 8.57
C PRO F 323 36.26 7.03 8.54
N LYS F 324 37.16 6.13 8.17
CA LYS F 324 38.56 6.46 7.93
C LYS F 324 38.89 6.07 6.50
N PHE F 325 39.34 7.04 5.72
CA PHE F 325 39.56 6.85 4.29
C PHE F 325 41.04 6.99 3.95
N LYS F 326 41.58 5.98 3.28
CA LYS F 326 42.91 6.04 2.68
C LYS F 326 42.76 5.84 1.18
N THR F 327 43.25 6.81 0.41
CA THR F 327 43.15 6.72 -1.04
C THR F 327 44.46 7.19 -1.66
N THR F 328 44.67 6.79 -2.92
CA THR F 328 45.86 7.23 -3.63
C THR F 328 45.56 8.42 -4.54
N VAL F 329 44.55 8.29 -5.38
CA VAL F 329 44.15 9.34 -6.31
C VAL F 329 42.66 9.58 -6.10
N GLY F 330 42.28 10.84 -5.89
CA GLY F 330 40.90 11.23 -5.76
C GLY F 330 40.54 11.55 -4.33
N SER F 331 39.24 11.67 -4.10
CA SER F 331 38.69 11.89 -2.78
C SER F 331 37.46 11.00 -2.60
N VAL F 332 37.33 10.43 -1.41
CA VAL F 332 36.21 9.58 -1.08
C VAL F 332 35.51 10.16 0.14
N LYS F 333 34.21 10.39 0.03
CA LYS F 333 33.43 10.93 1.13
C LYS F 333 32.27 9.99 1.46
N TRP F 334 31.81 10.08 2.70
CA TRP F 334 30.69 9.29 3.16
C TRP F 334 29.39 9.99 2.83
N VAL F 335 28.49 9.28 2.16
CA VAL F 335 27.14 9.78 1.90
C VAL F 335 26.16 8.88 2.64
N PRO F 336 25.84 9.19 3.90
CA PRO F 336 24.89 8.35 4.64
C PRO F 336 23.44 8.55 4.25
N GLU F 337 23.13 9.58 3.45
CA GLU F 337 21.78 9.73 2.91
C GLU F 337 21.43 8.59 1.96
N ASN F 338 22.39 8.15 1.15
CA ASN F 338 22.22 6.98 0.30
C ASN F 338 22.79 5.72 0.92
N SER F 339 23.32 5.82 2.16
CA SER F 339 23.96 4.74 2.92
C SER F 339 25.10 4.10 2.13
N GLU F 340 26.04 4.94 1.69
CA GLU F 340 27.08 4.50 0.78
C GLU F 340 28.27 5.44 0.91
N ILE F 341 29.37 5.06 0.27
CA ILE F 341 30.48 5.96 0.02
C ILE F 341 30.66 6.07 -1.48
N VAL F 342 30.96 7.29 -1.95
CA VAL F 342 31.34 7.49 -3.33
C VAL F 342 32.81 7.87 -3.35
N TRP F 343 33.51 7.41 -4.37
CA TRP F 343 34.93 7.67 -4.56
C TRP F 343 35.03 8.49 -5.84
N SER F 344 35.18 9.79 -5.68
CA SER F 344 35.22 10.73 -6.79
C SER F 344 36.67 10.99 -7.18
N VAL F 345 37.02 10.59 -8.40
CA VAL F 345 38.25 11.06 -9.03
C VAL F 345 37.82 12.07 -10.09
N LYS F 346 38.74 12.99 -10.40
CA LYS F 346 38.42 14.01 -11.39
C LYS F 346 38.89 13.61 -12.79
N SER F 347 40.04 12.96 -12.88
CA SER F 347 40.55 12.48 -14.16
C SER F 347 41.04 11.05 -13.97
N PHE F 348 40.51 10.14 -14.77
CA PHE F 348 40.91 8.73 -14.76
C PHE F 348 41.52 8.40 -16.11
N PRO F 349 42.84 8.44 -16.25
CA PRO F 349 43.46 8.02 -17.51
C PRO F 349 43.43 6.52 -17.67
N GLY F 350 43.57 6.07 -18.91
CA GLY F 350 43.55 4.65 -19.19
C GLY F 350 44.84 3.98 -18.78
N GLY F 351 44.71 2.71 -18.39
CA GLY F 351 45.84 1.92 -17.96
C GLY F 351 46.29 2.14 -16.54
N LYS F 352 45.61 3.00 -15.78
CA LYS F 352 45.98 3.31 -14.42
C LYS F 352 45.07 2.58 -13.44
N GLU F 353 45.67 2.05 -12.39
CA GLU F 353 44.93 1.36 -11.33
C GLU F 353 45.14 2.11 -10.03
N TYR F 354 44.05 2.52 -9.39
CA TYR F 354 44.08 3.32 -8.18
C TYR F 354 43.50 2.51 -7.02
N LEU F 355 43.91 2.88 -5.81
CA LEU F 355 43.58 2.12 -4.62
C LEU F 355 42.80 2.99 -3.65
N MET F 356 41.82 2.38 -2.97
CA MET F 356 41.07 3.06 -1.93
C MET F 356 40.87 2.10 -0.75
N ARG F 357 41.04 2.63 0.45
CA ARG F 357 40.80 1.87 1.68
C ARG F 357 39.80 2.63 2.54
N ALA F 358 38.79 1.94 3.03
CA ALA F 358 37.77 2.54 3.88
C ALA F 358 37.51 1.63 5.08
N HIS F 359 37.51 2.23 6.27
CA HIS F 359 37.22 1.51 7.50
C HIS F 359 36.11 2.23 8.24
N PHE F 360 35.10 1.48 8.68
CA PHE F 360 34.00 2.02 9.46
C PHE F 360 34.00 1.36 10.83
N GLY F 361 33.06 1.81 11.68
CA GLY F 361 32.82 1.18 12.95
C GLY F 361 31.39 0.68 13.00
N LEU F 362 31.19 -0.44 13.67
CA LEU F 362 29.88 -1.07 13.73
C LEU F 362 29.37 -1.09 15.16
N PRO F 363 28.05 -1.00 15.37
CA PRO F 363 27.52 -1.08 16.73
C PRO F 363 27.60 -2.49 17.29
N SER F 364 27.67 -2.57 18.62
CA SER F 364 27.67 -3.89 19.27
C SER F 364 26.29 -4.51 19.24
N VAL F 365 25.24 -3.70 19.23
CA VAL F 365 23.87 -4.20 19.08
C VAL F 365 23.55 -4.32 17.61
N GLU F 366 23.13 -5.51 17.18
CA GLU F 366 22.77 -5.74 15.80
C GLU F 366 21.43 -5.08 15.47
N ALA F 367 21.24 -4.79 14.18
CA ALA F 367 19.96 -4.28 13.72
C ALA F 367 18.91 -5.38 13.73
N GLU F 368 17.65 -4.96 13.78
CA GLU F 368 16.55 -5.92 13.85
C GLU F 368 16.32 -6.60 12.51
N ASP F 369 16.42 -5.85 11.42
CA ASP F 369 16.17 -6.38 10.08
C ASP F 369 17.45 -6.42 9.26
N LYS F 370 17.44 -7.27 8.24
CA LYS F 370 18.57 -7.39 7.34
C LYS F 370 18.66 -6.17 6.43
N GLU F 371 19.86 -5.95 5.89
CA GLU F 371 20.15 -4.73 5.15
C GLU F 371 19.88 -4.88 3.66
N GLY F 372 20.40 -5.92 3.04
CA GLY F 372 20.38 -6.00 1.59
C GLY F 372 21.66 -5.47 0.98
N LYS F 373 21.97 -5.99 -0.21
CA LYS F 373 23.25 -5.67 -0.88
C LYS F 373 22.99 -4.95 -2.18
N PRO F 374 23.07 -3.62 -2.22
CA PRO F 374 23.11 -2.92 -3.50
C PRO F 374 24.45 -3.15 -4.19
N PRO F 375 24.50 -3.07 -5.51
CA PRO F 375 25.77 -3.26 -6.21
C PRO F 375 26.61 -1.98 -6.19
N ILE F 376 27.85 -2.14 -6.62
CA ILE F 376 28.75 -1.00 -6.81
C ILE F 376 28.45 -0.40 -8.17
N SER F 377 28.10 0.89 -8.19
CA SER F 377 27.79 1.60 -9.42
C SER F 377 28.82 2.71 -9.63
N VAL F 378 29.38 2.79 -10.84
CA VAL F 378 30.32 3.84 -11.19
C VAL F 378 29.66 4.78 -12.19
N LYS F 379 30.13 6.03 -12.21
CA LYS F 379 29.50 7.13 -12.92
C LYS F 379 30.51 7.88 -13.78
N PHE F 380 31.24 7.16 -14.61
CA PHE F 380 32.28 7.74 -15.46
C PHE F 380 31.68 8.52 -16.64
N GLU F 381 32.57 9.23 -17.33
CA GLU F 381 32.24 9.92 -18.59
C GLU F 381 33.53 10.13 -19.36
N ILE F 382 33.65 9.54 -20.54
CA ILE F 382 34.84 9.67 -21.37
C ILE F 382 34.47 10.47 -22.61
N PRO F 383 34.91 11.72 -22.73
CA PRO F 383 34.67 12.48 -23.96
C PRO F 383 35.73 12.21 -25.01
N TYR F 384 35.37 12.58 -26.26
CA TYR F 384 36.14 12.33 -27.49
C TYR F 384 36.48 10.85 -27.66
N PHE F 385 35.51 10.00 -27.35
CA PHE F 385 35.76 8.56 -27.24
C PHE F 385 34.46 7.82 -27.48
N THR F 386 34.51 6.84 -28.36
CA THR F 386 33.42 5.88 -28.52
C THR F 386 33.98 4.48 -28.31
N THR F 387 33.18 3.63 -27.68
CA THR F 387 33.63 2.29 -27.32
C THR F 387 33.14 1.22 -28.27
N SER F 388 32.01 1.43 -28.94
CA SER F 388 31.55 0.50 -29.95
C SER F 388 32.31 0.66 -31.26
N GLY F 389 32.70 1.88 -31.61
CA GLY F 389 33.37 2.14 -32.86
C GLY F 389 32.54 2.83 -33.92
N ILE F 390 31.40 3.39 -33.56
CA ILE F 390 30.50 4.02 -34.53
C ILE F 390 31.06 5.39 -34.89
N GLN F 391 31.19 5.65 -36.19
CA GLN F 391 31.60 6.97 -36.65
C GLN F 391 30.55 7.52 -37.61
N VAL F 392 30.32 8.82 -37.54
CA VAL F 392 29.43 9.49 -38.47
C VAL F 392 30.24 9.81 -39.71
N ARG F 393 29.95 9.11 -40.81
CA ARG F 393 30.72 9.27 -42.03
C ARG F 393 30.38 10.58 -42.73
N TYR F 394 29.10 10.91 -42.82
CA TYR F 394 28.68 12.14 -43.47
C TYR F 394 27.35 12.60 -42.89
N LEU F 395 26.91 13.77 -43.34
CA LEU F 395 25.55 14.24 -43.14
C LEU F 395 25.20 15.10 -44.37
N LYS F 396 24.58 14.47 -45.35
CA LYS F 396 24.19 15.18 -46.57
C LYS F 396 22.95 16.00 -46.30
N ILE F 397 23.07 17.31 -46.43
CA ILE F 397 21.97 18.25 -46.18
C ILE F 397 21.52 18.79 -47.53
N ILE F 398 20.31 18.44 -47.93
CA ILE F 398 19.76 18.82 -49.24
C ILE F 398 18.57 19.74 -49.01
N GLU F 399 18.65 20.95 -49.55
CA GLU F 399 17.56 21.91 -49.48
C GLU F 399 17.31 22.50 -50.85
N LYS F 400 16.07 22.95 -51.08
CA LYS F 400 15.70 23.47 -52.40
C LYS F 400 16.23 24.87 -52.63
N SER F 401 16.61 25.60 -51.58
CA SER F 401 17.22 26.90 -51.77
C SER F 401 18.70 26.76 -52.11
N GLY F 402 19.39 25.86 -51.43
CA GLY F 402 20.79 25.60 -51.71
C GLY F 402 21.71 26.40 -50.82
N TYR F 403 22.30 25.74 -49.82
CA TYR F 403 23.29 26.39 -48.97
C TYR F 403 24.31 25.34 -48.55
N GLN F 404 25.32 25.80 -47.82
CA GLN F 404 26.33 24.92 -47.24
C GLN F 404 26.25 25.06 -45.73
N ALA F 405 25.69 24.04 -45.08
CA ALA F 405 25.61 23.98 -43.64
C ALA F 405 26.75 23.13 -43.10
N LEU F 406 27.11 23.37 -41.84
CA LEU F 406 28.25 22.71 -41.23
C LEU F 406 27.79 21.69 -40.20
N PRO F 407 27.92 20.39 -40.46
CA PRO F 407 27.59 19.39 -39.43
C PRO F 407 28.74 19.23 -38.44
N TRP F 408 28.44 19.43 -37.17
CA TRP F 408 29.41 19.27 -36.08
C TRP F 408 29.07 18.01 -35.30
N VAL F 409 30.07 17.17 -35.06
CA VAL F 409 29.88 15.90 -34.37
C VAL F 409 30.80 15.86 -33.16
N ARG F 410 30.35 15.18 -32.11
CA ARG F 410 31.18 14.86 -30.96
C ARG F 410 30.72 13.52 -30.41
N TYR F 411 31.64 12.82 -29.75
CA TYR F 411 31.44 11.46 -29.29
C TYR F 411 31.70 11.42 -27.79
N ILE F 412 30.66 11.12 -27.01
CA ILE F 412 30.75 11.01 -25.57
C ILE F 412 30.41 9.58 -25.17
N THR F 413 31.26 8.97 -24.35
CA THR F 413 30.96 7.68 -23.74
C THR F 413 30.78 7.89 -22.24
N GLN F 414 29.61 7.53 -21.73
CA GLN F 414 29.31 7.67 -20.32
C GLN F 414 28.75 6.35 -19.79
N ASN F 415 28.49 6.32 -18.49
CA ASN F 415 27.91 5.13 -17.88
C ASN F 415 26.42 5.05 -18.18
N GLY F 416 25.89 3.83 -18.12
CA GLY F 416 24.46 3.62 -18.13
C GLY F 416 24.04 2.98 -16.82
N ASP F 417 23.66 1.71 -16.88
CA ASP F 417 23.45 0.89 -15.68
C ASP F 417 24.72 0.06 -15.50
N TYR F 418 25.71 0.68 -14.88
CA TYR F 418 27.06 0.12 -14.76
C TYR F 418 27.23 -0.42 -13.34
N GLN F 419 26.79 -1.65 -13.12
CA GLN F 419 26.70 -2.21 -11.78
C GLN F 419 27.68 -3.35 -11.59
N LEU F 420 28.21 -3.46 -10.36
CA LEU F 420 29.11 -4.54 -9.97
C LEU F 420 28.62 -5.09 -8.64
N ARG F 421 28.22 -6.36 -8.63
CA ARG F 421 27.61 -6.95 -7.45
C ARG F 421 28.65 -7.26 -6.37
N THR F 422 28.25 -7.11 -5.13
CA THR F 422 29.11 -7.34 -3.98
C THR F 422 28.81 -8.70 -3.36
N GLN F 423 29.59 -9.04 -2.33
CA GLN F 423 29.45 -10.32 -1.64
C GLN F 423 28.18 -10.36 -0.78
N MET G 1 -5.96 -1.88 33.52
CA MET G 1 -4.63 -1.52 33.07
C MET G 1 -4.64 -0.94 31.67
N ILE G 2 -4.03 0.23 31.51
CA ILE G 2 -3.84 0.82 30.20
C ILE G 2 -2.67 0.12 29.53
N HIS G 3 -2.91 -0.46 28.36
CA HIS G 3 -1.83 -1.20 27.71
C HIS G 3 -0.90 -0.28 26.93
N PHE G 4 -1.46 0.67 26.18
CA PHE G 4 -0.64 1.65 25.49
C PHE G 4 -1.41 2.93 25.27
N ILE G 5 -0.66 4.02 25.08
CA ILE G 5 -1.19 5.35 24.84
C ILE G 5 -0.58 5.86 23.54
N LEU G 6 -1.42 6.27 22.60
CA LEU G 6 -0.97 6.75 21.30
C LEU G 6 -1.50 8.15 21.05
N LEU G 7 -0.65 8.99 20.46
CA LEU G 7 -1.02 10.35 20.05
C LEU G 7 -0.66 10.50 18.59
N PHE G 8 -1.61 10.98 17.78
CA PHE G 8 -1.39 11.08 16.34
C PHE G 8 -2.26 12.20 15.79
N SER G 9 -2.01 12.55 14.54
CA SER G 9 -2.65 13.71 13.90
C SER G 9 -3.69 13.25 12.89
N ARG G 10 -4.25 14.23 12.16
CA ARG G 10 -5.16 13.94 11.06
C ARG G 10 -4.46 13.33 9.86
N GLN G 11 -3.15 13.53 9.72
CA GLN G 11 -2.39 12.92 8.64
C GLN G 11 -1.98 11.49 8.97
N GLY G 12 -2.23 11.02 10.18
CA GLY G 12 -1.88 9.69 10.60
C GLY G 12 -0.50 9.54 11.19
N LYS G 13 0.32 10.59 11.17
CA LYS G 13 1.66 10.50 11.70
C LYS G 13 1.64 10.60 13.22
N LEU G 14 2.49 9.81 13.86
CA LEU G 14 2.48 9.64 15.30
C LEU G 14 3.12 10.84 16.00
N ARG G 15 2.56 11.22 17.14
CA ARG G 15 3.09 12.31 17.95
C ARG G 15 3.69 11.85 19.26
N LEU G 16 3.17 10.77 19.85
CA LEU G 16 3.68 10.22 21.10
C LEU G 16 3.22 8.78 21.21
N GLN G 17 4.09 7.90 21.68
CA GLN G 17 3.73 6.50 21.91
C GLN G 17 4.37 6.02 23.21
N LYS G 18 3.54 5.56 24.14
CA LYS G 18 4.01 4.94 25.37
C LYS G 18 3.37 3.57 25.47
N TRP G 19 4.19 2.55 25.76
CA TRP G 19 3.75 1.17 25.72
C TRP G 19 4.03 0.52 27.06
N TYR G 20 3.00 -0.03 27.68
CA TYR G 20 3.11 -0.70 28.96
C TYR G 20 3.07 -2.21 28.81
N ILE G 21 3.14 -2.72 27.58
CA ILE G 21 3.23 -4.15 27.30
C ILE G 21 4.44 -4.37 26.41
N THR G 22 4.99 -5.57 26.47
CA THR G 22 6.21 -5.91 25.73
C THR G 22 5.85 -6.73 24.50
N LEU G 23 6.20 -6.20 23.33
CA LEU G 23 5.97 -6.84 22.04
C LEU G 23 6.95 -6.22 21.04
N PRO G 24 7.37 -6.97 20.00
CA PRO G 24 8.47 -6.49 19.15
C PRO G 24 8.11 -5.31 18.26
N ASP G 25 9.13 -4.81 17.55
CA ASP G 25 9.02 -3.52 16.87
C ASP G 25 8.21 -3.62 15.58
N LYS G 26 8.28 -4.75 14.88
CA LYS G 26 7.47 -4.94 13.67
C LYS G 26 5.99 -5.05 14.00
N GLU G 27 5.67 -5.81 15.04
CA GLU G 27 4.31 -5.90 15.57
C GLU G 27 3.84 -4.56 16.15
N ARG G 28 4.78 -3.80 16.72
CA ARG G 28 4.52 -2.46 17.26
C ARG G 28 4.09 -1.49 16.17
N LYS G 29 4.86 -1.44 15.07
CA LYS G 29 4.54 -0.54 13.95
C LYS G 29 3.29 -1.00 13.22
N LYS G 30 3.08 -2.32 13.10
CA LYS G 30 1.89 -2.85 12.43
C LYS G 30 0.62 -2.55 13.23
N ILE G 31 0.68 -2.74 14.56
CA ILE G 31 -0.43 -2.46 15.46
C ILE G 31 -0.74 -0.97 15.47
N THR G 32 0.31 -0.13 15.48
CA THR G 32 0.12 1.32 15.49
C THR G 32 -0.47 1.82 14.17
N ARG G 33 -0.03 1.27 13.03
CA ARG G 33 -0.54 1.70 11.74
C ARG G 33 -2.00 1.25 11.54
N GLU G 34 -2.33 0.02 11.95
CA GLU G 34 -3.71 -0.44 11.79
C GLU G 34 -4.65 0.23 12.80
N ILE G 35 -4.14 0.62 13.98
CA ILE G 35 -4.98 1.31 14.96
C ILE G 35 -5.21 2.76 14.53
N VAL G 36 -4.20 3.40 13.94
CA VAL G 36 -4.34 4.75 13.39
C VAL G 36 -5.32 4.76 12.22
N GLN G 37 -5.27 3.74 11.35
CA GLN G 37 -6.25 3.66 10.26
C GLN G 37 -7.65 3.31 10.76
N ILE G 38 -7.77 2.56 11.87
CA ILE G 38 -9.06 2.26 12.46
C ILE G 38 -9.69 3.52 13.06
N ILE G 39 -8.90 4.34 13.75
CA ILE G 39 -9.41 5.58 14.34
C ILE G 39 -9.71 6.62 13.25
N LEU G 40 -8.81 6.77 12.28
CA LEU G 40 -8.99 7.74 11.21
C LEU G 40 -9.98 7.30 10.14
N SER G 41 -10.42 6.04 10.16
CA SER G 41 -11.52 5.57 9.32
C SER G 41 -12.87 5.67 10.03
N ARG G 42 -13.02 6.62 10.94
CA ARG G 42 -14.22 6.77 11.74
C ARG G 42 -14.62 8.23 11.75
N GLY G 43 -15.91 8.48 11.93
CA GLY G 43 -16.43 9.83 11.93
C GLY G 43 -16.30 10.51 13.28
N HIS G 44 -16.93 11.68 13.38
CA HIS G 44 -16.91 12.46 14.62
C HIS G 44 -18.09 12.15 15.54
N ARG G 45 -18.99 11.25 15.12
CA ARG G 45 -20.17 10.91 15.90
C ARG G 45 -20.17 9.44 16.35
N THR G 46 -19.02 8.78 16.26
CA THR G 46 -18.93 7.32 16.31
C THR G 46 -18.51 6.79 17.67
N SER G 47 -19.04 7.35 18.77
CA SER G 47 -19.11 6.79 20.12
C SER G 47 -17.78 6.64 20.85
N SER G 48 -16.66 7.04 20.26
CA SER G 48 -15.34 7.20 20.88
C SER G 48 -14.68 5.93 21.47
N PHE G 49 -15.29 4.76 21.32
CA PHE G 49 -14.72 3.51 21.78
C PHE G 49 -14.79 2.51 20.63
N VAL G 50 -13.66 1.89 20.29
CA VAL G 50 -13.64 0.80 19.33
C VAL G 50 -13.22 -0.47 20.05
N ASP G 51 -13.62 -1.61 19.51
CA ASP G 51 -13.22 -2.91 20.02
C ASP G 51 -12.09 -3.44 19.16
N TRP G 52 -11.00 -3.88 19.80
CA TRP G 52 -9.81 -4.31 19.06
C TRP G 52 -9.10 -5.35 19.91
N LYS G 53 -9.31 -6.64 19.57
CA LYS G 53 -8.56 -7.80 20.07
C LYS G 53 -8.63 -7.93 21.59
N GLU G 54 -9.87 -8.12 22.08
CA GLU G 54 -10.36 -8.04 23.47
C GLU G 54 -9.77 -6.88 24.29
N LEU G 55 -9.60 -5.73 23.65
CA LEU G 55 -9.15 -4.50 24.30
C LEU G 55 -9.99 -3.37 23.74
N LYS G 56 -10.77 -2.69 24.59
CA LYS G 56 -11.53 -1.54 24.13
C LYS G 56 -10.62 -0.34 24.04
N LEU G 57 -10.55 0.25 22.84
CA LEU G 57 -9.68 1.39 22.57
C LEU G 57 -10.46 2.67 22.84
N VAL G 58 -10.08 3.40 23.86
CA VAL G 58 -10.73 4.65 24.24
C VAL G 58 -9.95 5.79 23.59
N TYR G 59 -10.59 6.50 22.68
CA TYR G 59 -9.94 7.64 22.04
C TYR G 59 -10.81 8.88 22.16
N LYS G 60 -10.18 10.03 22.06
CA LYS G 60 -10.88 11.31 22.10
C LYS G 60 -10.09 12.33 21.31
N ARG G 61 -10.76 12.99 20.36
CA ARG G 61 -10.17 14.07 19.61
C ARG G 61 -10.25 15.38 20.37
N TYR G 62 -9.19 16.17 20.28
CA TYR G 62 -9.12 17.48 20.92
C TYR G 62 -8.83 18.60 19.95
N ALA G 63 -8.04 18.34 18.92
CA ALA G 63 -7.69 19.26 17.85
C ALA G 63 -7.43 18.39 16.64
N SER G 64 -6.54 18.85 15.74
CA SER G 64 -5.94 17.95 14.77
C SER G 64 -5.23 16.77 15.43
N LEU G 65 -4.60 16.99 16.58
CA LEU G 65 -3.99 15.92 17.35
C LEU G 65 -5.05 15.04 18.02
N TYR G 66 -4.91 13.73 17.87
CA TYR G 66 -5.76 12.74 18.53
C TYR G 66 -5.09 12.24 19.80
N PHE G 67 -5.89 11.71 20.70
CA PHE G 67 -5.43 11.03 21.90
C PHE G 67 -6.09 9.68 21.94
N CYS G 68 -5.34 8.63 22.33
CA CYS G 68 -5.91 7.30 22.35
C CYS G 68 -5.31 6.49 23.48
N CYS G 69 -6.13 5.62 24.06
CA CYS G 69 -5.69 4.69 25.10
C CYS G 69 -6.34 3.35 24.85
N ALA G 70 -5.65 2.29 25.27
CA ALA G 70 -6.16 0.93 25.15
C ALA G 70 -6.16 0.28 26.51
N ILE G 71 -7.33 -0.18 26.95
CA ILE G 71 -7.49 -0.75 28.28
C ILE G 71 -7.97 -2.19 28.15
N GLU G 72 -7.89 -2.91 29.25
CA GLU G 72 -8.37 -4.29 29.33
C GLU G 72 -9.88 -4.32 29.46
N ASN G 73 -10.45 -5.51 29.49
CA ASN G 73 -11.90 -5.66 29.62
C ASN G 73 -12.34 -5.77 31.08
N GLN G 74 -11.82 -4.89 31.92
CA GLN G 74 -12.27 -4.70 33.29
C GLN G 74 -12.31 -3.24 33.71
N ASP G 75 -11.71 -2.33 32.95
CA ASP G 75 -11.61 -0.93 33.32
C ASP G 75 -12.85 -0.16 32.87
N ASN G 76 -12.88 1.12 33.24
CA ASN G 76 -13.95 2.02 32.86
C ASN G 76 -13.53 2.81 31.63
N GLU G 77 -14.39 2.81 30.61
CA GLU G 77 -14.08 3.54 29.39
C GLU G 77 -14.28 5.04 29.56
N LEU G 78 -15.30 5.45 30.32
CA LEU G 78 -15.54 6.86 30.55
C LEU G 78 -14.52 7.44 31.52
N LEU G 79 -14.03 6.65 32.47
CA LEU G 79 -12.91 7.12 33.28
C LEU G 79 -11.61 7.14 32.48
N THR G 80 -11.50 6.32 31.44
CA THR G 80 -10.35 6.44 30.53
C THR G 80 -10.44 7.71 29.69
N LEU G 81 -11.67 8.14 29.34
CA LEU G 81 -11.87 9.46 28.75
C LEU G 81 -11.48 10.57 29.73
N GLU G 82 -11.79 10.37 31.02
CA GLU G 82 -11.35 11.33 32.05
C GLU G 82 -9.84 11.29 32.27
N ILE G 83 -9.19 10.14 32.04
CA ILE G 83 -7.74 10.02 32.14
C ILE G 83 -7.07 10.77 30.99
N VAL G 84 -7.64 10.65 29.79
CA VAL G 84 -7.20 11.42 28.62
C VAL G 84 -7.39 12.92 28.85
N HIS G 85 -8.52 13.29 29.45
CA HIS G 85 -8.78 14.70 29.77
C HIS G 85 -7.86 15.23 30.86
N ARG G 86 -7.50 14.39 31.83
CA ARG G 86 -6.56 14.80 32.87
C ARG G 86 -5.16 14.96 32.32
N TYR G 87 -4.77 14.12 31.36
CA TYR G 87 -3.48 14.26 30.69
C TYR G 87 -3.43 15.54 29.84
N VAL G 88 -4.55 15.88 29.19
CA VAL G 88 -4.65 17.13 28.43
C VAL G 88 -4.60 18.34 29.37
N GLU G 89 -5.23 18.23 30.55
CA GLU G 89 -5.17 19.30 31.54
C GLU G 89 -3.79 19.45 32.16
N LEU G 90 -3.05 18.35 32.30
CA LEU G 90 -1.67 18.42 32.80
C LEU G 90 -0.76 19.05 31.75
N LEU G 91 -1.02 18.78 30.46
CA LEU G 91 -0.30 19.45 29.38
C LEU G 91 -0.62 20.94 29.34
N ASP G 92 -1.89 21.30 29.61
CA ASP G 92 -2.32 22.70 29.77
C ASP G 92 -1.58 23.39 30.91
N LYS G 93 -1.53 22.74 32.08
CA LYS G 93 -0.94 23.38 33.25
C LYS G 93 0.58 23.43 33.17
N TYR G 94 1.20 22.55 32.38
CA TYR G 94 2.64 22.68 32.19
C TYR G 94 2.97 23.71 31.13
N PHE G 95 2.48 23.52 29.90
CA PHE G 95 2.89 24.38 28.80
C PHE G 95 2.19 25.73 28.86
N GLY G 96 0.87 25.73 28.99
CA GLY G 96 0.10 26.95 29.01
C GLY G 96 -0.53 27.20 27.67
N ASN G 97 -1.82 26.84 27.54
CA ASN G 97 -2.61 26.86 26.30
C ASN G 97 -1.91 26.05 25.20
N VAL G 98 -1.83 24.74 25.45
CA VAL G 98 -1.01 23.86 24.64
C VAL G 98 -1.66 23.63 23.27
N CYS G 99 -0.82 23.63 22.23
CA CYS G 99 -1.20 23.30 20.87
C CYS G 99 -0.47 22.02 20.47
N GLU G 100 -0.59 21.68 19.19
CA GLU G 100 0.13 20.52 18.67
C GLU G 100 1.63 20.79 18.60
N LEU G 101 2.03 22.05 18.36
CA LEU G 101 3.44 22.43 18.21
C LEU G 101 4.26 22.22 19.47
N ASP G 102 3.65 22.40 20.65
CA ASP G 102 4.34 22.11 21.89
C ASP G 102 4.59 20.61 22.06
N ILE G 103 3.64 19.78 21.60
CA ILE G 103 3.81 18.33 21.63
C ILE G 103 4.91 17.89 20.67
N ILE G 104 4.93 18.47 19.46
CA ILE G 104 5.90 18.14 18.43
C ILE G 104 7.32 18.55 18.86
N PHE G 105 7.45 19.75 19.41
CA PHE G 105 8.78 20.23 19.76
C PHE G 105 9.22 19.88 21.17
N ASN G 106 8.31 19.39 22.03
CA ASN G 106 8.62 18.94 23.39
C ASN G 106 7.94 17.62 23.66
N PHE G 107 8.12 16.67 22.71
CA PHE G 107 7.72 15.27 22.92
C PHE G 107 8.35 14.65 24.17
N GLU G 108 9.58 15.04 24.54
CA GLU G 108 10.19 14.47 25.74
C GLU G 108 9.57 15.08 27.00
N LYS G 109 9.11 16.33 26.92
CA LYS G 109 8.42 16.94 28.06
C LYS G 109 7.02 16.38 28.23
N ALA G 110 6.34 16.10 27.10
CA ALA G 110 5.04 15.43 27.15
C ALA G 110 5.18 13.98 27.64
N TYR G 111 6.31 13.35 27.31
CA TYR G 111 6.65 12.04 27.88
C TYR G 111 6.86 12.12 29.38
N PHE G 112 7.51 13.18 29.86
CA PHE G 112 7.69 13.38 31.31
C PHE G 112 6.36 13.65 32.01
N ILE G 113 5.43 14.33 31.33
CA ILE G 113 4.10 14.56 31.88
C ILE G 113 3.32 13.25 31.96
N LEU G 114 3.49 12.37 30.98
CA LEU G 114 2.85 11.05 31.04
C LEU G 114 3.48 10.17 32.12
N ASP G 115 4.80 10.26 32.32
CA ASP G 115 5.44 9.49 33.39
C ASP G 115 5.13 10.03 34.79
N GLU G 116 4.83 11.32 34.92
CA GLU G 116 4.42 11.80 36.23
C GLU G 116 2.96 11.53 36.53
N PHE G 117 2.19 11.07 35.55
CA PHE G 117 0.77 10.76 35.70
C PHE G 117 0.49 9.26 35.68
N ILE G 118 1.10 8.51 34.77
CA ILE G 118 0.84 7.09 34.61
C ILE G 118 2.17 6.35 34.59
N ILE G 119 2.36 5.42 35.52
CA ILE G 119 3.41 4.40 35.38
C ILE G 119 2.74 3.03 35.47
N GLY G 120 3.24 2.11 34.64
CA GLY G 120 2.73 0.75 34.60
C GLY G 120 1.34 0.58 34.02
N GLY G 121 0.81 1.59 33.35
CA GLY G 121 -0.56 1.56 32.88
C GLY G 121 -1.59 1.99 33.91
N GLU G 122 -1.18 2.35 35.11
CA GLU G 122 -2.08 2.77 36.18
C GLU G 122 -1.75 4.19 36.60
N ILE G 123 -2.73 4.85 37.21
CA ILE G 123 -2.58 6.21 37.67
C ILE G 123 -1.76 6.23 38.95
N GLN G 124 -0.72 7.05 38.99
CA GLN G 124 0.01 7.26 40.23
C GLN G 124 -0.41 8.52 40.96
N GLU G 125 -0.51 9.65 40.26
CA GLU G 125 -0.96 10.89 40.86
C GLU G 125 -2.35 11.19 40.34
N THR G 126 -3.33 11.19 41.23
CA THR G 126 -4.70 11.48 40.85
C THR G 126 -4.89 12.98 40.62
N SER G 127 -4.31 13.81 41.48
CA SER G 127 -4.55 15.25 41.45
C SER G 127 -3.77 15.91 40.31
N LYS G 128 -4.06 17.20 40.12
CA LYS G 128 -3.51 17.99 39.03
C LYS G 128 -2.34 18.85 39.47
N LYS G 129 -2.37 19.37 40.70
CA LYS G 129 -1.33 20.28 41.16
C LYS G 129 -0.04 19.54 41.52
N ILE G 130 -0.15 18.31 42.05
CA ILE G 130 1.00 17.58 42.56
C ILE G 130 1.92 17.12 41.42
N ALA G 131 1.33 16.65 40.31
CA ALA G 131 2.12 16.16 39.19
C ALA G 131 2.84 17.28 38.46
N VAL G 132 2.14 18.39 38.21
CA VAL G 132 2.72 19.58 37.57
C VAL G 132 3.76 20.22 38.48
N LYS G 133 3.52 20.19 39.80
CA LYS G 133 4.46 20.72 40.78
C LYS G 133 5.73 19.88 40.83
N ALA G 134 5.60 18.54 40.72
CA ALA G 134 6.76 17.65 40.70
C ALA G 134 7.59 17.83 39.43
N ILE G 135 6.92 18.07 38.30
CA ILE G 135 7.64 18.38 37.07
C ILE G 135 8.33 19.73 37.13
N GLU G 136 7.71 20.72 37.80
CA GLU G 136 8.34 22.03 37.95
C GLU G 136 9.59 21.97 38.85
N ASP G 137 9.53 21.22 39.96
CA ASP G 137 10.74 21.06 40.78
C ASP G 137 11.79 20.18 40.13
N SER G 138 11.39 19.21 39.30
CA SER G 138 12.42 18.46 38.56
C SER G 138 13.00 19.29 37.42
N ASP G 139 12.25 20.28 36.92
CA ASP G 139 12.76 21.16 35.88
C ASP G 139 13.75 22.17 36.45
N MET G 140 13.48 22.71 37.65
CA MET G 140 14.48 23.58 38.27
C MET G 140 15.54 22.81 39.04
N LEU G 141 15.39 21.49 39.15
CA LEU G 141 16.39 20.67 39.83
C LEU G 141 17.68 20.57 39.03
N GLN G 142 17.55 20.25 37.74
CA GLN G 142 18.64 20.13 36.75
C GLN G 142 19.79 19.20 37.13
#